data_8K3R
#
_entry.id   8K3R
#
_cell.length_a   1.00
_cell.length_b   1.00
_cell.length_c   1.00
_cell.angle_alpha   90.00
_cell.angle_beta   90.00
_cell.angle_gamma   90.00
#
_symmetry.space_group_name_H-M   'P 1'
#
loop_
_entity.id
_entity.type
_entity.pdbx_description
1 polymer 'Chitin synthase 1'
2 non-polymer '(2S)-3-(hexadecanoyloxy)-2-[(9Z)-octadec-9-enoyloxy]propyl 2-(trimethylammonio)ethyl phosphate'
#
_entity_poly.entity_id   1
_entity_poly.type   'polypeptide(L)'
_entity_poly.pdbx_seq_one_letter_code
;MSDQNNRSRNEYHSNRKNEPSYELQNAHSGLFHSSNEELTNRNQRYTNQNASMGSFTPVQSLQFPEQSQQTNMLYNGDDG
NNNTINDNERDIYGGFVNHHRQRPPPATAEYNDVFNTNSQQLPSEHQYNNVPSYPLPSINVIQTTPELIHNGSQTMATPI
ERPFFNENDYYYNNRNSRTSPSIASSSDGYADQEARPILEQPNNNMNSGNIPQYHDQPFGYNNGYHGLQAKDYYDDPEGG
YIDQRGDDYQINSYLGRNGEMVDPYDYENSLRHMTPMERREYLHDDSRPVNDGKEELDSVKSGYSHRDLGEYDKDDFSRD
DEYDDLNTIDKLQFQANGVPASSSVSSIGSKESDIIVSNDNLTANRALKRSGTEIRKFKLWNGNFVFDSPISKTLLDQYA
TTTENANTLPNEFKFMRYQAVTCEPNQLAEKNFTVRQLKYLTPRETELMLVVTMYNEDHILLGRTLKGIMDNVKYMVKKK
NSSTWGPDAWKKIVVCIISDGRSKINERSLALLSSLGCYQDGFAKDEINEKKVAMHVYEHTTMINITNISESEVSLECNQ
GTVPIQLLFCLKEQNQKKINSHRWAFEGFAELLRPNIVTLLDAGTMPGKDSIYQLWREFRNPNVGGACGEIRTDLGKRFV
KLLNPLVASQNFEYKMSNILDKTTESNFGFITVLPGAFSAYRFEAVRGQPLQKYFYGEIMENEGFHFFSSNMYLAEDRIL
CFEVVTKKNCNWILKYCRSSYASTDVPERVPEFILQRRRWLNGSFFASVYSFCHFYRVWSSGHNIGRKLLLTVEFFYLFF
NTLISWFSLSSFFLVFRILTVSIALAYHSAFNVLSVIFLWLYGICTLSTFILSLGNKPKSTEKFYVLTCVIFAVMMIYMI
FCSIFMSVKSFQNILKNDTISFEGLITTEAFRDIVISLGSTYCLYLISSIIYLQPWHMLTSFIQYILLSPSYINVLNIYA
FCNVHDLSWGTKGAMANPLGKINTTEDGTFKMEVLVSSSEIQANYDKYLKVLNDFDPKSESRPTEPSYDEKKTGYYANVR
SLVIIFWVITNFIIVAVVLETGGIADYIAMKSISTDDTLETAKKAEIPLMTSKASIYFNVILWLVALSALIRFIGCSIYM
IVRFFKKVTFR
;
_entity_poly.pdbx_strand_id   A,B
#
# COMPACT_ATOMS: atom_id res chain seq x y z
CA ILE A 375 -14.61 48.10 -15.32
C ILE A 375 -13.69 49.11 -16.00
N ARG A 376 -12.39 48.95 -15.77
CA ARG A 376 -11.39 49.90 -16.22
C ARG A 376 -10.52 49.27 -17.30
N LYS A 377 -9.76 50.11 -18.00
CA LYS A 377 -8.90 49.66 -19.08
C LYS A 377 -7.47 49.48 -18.59
N PHE A 378 -6.93 48.29 -18.80
CA PHE A 378 -5.62 47.92 -18.33
C PHE A 378 -4.66 47.79 -19.50
N LYS A 379 -3.44 47.35 -19.20
CA LYS A 379 -2.45 47.07 -20.23
C LYS A 379 -1.36 46.19 -19.65
N LEU A 380 -1.10 45.04 -20.26
CA LEU A 380 0.00 44.18 -19.85
C LEU A 380 1.31 44.96 -19.95
N TRP A 381 2.07 44.96 -18.87
CA TRP A 381 3.37 45.61 -18.84
C TRP A 381 4.41 44.62 -19.32
N ASN A 382 4.92 44.82 -20.54
CA ASN A 382 5.89 43.94 -21.17
C ASN A 382 5.35 42.54 -21.41
N GLY A 383 4.03 42.37 -21.45
CA GLY A 383 3.41 41.11 -21.80
C GLY A 383 2.94 40.28 -20.63
N ASN A 384 3.13 40.76 -19.40
CA ASN A 384 2.76 40.01 -18.21
C ASN A 384 2.09 40.93 -17.21
N PHE A 385 1.24 40.33 -16.37
CA PHE A 385 0.29 41.07 -15.55
C PHE A 385 0.95 41.55 -14.28
N VAL A 386 1.05 42.87 -14.12
CA VAL A 386 1.55 43.50 -12.91
C VAL A 386 0.54 44.53 -12.46
N PHE A 387 0.03 44.40 -11.25
CA PHE A 387 -0.97 45.35 -10.76
C PHE A 387 -0.54 45.90 -9.41
N ASP A 388 -0.96 47.13 -9.14
CA ASP A 388 -0.57 47.86 -7.94
C ASP A 388 -1.82 48.33 -7.22
N SER A 389 -2.10 47.71 -6.07
CA SER A 389 -3.28 48.13 -5.36
C SER A 389 -2.91 48.97 -4.15
N PRO A 390 -3.75 49.93 -3.79
CA PRO A 390 -3.55 50.64 -2.52
C PRO A 390 -3.97 49.81 -1.34
N ILE A 391 -3.51 50.21 -0.16
CA ILE A 391 -3.86 49.53 1.08
C ILE A 391 -4.94 50.32 1.81
N SER A 392 -5.60 49.67 2.76
CA SER A 392 -6.70 50.25 3.51
C SER A 392 -6.21 51.34 4.45
N LYS A 393 -7.04 52.37 4.63
CA LYS A 393 -6.63 53.52 5.43
C LYS A 393 -6.38 53.17 6.88
N THR A 394 -6.86 52.02 7.34
CA THR A 394 -6.58 51.58 8.70
C THR A 394 -5.08 51.45 8.92
N LEU A 395 -4.36 50.89 7.95
CA LEU A 395 -2.90 50.84 8.03
C LEU A 395 -2.30 52.24 7.98
N LEU A 396 -2.84 53.11 7.12
CA LEU A 396 -2.29 54.45 7.01
C LEU A 396 -2.38 55.20 8.33
N ASP A 397 -3.41 54.93 9.13
CA ASP A 397 -3.54 55.60 10.41
C ASP A 397 -2.36 55.31 11.33
N GLN A 398 -1.91 54.05 11.37
CA GLN A 398 -0.70 53.78 12.14
C GLN A 398 0.54 54.32 11.42
N TYR A 399 0.59 54.21 10.10
CA TYR A 399 1.80 54.56 9.37
C TYR A 399 2.15 56.03 9.57
N ALA A 400 1.14 56.91 9.51
CA ALA A 400 1.42 58.33 9.67
C ALA A 400 2.02 58.64 11.04
N THR A 401 1.53 57.98 12.08
CA THR A 401 2.06 58.17 13.42
C THR A 401 3.49 57.65 13.54
N LEU A 409 4.45 60.53 2.73
CA LEU A 409 4.74 59.11 2.89
C LEU A 409 5.04 58.48 1.54
N PRO A 410 6.16 57.79 1.44
CA PRO A 410 6.63 57.31 0.14
C PRO A 410 5.76 56.19 -0.44
N ASN A 411 6.21 55.68 -1.57
CA ASN A 411 5.35 54.90 -2.45
C ASN A 411 5.27 53.43 -2.03
N GLU A 412 6.35 52.89 -1.48
CA GLU A 412 6.39 51.45 -1.19
C GLU A 412 5.48 51.06 -0.04
N PHE A 413 5.25 51.96 0.90
CA PHE A 413 4.39 51.66 2.03
C PHE A 413 2.91 51.64 1.69
N LYS A 414 2.50 52.43 0.69
CA LYS A 414 1.07 52.60 0.46
C LYS A 414 0.52 51.68 -0.63
N PHE A 415 1.39 51.00 -1.38
CA PHE A 415 0.95 50.09 -2.43
C PHE A 415 1.40 48.67 -2.15
N MET A 416 0.67 47.71 -2.71
CA MET A 416 1.03 46.31 -2.72
C MET A 416 1.02 45.84 -4.17
N ARG A 417 2.10 45.17 -4.60
CA ARG A 417 2.21 44.78 -6.02
C ARG A 417 1.98 43.30 -6.25
N TYR A 418 0.94 42.96 -7.00
CA TYR A 418 0.69 41.60 -7.42
C TYR A 418 1.33 41.38 -8.78
N GLN A 419 2.04 40.26 -8.91
CA GLN A 419 2.55 39.80 -10.19
C GLN A 419 2.13 38.36 -10.39
N ALA A 420 1.70 38.04 -11.61
CA ALA A 420 1.36 36.68 -11.99
C ALA A 420 2.53 36.10 -12.76
N VAL A 421 3.22 35.14 -12.15
CA VAL A 421 4.41 34.53 -12.74
C VAL A 421 3.98 33.26 -13.45
N THR A 422 4.13 33.25 -14.76
CA THR A 422 3.67 32.16 -15.61
C THR A 422 4.81 31.28 -16.13
N CYS A 423 6.05 31.60 -15.79
CA CYS A 423 7.22 30.94 -16.34
C CYS A 423 7.81 29.96 -15.33
N GLU A 424 8.94 29.38 -15.71
CA GLU A 424 9.70 28.51 -14.84
C GLU A 424 10.57 29.33 -13.90
N PRO A 425 10.98 28.75 -12.76
CA PRO A 425 11.83 29.50 -11.83
C PRO A 425 13.10 30.04 -12.46
N ASN A 426 13.69 29.32 -13.38
CA ASN A 426 14.96 29.69 -14.00
C ASN A 426 14.81 30.64 -15.17
N GLN A 427 13.63 31.28 -15.32
CA GLN A 427 13.39 32.12 -16.53
C GLN A 427 12.76 33.46 -16.18
N LEU A 428 12.64 33.82 -14.91
CA LEU A 428 11.89 35.05 -14.52
C LEU A 428 12.47 36.29 -15.21
N ALA A 429 13.78 36.46 -15.26
CA ALA A 429 14.33 37.70 -15.83
C ALA A 429 14.10 37.74 -17.35
N GLU A 430 14.40 36.65 -18.05
CA GLU A 430 14.18 36.57 -19.52
C GLU A 430 12.75 36.96 -19.87
N LYS A 431 11.77 36.38 -19.16
CA LYS A 431 10.33 36.68 -19.40
C LYS A 431 10.03 38.11 -18.97
N ASN A 432 10.99 38.81 -18.39
CA ASN A 432 10.82 40.26 -18.08
C ASN A 432 9.99 40.48 -16.79
N PHE A 433 10.06 39.55 -15.82
CA PHE A 433 9.43 39.76 -14.49
C PHE A 433 10.48 40.40 -13.59
N THR A 434 10.06 41.23 -12.63
CA THR A 434 11.02 41.95 -11.75
C THR A 434 10.58 41.93 -10.31
N VAL A 435 11.27 42.65 -9.44
CA VAL A 435 10.88 42.78 -8.00
C VAL A 435 10.99 44.26 -7.66
N ARG A 436 10.35 44.73 -6.59
CA ARG A 436 10.39 46.15 -6.29
C ARG A 436 11.81 46.63 -6.04
N GLN A 437 12.71 45.76 -5.59
CA GLN A 437 14.04 46.19 -5.15
C GLN A 437 14.86 46.77 -6.29
N LEU A 438 14.61 46.35 -7.52
CA LEU A 438 15.40 46.78 -8.66
C LEU A 438 14.88 48.07 -9.29
N LYS A 439 13.71 48.55 -8.90
CA LYS A 439 12.98 49.53 -9.65
C LYS A 439 12.97 50.92 -9.00
N TYR A 440 13.76 51.13 -7.97
CA TYR A 440 13.93 52.44 -7.36
C TYR A 440 14.82 53.31 -8.25
N LEU A 441 14.95 54.58 -7.90
CA LEU A 441 15.88 55.43 -8.64
C LEU A 441 17.31 54.93 -8.50
N THR A 442 17.71 54.58 -7.28
CA THR A 442 18.94 53.84 -7.05
C THR A 442 18.57 52.41 -6.69
N PRO A 443 18.92 51.43 -7.50
CA PRO A 443 18.52 50.04 -7.20
C PRO A 443 19.00 49.62 -5.83
N ARG A 444 18.16 48.86 -5.14
CA ARG A 444 18.42 48.50 -3.75
C ARG A 444 19.16 47.18 -3.68
N GLU A 445 20.30 47.17 -3.01
CA GLU A 445 21.16 46.00 -2.95
C GLU A 445 20.95 45.24 -1.66
N THR A 446 20.64 43.95 -1.79
CA THR A 446 20.29 43.12 -0.65
C THR A 446 21.50 42.35 -0.13
N GLU A 447 21.68 42.39 1.18
CA GLU A 447 22.74 41.68 1.87
C GLU A 447 22.32 40.29 2.34
N LEU A 448 21.03 40.06 2.51
CA LEU A 448 20.59 38.88 3.24
C LEU A 448 19.16 38.57 2.82
N MET A 449 18.96 37.41 2.23
CA MET A 449 17.63 36.99 1.82
C MET A 449 17.18 35.84 2.70
N LEU A 450 16.06 36.03 3.38
CA LEU A 450 15.54 35.07 4.35
C LEU A 450 14.36 34.37 3.73
N VAL A 451 14.50 33.06 3.50
CA VAL A 451 13.46 32.26 2.88
C VAL A 451 12.70 31.52 3.97
N VAL A 452 11.37 31.64 3.94
CA VAL A 452 10.48 30.94 4.85
C VAL A 452 9.57 30.08 3.99
N THR A 453 9.52 28.79 4.27
CA THR A 453 8.68 27.87 3.52
C THR A 453 7.54 27.37 4.38
N MET A 454 6.31 27.54 3.88
CA MET A 454 5.13 26.95 4.47
C MET A 454 4.59 25.87 3.56
N TYR A 455 3.89 24.91 4.16
CA TYR A 455 2.98 24.05 3.40
C TYR A 455 1.54 24.25 3.83
N ASN A 456 1.22 23.99 5.11
CA ASN A 456 -0.11 24.21 5.64
C ASN A 456 -0.05 24.66 7.10
N GLU A 457 1.06 25.27 7.49
CA GLU A 457 1.26 25.64 8.90
C GLU A 457 0.27 26.72 9.30
N ASP A 458 -0.22 26.62 10.54
CA ASP A 458 -1.18 27.57 11.04
C ASP A 458 -0.53 28.91 11.33
N HIS A 459 -1.32 29.86 11.79
CA HIS A 459 -0.82 31.22 11.95
C HIS A 459 0.08 31.38 13.18
N ILE A 460 0.04 30.45 14.13
CA ILE A 460 0.91 30.55 15.28
C ILE A 460 2.35 30.24 14.89
N LEU A 461 2.55 29.21 14.08
CA LEU A 461 3.90 28.85 13.65
C LEU A 461 4.51 29.93 12.77
N LEU A 462 3.77 30.38 11.76
CA LEU A 462 4.25 31.45 10.92
C LEU A 462 4.46 32.72 11.71
N GLY A 463 3.58 33.00 12.66
CA GLY A 463 3.76 34.16 13.50
C GLY A 463 5.04 34.10 14.30
N ARG A 464 5.36 32.93 14.86
CA ARG A 464 6.60 32.77 15.61
C ARG A 464 7.81 33.04 14.74
N THR A 465 7.83 32.44 13.55
CA THR A 465 8.96 32.64 12.65
C THR A 465 9.12 34.12 12.29
N LEU A 466 8.02 34.76 11.91
CA LEU A 466 8.09 36.16 11.48
C LEU A 466 8.47 37.07 12.64
N LYS A 467 8.02 36.75 13.85
CA LYS A 467 8.38 37.57 14.99
C LYS A 467 9.86 37.47 15.31
N GLY A 468 10.41 36.25 15.24
CA GLY A 468 11.85 36.10 15.42
C GLY A 468 12.64 36.88 14.38
N ILE A 469 12.20 36.81 13.12
CA ILE A 469 12.87 37.54 12.05
C ILE A 469 12.80 39.05 12.30
N MET A 470 11.62 39.54 12.68
CA MET A 470 11.45 40.97 12.90
C MET A 470 12.30 41.46 14.05
N ASP A 471 12.38 40.68 15.13
CA ASP A 471 13.21 41.07 16.27
C ASP A 471 14.68 41.10 15.88
N ASN A 472 15.12 40.12 15.09
CA ASN A 472 16.51 40.13 14.63
C ASN A 472 16.81 41.35 13.75
N VAL A 473 15.90 41.68 12.84
CA VAL A 473 16.12 42.85 11.99
C VAL A 473 16.15 44.12 12.81
N LYS A 474 15.31 44.21 13.84
CA LYS A 474 15.35 45.37 14.72
C LYS A 474 16.68 45.47 15.44
N TYR A 475 17.21 44.33 15.89
CA TYR A 475 18.53 44.33 16.52
C TYR A 475 19.60 44.82 15.56
N MET A 476 19.58 44.35 14.32
CA MET A 476 20.56 44.81 13.35
C MET A 476 20.42 46.28 13.02
N VAL A 477 19.20 46.80 12.91
CA VAL A 477 18.99 48.20 12.61
C VAL A 477 19.46 49.09 13.76
N LYS A 478 19.32 48.63 15.00
CA LYS A 478 19.79 49.46 16.11
C LYS A 478 21.28 49.30 16.38
N LYS A 479 21.98 48.46 15.62
CA LYS A 479 23.43 48.32 15.77
C LYS A 479 24.13 49.64 15.50
N LYS A 480 25.15 49.94 16.31
CA LYS A 480 25.80 51.25 16.26
C LYS A 480 27.11 51.22 15.49
N ASN A 481 28.09 50.43 15.92
CA ASN A 481 29.40 50.43 15.30
C ASN A 481 29.51 49.25 14.34
N SER A 482 28.98 49.44 13.15
CA SER A 482 29.05 48.42 12.11
C SER A 482 29.10 49.11 10.75
N SER A 483 29.94 48.60 9.87
CA SER A 483 30.01 49.10 8.52
C SER A 483 28.84 48.65 7.66
N THR A 484 28.24 47.50 7.97
CA THR A 484 27.18 46.93 7.16
C THR A 484 25.79 47.32 7.65
N TRP A 485 25.57 47.32 8.96
CA TRP A 485 24.25 47.55 9.53
C TRP A 485 24.20 48.91 10.21
N GLY A 486 23.03 49.52 10.15
CA GLY A 486 22.82 50.86 10.66
C GLY A 486 21.36 51.22 10.64
N PRO A 487 21.05 52.51 10.76
CA PRO A 487 19.64 52.92 10.83
C PRO A 487 18.80 52.48 9.65
N ASP A 488 19.37 52.40 8.44
CA ASP A 488 18.65 51.96 7.25
C ASP A 488 19.08 50.56 6.83
N ALA A 489 19.36 49.69 7.80
CA ALA A 489 19.79 48.34 7.47
C ALA A 489 18.64 47.49 6.97
N TRP A 490 17.40 47.84 7.30
CA TRP A 490 16.26 47.06 6.86
C TRP A 490 16.15 47.02 5.34
N LYS A 491 16.79 47.96 4.65
CA LYS A 491 16.79 48.00 3.21
C LYS A 491 17.63 46.90 2.59
N LYS A 492 18.50 46.27 3.38
CA LYS A 492 19.39 45.22 2.89
C LYS A 492 18.87 43.82 3.18
N ILE A 493 17.65 43.69 3.66
CA ILE A 493 17.09 42.41 4.05
C ILE A 493 15.75 42.25 3.35
N VAL A 494 15.51 41.09 2.75
CA VAL A 494 14.25 40.76 2.10
C VAL A 494 13.75 39.47 2.70
N VAL A 495 12.49 39.44 3.11
CA VAL A 495 11.91 38.26 3.73
C VAL A 495 10.97 37.63 2.72
N CYS A 496 11.34 36.46 2.20
CA CYS A 496 10.62 35.80 1.13
C CYS A 496 9.87 34.58 1.68
N ILE A 497 8.55 34.66 1.70
CA ILE A 497 7.70 33.64 2.30
C ILE A 497 7.09 32.85 1.14
N ILE A 498 7.57 31.63 0.93
CA ILE A 498 7.14 30.81 -0.20
C ILE A 498 6.15 29.78 0.32
N SER A 499 4.86 30.01 0.08
CA SER A 499 3.81 29.09 0.45
C SER A 499 3.47 28.19 -0.72
N ASP A 500 3.09 26.96 -0.40
CA ASP A 500 3.08 25.85 -1.35
C ASP A 500 1.63 25.44 -1.64
N GLY A 501 1.02 26.09 -2.61
CA GLY A 501 -0.33 25.76 -3.03
C GLY A 501 -1.38 26.65 -2.43
N ARG A 502 -2.32 27.14 -3.24
CA ARG A 502 -3.43 27.91 -2.71
C ARG A 502 -4.39 27.00 -1.95
N SER A 503 -4.64 25.80 -2.46
CA SER A 503 -5.57 24.89 -1.80
C SER A 503 -5.01 24.40 -0.47
N LYS A 504 -3.69 24.29 -0.36
CA LYS A 504 -3.08 23.75 0.86
C LYS A 504 -2.76 24.82 1.89
N ILE A 505 -2.79 26.10 1.55
CA ILE A 505 -2.54 27.15 2.59
C ILE A 505 -3.70 27.25 3.59
N ASN A 506 -3.40 27.50 4.87
CA ASN A 506 -4.48 27.74 5.85
C ASN A 506 -4.94 29.18 5.72
N GLU A 507 -6.20 29.47 6.09
CA GLU A 507 -6.76 30.82 5.93
C GLU A 507 -6.37 31.71 7.11
N ARG A 508 -5.93 31.09 8.20
CA ARG A 508 -5.47 31.87 9.38
C ARG A 508 -4.06 32.39 9.08
N SER A 509 -3.35 31.77 8.13
CA SER A 509 -2.01 32.25 7.71
C SER A 509 -2.19 33.39 6.70
N LEU A 510 -3.07 33.23 5.71
CA LEU A 510 -3.38 34.29 4.72
C LEU A 510 -4.08 35.46 5.41
N ALA A 511 -4.69 35.23 6.55
CA ALA A 511 -5.29 36.34 7.32
C ALA A 511 -4.20 37.06 8.09
N LEU A 512 -3.20 36.32 8.58
CA LEU A 512 -2.08 37.03 9.19
C LEU A 512 -1.27 37.78 8.15
N LEU A 513 -1.00 37.15 7.01
CA LEU A 513 -0.25 37.81 5.95
C LEU A 513 -0.98 39.04 5.44
N SER A 514 -2.30 38.95 5.31
CA SER A 514 -3.07 40.12 4.91
C SER A 514 -3.01 41.23 5.96
N SER A 515 -3.06 40.85 7.24
CA SER A 515 -3.05 41.87 8.28
C SER A 515 -1.75 42.65 8.30
N LEU A 516 -0.66 42.03 7.84
CA LEU A 516 0.61 42.73 7.69
C LEU A 516 0.61 43.67 6.49
N GLY A 517 -0.29 43.47 5.54
CA GLY A 517 -0.39 44.31 4.36
C GLY A 517 0.10 43.68 3.08
N CYS A 518 0.47 42.41 3.11
CA CYS A 518 1.13 41.76 1.98
C CYS A 518 0.21 40.82 1.22
N TYR A 519 -1.09 41.00 1.31
CA TYR A 519 -2.01 40.15 0.57
C TYR A 519 -3.36 40.85 0.48
N GLN A 520 -3.95 40.82 -0.71
CA GLN A 520 -5.33 41.21 -0.95
C GLN A 520 -5.88 40.25 -1.98
N ASP A 521 -7.06 39.72 -1.75
CA ASP A 521 -7.61 38.76 -2.70
C ASP A 521 -8.37 39.47 -3.82
N GLY A 522 -8.72 38.69 -4.83
CA GLY A 522 -9.54 39.19 -5.91
C GLY A 522 -8.85 39.22 -7.26
N PHE A 523 -7.58 39.60 -7.27
CA PHE A 523 -6.83 39.74 -8.52
C PHE A 523 -5.75 38.67 -8.69
N ALA A 524 -6.02 37.46 -8.25
CA ALA A 524 -5.24 36.31 -8.68
C ALA A 524 -5.90 35.67 -9.89
N LYS A 525 -5.09 35.26 -10.86
CA LYS A 525 -5.59 34.75 -12.12
C LYS A 525 -5.02 33.36 -12.41
N ASP A 526 -5.86 32.48 -12.94
CA ASP A 526 -5.43 31.12 -13.26
C ASP A 526 -4.64 31.08 -14.55
N GLU A 527 -4.92 31.99 -15.47
CA GLU A 527 -4.32 31.93 -16.79
C GLU A 527 -4.29 33.32 -17.41
N ILE A 528 -3.24 33.59 -18.18
CA ILE A 528 -3.06 34.87 -18.83
C ILE A 528 -2.53 34.62 -20.23
N ASN A 529 -3.33 34.95 -21.25
CA ASN A 529 -3.01 34.66 -22.65
C ASN A 529 -2.64 33.19 -22.82
N GLU A 530 -3.60 32.33 -22.46
CA GLU A 530 -3.50 30.87 -22.55
C GLU A 530 -2.23 30.31 -21.90
N LYS A 531 -1.63 31.08 -20.98
CA LYS A 531 -0.48 30.62 -20.22
C LYS A 531 -0.91 30.36 -18.79
N LYS A 532 -0.71 29.14 -18.32
CA LYS A 532 -1.04 28.78 -16.96
C LYS A 532 -0.18 29.58 -15.99
N VAL A 533 -0.83 30.35 -15.11
CA VAL A 533 -0.07 31.10 -14.12
C VAL A 533 0.44 30.16 -13.06
N ALA A 534 1.76 30.12 -12.88
CA ALA A 534 2.38 29.19 -11.97
C ALA A 534 2.48 29.72 -10.55
N MET A 535 2.41 31.03 -10.35
CA MET A 535 2.75 31.53 -9.02
C MET A 535 2.27 32.97 -8.89
N HIS A 536 1.91 33.35 -7.68
CA HIS A 536 1.39 34.70 -7.40
C HIS A 536 2.36 35.38 -6.45
N VAL A 537 2.81 36.58 -6.77
CA VAL A 537 3.83 37.27 -5.97
C VAL A 537 3.21 38.56 -5.46
N TYR A 538 3.20 38.71 -4.14
CA TYR A 538 2.69 39.88 -3.45
C TYR A 538 3.85 40.59 -2.77
N GLU A 539 4.01 41.87 -3.02
CA GLU A 539 5.15 42.61 -2.53
C GLU A 539 4.69 43.85 -1.78
N HIS A 540 5.24 44.03 -0.58
CA HIS A 540 4.93 45.17 0.27
C HIS A 540 6.07 45.35 1.27
N THR A 541 6.17 46.55 1.82
CA THR A 541 7.10 46.86 2.90
C THR A 541 6.27 47.38 4.07
N THR A 542 6.21 46.59 5.13
CA THR A 542 5.32 46.87 6.24
C THR A 542 6.06 47.55 7.38
N MET A 543 5.36 48.45 8.07
CA MET A 543 5.87 49.04 9.29
C MET A 543 5.35 48.40 10.56
N ILE A 544 4.37 47.50 10.46
CA ILE A 544 3.84 46.89 11.68
C ILE A 544 4.67 45.68 12.05
N ASN A 545 4.84 45.47 13.35
CA ASN A 545 5.63 44.38 13.89
C ASN A 545 4.80 43.51 14.80
N ILE A 546 5.23 42.26 14.94
CA ILE A 546 4.64 41.31 15.87
C ILE A 546 5.36 41.44 17.21
N THR A 547 4.59 41.65 18.28
CA THR A 547 5.17 41.85 19.59
C THR A 547 4.81 40.79 20.62
N ASN A 548 3.75 40.03 20.40
CA ASN A 548 3.41 38.95 21.32
C ASN A 548 2.61 37.90 20.59
N ILE A 549 2.90 36.64 20.88
CA ILE A 549 2.20 35.50 20.28
C ILE A 549 1.79 34.60 21.43
N SER A 550 0.55 34.74 21.89
CA SER A 550 0.05 33.85 22.92
C SER A 550 -0.37 32.53 22.29
N GLU A 551 -0.99 31.67 23.11
CA GLU A 551 -1.54 30.44 22.58
C GLU A 551 -2.64 30.70 21.56
N SER A 552 -3.28 31.87 21.59
CA SER A 552 -4.44 32.10 20.72
C SER A 552 -4.37 33.34 19.84
N GLU A 553 -3.75 34.42 20.30
CA GLU A 553 -3.73 35.69 19.59
C GLU A 553 -2.31 36.06 19.20
N VAL A 554 -2.19 36.81 18.12
CA VAL A 554 -0.93 37.41 17.72
C VAL A 554 -1.08 38.92 17.81
N SER A 555 -0.17 39.54 18.55
CA SER A 555 -0.21 40.96 18.82
C SER A 555 0.55 41.70 17.73
N LEU A 556 -0.16 42.50 16.95
CA LEU A 556 0.42 43.32 15.90
C LEU A 556 0.34 44.77 16.34
N GLU A 557 1.44 45.50 16.19
CA GLU A 557 1.40 46.91 16.54
C GLU A 557 2.41 47.70 15.72
N CYS A 558 2.14 48.99 15.58
CA CYS A 558 2.93 49.89 14.75
C CYS A 558 3.09 51.21 15.48
N ASN A 559 4.33 51.59 15.74
CA ASN A 559 4.63 52.88 16.34
C ASN A 559 6.02 53.31 15.87
N GLN A 560 6.59 54.30 16.53
CA GLN A 560 7.90 54.80 16.15
C GLN A 560 9.01 53.80 16.42
N GLY A 561 8.77 52.80 17.26
CA GLY A 561 9.80 51.84 17.60
C GLY A 561 9.88 50.68 16.63
N THR A 562 8.89 50.56 15.77
CA THR A 562 8.84 49.47 14.80
C THR A 562 9.84 49.69 13.67
N VAL A 563 10.19 48.60 13.00
CA VAL A 563 11.14 48.64 11.90
C VAL A 563 10.42 48.12 10.66
N PRO A 564 10.65 48.71 9.48
CA PRO A 564 10.02 48.19 8.27
C PRO A 564 10.64 46.88 7.82
N ILE A 565 9.80 46.05 7.22
CA ILE A 565 10.20 44.74 6.71
C ILE A 565 9.75 44.65 5.27
N GLN A 566 10.67 44.28 4.39
CA GLN A 566 10.33 44.09 2.97
C GLN A 566 9.89 42.66 2.80
N LEU A 567 8.58 42.44 2.86
CA LEU A 567 8.04 41.12 2.68
C LEU A 567 7.86 40.81 1.19
N LEU A 568 7.86 39.53 0.88
CA LEU A 568 7.66 39.10 -0.50
C LEU A 568 6.97 37.73 -0.40
N PHE A 569 5.65 37.75 -0.52
CA PHE A 569 4.82 36.56 -0.36
C PHE A 569 4.67 35.89 -1.71
N CYS A 570 5.24 34.71 -1.83
CA CYS A 570 5.06 33.86 -2.99
C CYS A 570 4.02 32.79 -2.67
N LEU A 571 3.09 32.59 -3.58
CA LEU A 571 2.02 31.61 -3.39
C LEU A 571 2.00 30.73 -4.65
N LYS A 572 2.48 29.50 -4.53
CA LYS A 572 2.45 28.61 -5.68
C LYS A 572 1.04 28.17 -5.99
N GLU A 573 0.78 27.87 -7.25
CA GLU A 573 -0.55 27.47 -7.65
C GLU A 573 -0.90 26.05 -7.24
N GLN A 574 0.03 25.10 -7.37
CA GLN A 574 -0.22 23.73 -7.00
C GLN A 574 0.94 23.23 -6.16
N ASN A 575 0.67 22.24 -5.31
CA ASN A 575 1.63 21.77 -4.32
C ASN A 575 2.64 20.83 -4.96
N GLN A 576 3.77 21.41 -5.38
CA GLN A 576 5.00 20.64 -5.51
C GLN A 576 5.72 20.70 -4.18
N LYS A 577 6.62 19.76 -3.96
CA LYS A 577 7.19 19.62 -2.62
C LYS A 577 8.25 20.69 -2.38
N LYS A 578 8.95 20.56 -1.26
CA LYS A 578 9.80 21.64 -0.74
C LYS A 578 10.99 21.92 -1.65
N ILE A 579 11.51 20.91 -2.34
CA ILE A 579 12.64 21.16 -3.23
C ILE A 579 12.25 22.13 -4.32
N ASN A 580 10.99 22.11 -4.74
CA ASN A 580 10.55 23.07 -5.74
C ASN A 580 10.44 24.48 -5.14
N SER A 581 10.09 24.58 -3.86
CA SER A 581 10.12 25.87 -3.19
C SER A 581 11.53 26.43 -3.15
N HIS A 582 12.51 25.60 -2.83
CA HIS A 582 13.90 26.03 -2.86
C HIS A 582 14.35 26.36 -4.27
N ARG A 583 13.79 25.66 -5.26
CA ARG A 583 14.07 25.97 -6.66
C ARG A 583 13.59 27.37 -7.01
N TRP A 584 12.39 27.74 -6.55
CA TRP A 584 11.91 29.10 -6.73
C TRP A 584 12.76 30.12 -5.99
N ALA A 585 13.22 29.79 -4.78
CA ALA A 585 13.99 30.74 -4.00
C ALA A 585 15.37 30.98 -4.60
N PHE A 586 16.08 29.91 -4.98
CA PHE A 586 17.47 30.01 -5.44
C PHE A 586 17.56 30.33 -6.93
N GLU A 587 16.92 29.53 -7.77
CA GLU A 587 16.96 29.78 -9.21
C GLU A 587 16.08 30.95 -9.63
N GLY A 588 15.18 31.38 -8.77
CA GLY A 588 14.23 32.42 -9.11
C GLY A 588 14.62 33.76 -8.56
N PHE A 589 14.06 34.12 -7.40
CA PHE A 589 14.21 35.47 -6.88
C PHE A 589 15.62 35.78 -6.46
N ALA A 590 16.41 34.78 -6.07
CA ALA A 590 17.80 35.06 -5.73
C ALA A 590 18.61 35.49 -6.93
N GLU A 591 18.23 35.06 -8.14
CA GLU A 591 18.93 35.51 -9.34
C GLU A 591 18.66 36.98 -9.61
N LEU A 592 17.46 37.46 -9.27
CA LEU A 592 17.13 38.88 -9.47
C LEU A 592 17.70 39.75 -8.35
N LEU A 593 17.47 39.36 -7.10
CA LEU A 593 17.91 40.17 -5.96
C LEU A 593 19.42 40.16 -5.80
N ARG A 594 20.08 39.06 -6.16
CA ARG A 594 21.52 38.87 -5.99
C ARG A 594 21.91 39.08 -4.54
N PRO A 595 21.43 38.24 -3.62
CA PRO A 595 21.82 38.42 -2.21
C PRO A 595 23.22 37.93 -1.98
N ASN A 596 23.81 38.41 -0.87
CA ASN A 596 25.09 37.87 -0.45
C ASN A 596 24.92 36.53 0.24
N ILE A 597 23.95 36.42 1.14
CA ILE A 597 23.69 35.20 1.88
C ILE A 597 22.23 34.84 1.68
N VAL A 598 21.93 33.56 1.56
CA VAL A 598 20.56 33.08 1.50
C VAL A 598 20.32 32.17 2.70
N THR A 599 19.34 32.54 3.52
CA THR A 599 19.04 31.86 4.77
C THR A 599 17.75 31.08 4.64
N LEU A 600 17.79 29.82 5.05
CA LEU A 600 16.65 28.93 4.97
C LEU A 600 16.08 28.67 6.36
N LEU A 601 14.78 28.91 6.49
CA LEU A 601 13.98 28.73 7.70
C LEU A 601 12.71 27.97 7.33
N ASP A 602 12.23 27.16 8.26
CA ASP A 602 10.91 26.56 8.14
C ASP A 602 9.92 27.33 9.01
N ALA A 603 8.66 27.28 8.62
CA ALA A 603 7.62 27.93 9.40
C ALA A 603 7.45 27.21 10.73
N GLY A 604 7.44 27.96 11.82
CA GLY A 604 7.43 27.40 13.15
C GLY A 604 8.75 27.40 13.85
N THR A 605 9.85 27.60 13.13
CA THR A 605 11.18 27.67 13.71
C THR A 605 11.47 29.12 14.08
N MET A 606 11.51 29.41 15.37
CA MET A 606 11.68 30.77 15.84
C MET A 606 13.14 31.05 16.11
N PRO A 607 13.81 31.88 15.33
CA PRO A 607 15.21 32.21 15.62
C PRO A 607 15.35 32.99 16.92
N GLY A 608 16.46 32.77 17.59
CA GLY A 608 16.77 33.51 18.80
C GLY A 608 16.98 34.98 18.50
N LYS A 609 17.11 35.76 19.58
CA LYS A 609 17.08 37.21 19.45
C LYS A 609 18.26 37.77 18.69
N ASP A 610 19.35 37.03 18.55
CA ASP A 610 20.52 37.48 17.79
C ASP A 610 20.98 36.44 16.79
N SER A 611 20.18 35.40 16.56
CA SER A 611 20.68 34.25 15.80
C SER A 611 21.05 34.62 14.38
N ILE A 612 20.25 35.45 13.72
CA ILE A 612 20.55 35.78 12.33
C ILE A 612 21.82 36.62 12.25
N TYR A 613 21.98 37.57 13.16
CA TYR A 613 23.21 38.36 13.17
C TYR A 613 24.42 37.50 13.49
N GLN A 614 24.29 36.59 14.45
CA GLN A 614 25.43 35.76 14.81
C GLN A 614 25.78 34.76 13.74
N LEU A 615 24.79 34.29 12.97
CA LEU A 615 25.11 33.44 11.83
C LEU A 615 25.73 34.24 10.70
N TRP A 616 25.21 35.44 10.44
CA TRP A 616 25.81 36.29 9.42
C TRP A 616 27.25 36.63 9.76
N ARG A 617 27.56 36.80 11.05
CA ARG A 617 28.92 37.07 11.47
C ARG A 617 29.87 35.93 11.14
N GLU A 618 29.34 34.72 10.90
CA GLU A 618 30.21 33.60 10.56
C GLU A 618 30.84 33.74 9.18
N PHE A 619 30.27 34.56 8.33
CA PHE A 619 30.68 34.65 6.93
C PHE A 619 31.74 35.70 6.69
N ARG A 620 32.28 36.31 7.75
CA ARG A 620 33.42 37.21 7.58
C ARG A 620 34.68 36.46 7.22
N ASN A 621 34.75 35.18 7.50
CA ASN A 621 35.80 34.35 6.92
C ASN A 621 35.43 34.09 5.48
N PRO A 622 36.22 34.54 4.50
CA PRO A 622 35.79 34.41 3.10
C PRO A 622 35.72 32.98 2.62
N ASN A 623 36.24 32.02 3.38
CA ASN A 623 36.24 30.63 2.96
C ASN A 623 34.98 29.90 3.39
N VAL A 624 34.15 30.53 4.22
CA VAL A 624 32.94 29.86 4.70
C VAL A 624 31.88 29.92 3.62
N GLY A 625 31.38 28.74 3.23
CA GLY A 625 30.37 28.67 2.19
C GLY A 625 28.99 28.43 2.73
N GLY A 626 28.91 27.87 3.94
CA GLY A 626 27.64 27.63 4.60
C GLY A 626 27.84 27.66 6.09
N ALA A 627 26.73 27.75 6.81
CA ALA A 627 26.77 27.78 8.26
C ALA A 627 25.40 27.40 8.81
N CYS A 628 25.42 26.87 10.03
CA CYS A 628 24.19 26.55 10.74
C CYS A 628 24.38 26.86 12.21
N GLY A 629 23.27 26.91 12.93
CA GLY A 629 23.29 27.15 14.36
C GLY A 629 22.66 26.00 15.14
N GLU A 630 22.50 26.23 16.44
CA GLU A 630 21.88 25.24 17.31
C GLU A 630 20.37 25.22 17.13
N ILE A 631 19.80 24.03 17.17
CA ILE A 631 18.35 23.85 17.21
C ILE A 631 17.97 23.33 18.60
N ARG A 632 16.99 23.98 19.22
CA ARG A 632 16.59 23.69 20.58
C ARG A 632 15.16 23.20 20.60
N THR A 633 14.87 22.29 21.51
CA THR A 633 13.49 21.92 21.80
C THR A 633 12.84 23.03 22.61
N ASP A 634 11.63 23.41 22.22
CA ASP A 634 10.86 24.42 22.94
C ASP A 634 10.10 23.70 24.04
N LEU A 635 10.52 23.90 25.29
CA LEU A 635 9.97 23.14 26.40
C LEU A 635 8.67 23.71 26.95
N GLY A 636 8.17 24.79 26.39
CA GLY A 636 6.92 25.34 26.84
C GLY A 636 7.09 26.34 27.97
N LYS A 637 5.96 26.65 28.60
CA LYS A 637 5.93 27.63 29.67
C LYS A 637 6.48 26.99 30.94
N ARG A 638 7.54 27.57 31.49
CA ARG A 638 8.18 27.08 32.71
C ARG A 638 8.55 25.60 32.57
N PHE A 639 8.93 25.19 31.36
CA PHE A 639 9.34 23.84 31.06
C PHE A 639 8.24 22.82 31.37
N VAL A 640 6.98 23.24 31.22
CA VAL A 640 5.86 22.35 31.54
C VAL A 640 5.88 21.11 30.66
N LYS A 641 6.29 21.23 29.40
CA LYS A 641 6.30 20.09 28.51
C LYS A 641 7.39 19.08 28.85
N LEU A 642 8.27 19.40 29.79
CA LEU A 642 9.30 18.47 30.18
C LEU A 642 8.74 17.26 30.92
N LEU A 643 7.45 17.29 31.28
CA LEU A 643 6.83 16.15 31.94
C LEU A 643 6.56 15.02 30.94
N ASN A 644 6.41 15.34 29.67
CA ASN A 644 6.19 14.34 28.64
C ASN A 644 7.48 13.57 28.38
N PRO A 645 7.50 12.26 28.55
CA PRO A 645 8.74 11.50 28.31
C PRO A 645 9.23 11.60 26.88
N LEU A 646 8.32 11.63 25.91
CA LEU A 646 8.68 11.77 24.51
C LEU A 646 9.34 13.11 24.21
N VAL A 647 9.03 14.15 24.97
CA VAL A 647 9.60 15.47 24.76
C VAL A 647 10.95 15.62 25.45
N ALA A 648 11.06 15.10 26.68
CA ALA A 648 12.36 15.14 27.36
C ALA A 648 13.38 14.28 26.64
N SER A 649 12.96 13.13 26.11
CA SER A 649 13.87 12.31 25.33
C SER A 649 14.40 13.08 24.13
N GLN A 650 13.52 13.77 23.42
CA GLN A 650 13.95 14.59 22.28
C GLN A 650 14.82 15.76 22.70
N ASN A 651 14.54 16.34 23.86
CA ASN A 651 15.39 17.42 24.36
C ASN A 651 16.82 16.95 24.58
N PHE A 652 16.97 15.80 25.25
CA PHE A 652 18.30 15.25 25.45
C PHE A 652 18.96 14.91 24.12
N GLU A 653 18.20 14.33 23.18
CA GLU A 653 18.76 13.94 21.90
C GLU A 653 19.26 15.15 21.13
N TYR A 654 18.50 16.25 21.13
CA TYR A 654 18.92 17.46 20.45
C TYR A 654 20.17 18.05 21.12
N LYS A 655 20.18 18.10 22.45
CA LYS A 655 21.32 18.70 23.14
C LYS A 655 22.60 17.94 22.86
N MET A 656 22.54 16.61 22.88
CA MET A 656 23.73 15.82 22.53
C MET A 656 24.08 15.86 21.06
N SER A 657 23.11 15.96 20.16
CA SER A 657 23.46 16.07 18.76
C SER A 657 24.17 17.38 18.48
N ASN A 658 23.78 18.45 19.17
CA ASN A 658 24.48 19.72 19.01
C ASN A 658 25.83 19.72 19.69
N ILE A 659 25.92 19.23 20.92
CA ILE A 659 27.15 19.32 21.70
C ILE A 659 28.24 18.43 21.12
N LEU A 660 27.91 17.20 20.77
CA LEU A 660 28.93 16.22 20.39
C LEU A 660 29.09 16.12 18.88
N ASP A 661 27.99 15.90 18.16
CA ASP A 661 28.10 15.63 16.73
C ASP A 661 28.51 16.86 15.94
N LYS A 662 27.84 17.99 16.18
CA LYS A 662 28.05 19.16 15.34
C LYS A 662 29.43 19.77 15.54
N THR A 663 29.91 19.83 16.78
CA THR A 663 31.24 20.36 17.03
C THR A 663 32.32 19.48 16.41
N THR A 664 32.18 18.17 16.57
CA THR A 664 33.15 17.25 15.97
C THR A 664 33.16 17.36 14.45
N GLU A 665 31.99 17.46 13.83
CA GLU A 665 31.95 17.65 12.39
C GLU A 665 32.55 18.98 11.98
N SER A 666 32.25 20.05 12.72
CA SER A 666 32.72 21.37 12.35
C SER A 666 34.23 21.49 12.45
N ASN A 667 34.85 20.71 13.33
CA ASN A 667 36.30 20.72 13.39
C ASN A 667 36.91 20.29 12.06
N PHE A 668 36.35 19.25 11.44
CA PHE A 668 36.88 18.76 10.17
C PHE A 668 36.58 19.71 9.02
N GLY A 669 35.35 20.19 8.93
CA GLY A 669 35.02 21.19 7.94
C GLY A 669 33.79 20.89 7.12
N PHE A 670 33.03 19.87 7.48
CA PHE A 670 31.83 19.48 6.75
C PHE A 670 30.74 19.13 7.75
N ILE A 671 29.62 19.84 7.67
CA ILE A 671 28.50 19.64 8.59
C ILE A 671 27.30 19.19 7.78
N THR A 672 26.39 18.49 8.45
CA THR A 672 25.28 17.76 7.84
C THR A 672 23.96 18.27 8.45
N VAL A 673 23.73 19.58 8.30
CA VAL A 673 22.80 20.39 9.09
C VAL A 673 21.53 19.65 9.48
N LEU A 674 21.14 19.79 10.75
CA LEU A 674 20.02 19.07 11.31
C LEU A 674 18.71 19.58 10.71
N PRO A 675 17.69 18.70 10.61
CA PRO A 675 16.48 19.07 9.84
C PRO A 675 15.76 20.30 10.34
N GLY A 676 15.67 20.51 11.66
CA GLY A 676 14.92 21.65 12.16
C GLY A 676 15.67 22.97 12.14
N ALA A 677 17.00 22.93 12.23
CA ALA A 677 17.79 24.15 12.36
C ALA A 677 17.72 24.98 11.09
N PHE A 678 17.93 26.29 11.24
CA PHE A 678 17.91 27.19 10.11
C PHE A 678 19.33 27.41 9.66
N SER A 679 19.54 27.41 8.35
CA SER A 679 20.88 27.39 7.80
C SER A 679 21.09 28.61 6.91
N ALA A 680 22.33 28.84 6.51
CA ALA A 680 22.63 29.95 5.64
C ALA A 680 23.73 29.55 4.68
N TYR A 681 23.57 29.91 3.41
CA TYR A 681 24.55 29.62 2.38
C TYR A 681 25.03 30.92 1.74
N ARG A 682 26.33 31.04 1.55
CA ARG A 682 26.84 32.14 0.75
C ARG A 682 26.42 31.90 -0.69
N PHE A 683 25.77 32.89 -1.31
CA PHE A 683 25.11 32.63 -2.58
C PHE A 683 26.10 32.25 -3.66
N GLU A 684 27.25 32.91 -3.70
CA GLU A 684 28.26 32.57 -4.69
C GLU A 684 28.80 31.15 -4.51
N ALA A 685 28.70 30.61 -3.30
CA ALA A 685 29.17 29.26 -3.05
C ALA A 685 28.29 28.22 -3.72
N VAL A 686 26.97 28.39 -3.66
CA VAL A 686 26.07 27.36 -4.15
C VAL A 686 25.74 27.50 -5.63
N ARG A 687 26.05 28.64 -6.24
CA ARG A 687 25.79 28.79 -7.66
C ARG A 687 26.61 27.81 -8.48
N GLY A 688 25.96 27.17 -9.44
CA GLY A 688 26.64 26.28 -10.33
C GLY A 688 26.35 24.82 -10.05
N GLN A 689 27.40 24.06 -9.78
CA GLN A 689 27.25 22.62 -9.60
C GLN A 689 26.38 22.24 -8.41
N PRO A 690 26.55 22.82 -7.21
CA PRO A 690 25.73 22.35 -6.08
C PRO A 690 24.23 22.49 -6.30
N LEU A 691 23.78 23.61 -6.85
CA LEU A 691 22.35 23.79 -7.09
C LEU A 691 21.85 22.87 -8.18
N GLN A 692 22.68 22.63 -9.21
CA GLN A 692 22.30 21.71 -10.28
C GLN A 692 22.11 20.30 -9.75
N LYS A 693 22.98 19.86 -8.84
CA LYS A 693 22.80 18.54 -8.24
C LYS A 693 21.60 18.52 -7.31
N TYR A 694 21.39 19.60 -6.57
CA TYR A 694 20.29 19.64 -5.60
C TYR A 694 18.93 19.61 -6.29
N PHE A 695 18.79 20.33 -7.40
CA PHE A 695 17.47 20.47 -8.00
C PHE A 695 17.16 19.38 -9.01
N TYR A 696 18.12 19.05 -9.86
CA TYR A 696 17.88 18.13 -10.96
C TYR A 696 18.35 16.72 -10.68
N GLY A 697 19.39 16.57 -9.88
CA GLY A 697 20.03 15.28 -9.73
C GLY A 697 21.13 15.10 -10.74
N GLU A 698 21.66 13.89 -10.78
CA GLU A 698 22.68 13.55 -11.78
C GLU A 698 22.01 13.61 -13.15
N ILE A 699 22.31 14.67 -13.90
CA ILE A 699 21.60 14.95 -15.14
C ILE A 699 21.83 13.84 -16.15
N MET A 700 23.07 13.33 -16.24
CA MET A 700 23.35 12.21 -17.12
C MET A 700 22.59 10.98 -16.64
N GLU A 701 21.67 10.50 -17.48
CA GLU A 701 20.81 9.38 -17.14
C GLU A 701 20.08 8.92 -18.39
N ASN A 702 19.96 7.60 -18.54
CA ASN A 702 19.24 7.03 -19.67
C ASN A 702 17.76 6.92 -19.32
N GLU A 703 17.00 6.19 -20.15
CA GLU A 703 15.58 6.05 -19.89
C GLU A 703 15.30 5.33 -18.57
N GLY A 704 16.24 4.50 -18.12
CA GLY A 704 16.06 3.73 -16.91
C GLY A 704 16.36 4.51 -15.65
N PHE A 705 16.36 3.78 -14.54
CA PHE A 705 16.57 4.34 -13.21
C PHE A 705 17.90 3.87 -12.66
N HIS A 706 18.67 4.79 -12.09
CA HIS A 706 19.89 4.46 -11.38
C HIS A 706 19.71 4.74 -9.89
N PHE A 707 20.54 4.09 -9.08
CA PHE A 707 20.36 4.14 -7.63
C PHE A 707 20.53 5.53 -7.10
N PHE A 708 21.72 6.10 -7.25
CA PHE A 708 22.02 7.40 -6.67
C PHE A 708 21.17 8.49 -7.31
N SER A 709 21.14 8.52 -8.64
CA SER A 709 20.42 9.58 -9.34
C SER A 709 18.94 9.59 -9.03
N SER A 710 18.33 8.42 -8.88
CA SER A 710 16.90 8.34 -8.61
C SER A 710 16.56 8.34 -7.14
N ASN A 711 17.54 8.27 -6.25
CA ASN A 711 17.26 8.27 -4.83
C ASN A 711 17.80 9.48 -4.09
N MET A 712 18.57 10.37 -4.74
CA MET A 712 19.09 11.52 -3.99
C MET A 712 18.02 12.44 -3.46
N TYR A 713 16.79 12.38 -3.95
CA TYR A 713 15.75 13.24 -3.38
C TYR A 713 15.45 12.89 -1.93
N LEU A 714 15.91 11.73 -1.46
CA LEU A 714 15.67 11.32 -0.08
C LEU A 714 16.55 12.08 0.90
N ALA A 715 17.66 12.65 0.43
CA ALA A 715 18.65 13.29 1.28
C ALA A 715 18.69 14.79 1.00
N GLU A 716 17.51 15.41 0.99
CA GLU A 716 17.28 16.63 0.21
C GLU A 716 18.37 17.68 0.37
N ASP A 717 18.52 18.27 1.56
CA ASP A 717 19.43 19.40 1.65
C ASP A 717 20.88 18.96 1.86
N ARG A 718 21.08 17.77 2.41
CA ARG A 718 22.42 17.27 2.69
C ARG A 718 23.26 17.13 1.43
N ILE A 719 22.63 17.10 0.26
CA ILE A 719 23.38 17.12 -0.99
C ILE A 719 24.13 18.43 -1.13
N LEU A 720 23.43 19.56 -0.96
CA LEU A 720 24.05 20.88 -1.12
C LEU A 720 25.35 20.97 -0.36
N CYS A 721 25.30 20.68 0.94
CA CYS A 721 26.48 20.76 1.79
C CYS A 721 27.64 19.99 1.18
N PHE A 722 27.39 18.74 0.78
CA PHE A 722 28.45 17.94 0.18
C PHE A 722 29.06 18.66 -1.01
N GLU A 723 28.20 19.09 -1.95
CA GLU A 723 28.70 19.72 -3.15
C GLU A 723 29.35 21.07 -2.88
N VAL A 724 29.06 21.70 -1.76
CA VAL A 724 29.76 22.93 -1.47
C VAL A 724 31.18 22.63 -1.04
N VAL A 725 31.38 21.56 -0.26
CA VAL A 725 32.70 21.26 0.26
C VAL A 725 33.60 20.69 -0.83
N THR A 726 33.05 19.79 -1.65
CA THR A 726 33.80 19.14 -2.71
C THR A 726 33.69 19.86 -4.04
N LYS A 727 33.34 21.14 -4.03
CA LYS A 727 33.28 21.91 -5.26
C LYS A 727 34.68 22.03 -5.85
N LYS A 728 34.78 21.86 -7.17
CA LYS A 728 36.07 21.85 -7.84
C LYS A 728 36.68 23.24 -7.85
N ASN A 729 37.97 23.31 -7.52
CA ASN A 729 38.79 24.52 -7.56
C ASN A 729 38.38 25.55 -6.54
N CYS A 730 37.52 25.18 -5.60
CA CYS A 730 37.05 26.07 -4.55
C CYS A 730 37.32 25.43 -3.20
N ASN A 731 37.67 26.25 -2.22
CA ASN A 731 37.99 25.80 -0.88
C ASN A 731 36.96 26.25 0.15
N TRP A 732 35.68 26.16 -0.20
CA TRP A 732 34.61 26.45 0.74
C TRP A 732 34.60 25.44 1.87
N ILE A 733 34.28 25.92 3.07
CA ILE A 733 34.04 25.04 4.21
C ILE A 733 32.68 25.37 4.80
N LEU A 734 32.13 24.40 5.51
CA LEU A 734 30.91 24.57 6.28
C LEU A 734 31.30 24.76 7.73
N LYS A 735 30.60 25.62 8.44
CA LYS A 735 30.99 25.89 9.81
C LYS A 735 29.75 25.93 10.70
N TYR A 736 29.92 25.52 11.94
CA TYR A 736 28.83 25.42 12.90
C TYR A 736 28.94 26.56 13.90
N CYS A 737 27.86 27.28 14.12
CA CYS A 737 27.83 28.45 14.99
C CYS A 737 27.02 28.11 16.22
N ARG A 738 27.67 28.13 17.39
CA ARG A 738 26.95 27.86 18.62
C ARG A 738 26.32 29.11 19.22
N SER A 739 26.74 30.30 18.78
CA SER A 739 26.19 31.54 19.29
C SER A 739 24.79 31.83 18.76
N SER A 740 24.35 31.13 17.72
CA SER A 740 23.04 31.34 17.12
C SER A 740 22.20 30.09 17.33
N TYR A 741 20.94 30.28 17.71
CA TYR A 741 20.06 29.17 18.00
C TYR A 741 18.65 29.48 17.52
N ALA A 742 17.85 28.44 17.38
CA ALA A 742 16.44 28.56 17.04
C ALA A 742 15.69 27.47 17.79
N SER A 743 14.53 27.80 18.35
CA SER A 743 13.75 26.87 19.15
C SER A 743 12.53 26.43 18.38
N THR A 744 12.28 25.13 18.35
CA THR A 744 11.11 24.57 17.68
C THR A 744 10.31 23.68 18.62
N ASP A 745 9.05 23.45 18.25
CA ASP A 745 8.21 22.48 18.93
C ASP A 745 8.38 21.10 18.31
N VAL A 746 8.37 20.09 19.16
CA VAL A 746 8.65 18.72 18.74
C VAL A 746 7.36 17.92 18.88
N PRO A 747 7.23 16.82 18.14
CA PRO A 747 6.05 15.97 18.30
C PRO A 747 5.92 15.43 19.71
N GLU A 748 4.67 15.42 20.20
CA GLU A 748 4.36 14.95 21.54
C GLU A 748 3.59 13.66 21.55
N ARG A 749 3.30 13.09 20.38
CA ARG A 749 2.55 11.85 20.27
C ARG A 749 3.31 10.88 19.40
N VAL A 750 3.20 9.59 19.74
CA VAL A 750 4.03 8.58 19.09
C VAL A 750 3.82 8.52 17.59
N PRO A 751 2.59 8.52 17.05
CA PRO A 751 2.46 8.41 15.59
C PRO A 751 3.11 9.55 14.81
N GLU A 752 2.93 10.80 15.26
CA GLU A 752 3.53 11.91 14.53
C GLU A 752 5.03 11.95 14.73
N PHE A 753 5.51 11.48 15.88
CA PHE A 753 6.94 11.33 16.10
C PHE A 753 7.54 10.33 15.11
N ILE A 754 6.87 9.19 14.94
CA ILE A 754 7.33 8.18 13.99
C ILE A 754 7.32 8.75 12.57
N LEU A 755 6.25 9.44 12.21
CA LEU A 755 6.16 9.98 10.86
C LEU A 755 7.21 11.04 10.60
N GLN A 756 7.55 11.84 11.63
CA GLN A 756 8.60 12.84 11.46
C GLN A 756 9.96 12.17 11.27
N ARG A 757 10.26 11.16 12.06
CA ARG A 757 11.59 10.56 11.99
C ARG A 757 11.77 9.65 10.78
N ARG A 758 10.69 9.21 10.15
CA ARG A 758 10.80 8.47 8.89
C ARG A 758 11.63 9.24 7.88
N ARG A 759 11.39 10.54 7.76
CA ARG A 759 12.10 11.35 6.79
C ARG A 759 13.56 11.53 7.19
N TRP A 760 13.80 11.81 8.47
CA TRP A 760 15.15 12.05 8.96
C TRP A 760 16.04 10.84 8.76
N LEU A 761 15.56 9.65 9.14
CA LEU A 761 16.42 8.48 9.12
C LEU A 761 16.79 8.07 7.70
N ASN A 762 15.81 8.08 6.79
CA ASN A 762 16.09 7.77 5.40
C ASN A 762 17.05 8.79 4.79
N GLY A 763 16.82 10.07 5.07
CA GLY A 763 17.72 11.08 4.54
C GLY A 763 19.15 10.91 5.03
N SER A 764 19.31 10.65 6.32
CA SER A 764 20.65 10.49 6.89
C SER A 764 21.34 9.27 6.31
N PHE A 765 20.63 8.14 6.24
CA PHE A 765 21.25 6.91 5.74
C PHE A 765 21.68 7.07 4.29
N PHE A 766 20.81 7.60 3.44
CA PHE A 766 21.19 7.76 2.04
C PHE A 766 22.30 8.79 1.86
N ALA A 767 22.23 9.91 2.59
CA ALA A 767 23.26 10.93 2.43
C ALA A 767 24.62 10.40 2.84
N SER A 768 24.67 9.63 3.92
CA SER A 768 25.94 9.08 4.37
C SER A 768 26.49 8.06 3.38
N VAL A 769 25.62 7.22 2.82
CA VAL A 769 26.07 6.27 1.80
C VAL A 769 26.61 7.00 0.58
N TYR A 770 25.88 8.04 0.14
CA TYR A 770 26.31 8.81 -1.03
C TYR A 770 27.65 9.50 -0.78
N SER A 771 27.82 10.08 0.41
CA SER A 771 29.06 10.79 0.69
C SER A 771 30.23 9.82 0.78
N PHE A 772 30.02 8.63 1.33
CA PHE A 772 31.12 7.67 1.37
C PHE A 772 31.48 7.17 -0.02
N CYS A 773 30.48 6.85 -0.83
CA CYS A 773 30.78 6.28 -2.15
C CYS A 773 31.46 7.27 -3.07
N HIS A 774 31.29 8.57 -2.87
CA HIS A 774 31.82 9.59 -3.78
C HIS A 774 32.86 10.47 -3.09
N PHE A 775 33.63 9.90 -2.17
CA PHE A 775 34.56 10.73 -1.40
C PHE A 775 35.75 11.18 -2.21
N TYR A 776 36.06 10.53 -3.33
CA TYR A 776 37.22 10.91 -4.12
C TYR A 776 37.11 12.34 -4.63
N ARG A 777 35.89 12.88 -4.71
CA ARG A 777 35.69 14.26 -5.12
C ARG A 777 36.39 15.23 -4.19
N VAL A 778 36.60 14.86 -2.93
CA VAL A 778 37.33 15.70 -2.01
C VAL A 778 38.70 16.04 -2.57
N TRP A 779 39.27 15.13 -3.34
CA TRP A 779 40.60 15.32 -3.87
C TRP A 779 40.61 16.03 -5.22
N SER A 780 39.45 16.24 -5.82
CA SER A 780 39.33 17.05 -7.02
C SER A 780 38.98 18.51 -6.72
N SER A 781 38.78 18.85 -5.46
CA SER A 781 38.44 20.21 -5.06
C SER A 781 39.72 21.05 -4.97
N GLY A 782 39.60 22.24 -4.41
CA GLY A 782 40.69 23.18 -4.32
C GLY A 782 41.30 23.37 -2.95
N HIS A 783 40.93 22.54 -1.98
CA HIS A 783 41.50 22.66 -0.65
C HIS A 783 42.98 22.30 -0.66
N ASN A 784 43.69 22.75 0.37
CA ASN A 784 45.07 22.33 0.53
C ASN A 784 45.12 20.89 1.02
N ILE A 785 46.32 20.35 1.12
CA ILE A 785 46.48 18.92 1.33
C ILE A 785 45.98 18.51 2.71
N GLY A 786 46.23 19.34 3.73
CA GLY A 786 45.80 18.98 5.07
C GLY A 786 44.29 18.93 5.23
N ARG A 787 43.59 19.90 4.64
CA ARG A 787 42.14 19.90 4.72
C ARG A 787 41.55 18.74 3.93
N LYS A 788 42.17 18.36 2.82
CA LYS A 788 41.72 17.18 2.07
C LYS A 788 41.87 15.93 2.91
N LEU A 789 42.99 15.78 3.62
CA LEU A 789 43.16 14.63 4.50
C LEU A 789 42.13 14.63 5.62
N LEU A 790 41.89 15.80 6.24
CA LEU A 790 40.89 15.89 7.30
C LEU A 790 39.51 15.51 6.80
N LEU A 791 39.14 15.98 5.62
CA LEU A 791 37.82 15.66 5.07
C LEU A 791 37.69 14.17 4.76
N THR A 792 38.75 13.56 4.21
CA THR A 792 38.70 12.13 3.96
C THR A 792 38.53 11.34 5.26
N VAL A 793 39.29 11.71 6.29
CA VAL A 793 39.15 11.05 7.59
C VAL A 793 37.73 11.22 8.12
N GLU A 794 37.16 12.41 7.98
CA GLU A 794 35.82 12.64 8.50
C GLU A 794 34.78 11.82 7.75
N PHE A 795 34.91 11.69 6.44
CA PHE A 795 33.94 10.88 5.71
C PHE A 795 34.06 9.41 6.09
N PHE A 796 35.29 8.93 6.32
CA PHE A 796 35.44 7.56 6.77
C PHE A 796 34.79 7.36 8.13
N TYR A 797 34.98 8.30 9.04
CA TYR A 797 34.39 8.22 10.37
C TYR A 797 32.86 8.26 10.31
N LEU A 798 32.32 9.10 9.44
CA LEU A 798 30.87 9.18 9.30
C LEU A 798 30.29 7.89 8.75
N PHE A 799 30.98 7.26 7.80
CA PHE A 799 30.49 5.96 7.32
C PHE A 799 30.65 4.87 8.37
N PHE A 800 31.67 4.96 9.22
CA PHE A 800 31.76 4.04 10.35
C PHE A 800 30.56 4.17 11.26
N ASN A 801 30.15 5.41 11.54
CA ASN A 801 28.96 5.62 12.36
C ASN A 801 27.71 5.08 11.68
N THR A 802 27.59 5.29 10.36
CA THR A 802 26.44 4.76 9.62
C THR A 802 26.41 3.24 9.69
N LEU A 803 27.57 2.61 9.54
CA LEU A 803 27.65 1.16 9.60
C LEU A 803 27.28 0.65 10.98
N ILE A 804 27.70 1.34 12.03
CA ILE A 804 27.29 0.97 13.38
C ILE A 804 25.78 1.07 13.54
N SER A 805 25.19 2.15 13.04
CA SER A 805 23.76 2.35 13.15
C SER A 805 22.95 1.35 12.32
N TRP A 806 23.55 0.76 11.29
CA TRP A 806 22.86 -0.24 10.49
C TRP A 806 22.71 -1.57 11.22
N PHE A 807 23.57 -1.84 12.20
CA PHE A 807 23.55 -3.11 12.92
C PHE A 807 23.01 -2.97 14.33
N SER A 808 22.27 -1.91 14.62
CA SER A 808 21.71 -1.75 15.96
C SER A 808 20.60 -2.73 16.25
N LEU A 809 19.91 -3.18 15.20
CA LEU A 809 18.84 -4.15 15.37
C LEU A 809 19.35 -5.43 16.01
N SER A 810 20.49 -5.92 15.53
CA SER A 810 21.14 -7.08 16.12
C SER A 810 21.87 -6.76 17.41
N SER A 811 22.46 -5.56 17.51
CA SER A 811 23.23 -5.21 18.70
C SER A 811 22.35 -5.18 19.94
N PHE A 812 21.19 -4.53 19.84
CA PHE A 812 20.32 -4.46 21.01
C PHE A 812 19.85 -5.85 21.43
N PHE A 813 19.40 -6.65 20.46
CA PHE A 813 18.91 -7.98 20.79
C PHE A 813 20.00 -8.83 21.41
N LEU A 814 21.21 -8.79 20.85
CA LEU A 814 22.28 -9.60 21.37
C LEU A 814 22.66 -9.18 22.78
N VAL A 815 22.74 -7.88 23.04
CA VAL A 815 23.06 -7.42 24.39
C VAL A 815 21.99 -7.88 25.38
N PHE A 816 20.71 -7.64 25.06
CA PHE A 816 19.57 -8.05 25.90
C PHE A 816 19.58 -9.54 26.18
N ARG A 817 19.64 -10.37 25.15
CA ARG A 817 19.61 -11.85 25.31
C ARG A 817 20.83 -12.38 26.04
N ILE A 818 22.02 -11.87 25.78
CA ILE A 818 23.19 -12.34 26.50
C ILE A 818 23.08 -11.98 27.97
N LEU A 819 22.65 -10.75 28.26
CA LEU A 819 22.56 -10.30 29.65
C LEU A 819 21.53 -11.11 30.44
N THR A 820 20.31 -11.23 29.90
CA THR A 820 19.27 -11.93 30.64
C THR A 820 19.59 -13.40 30.81
N VAL A 821 20.11 -14.05 29.76
CA VAL A 821 20.45 -15.46 29.87
C VAL A 821 21.60 -15.66 30.84
N SER A 822 22.57 -14.74 30.87
CA SER A 822 23.69 -14.89 31.78
C SER A 822 23.25 -14.81 33.23
N ILE A 823 22.37 -13.85 33.54
CA ILE A 823 21.90 -13.77 34.93
C ILE A 823 21.04 -14.99 35.27
N ALA A 824 20.27 -15.49 34.32
CA ALA A 824 19.49 -16.70 34.56
C ALA A 824 20.38 -17.89 34.84
N LEU A 825 21.46 -18.02 34.08
CA LEU A 825 22.42 -19.10 34.29
C LEU A 825 23.07 -18.99 35.67
N ALA A 826 23.50 -17.79 36.03
CA ALA A 826 24.30 -17.64 37.23
C ALA A 826 23.46 -17.75 38.51
N TYR A 827 22.21 -17.26 38.51
CA TYR A 827 21.50 -17.18 39.78
C TYR A 827 20.15 -17.89 39.84
N HIS A 828 19.54 -18.22 38.71
CA HIS A 828 18.58 -19.33 38.66
C HIS A 828 17.22 -19.04 39.28
N SER A 829 17.05 -17.93 40.00
CA SER A 829 15.93 -17.87 40.93
C SER A 829 14.60 -17.71 40.21
N ALA A 830 14.41 -16.56 39.56
CA ALA A 830 13.25 -16.34 38.71
C ALA A 830 13.67 -15.72 37.38
N PHE A 831 14.96 -15.66 37.11
CA PHE A 831 15.47 -15.11 35.88
C PHE A 831 15.30 -16.05 34.69
N ASN A 832 15.06 -17.34 34.93
CA ASN A 832 14.73 -18.25 33.83
C ASN A 832 13.40 -17.85 33.20
N VAL A 833 12.36 -17.73 34.01
CA VAL A 833 11.04 -17.37 33.52
C VAL A 833 11.08 -15.99 32.90
N LEU A 834 11.79 -15.06 33.54
CA LEU A 834 11.87 -13.70 33.02
C LEU A 834 12.57 -13.68 31.67
N SER A 835 13.63 -14.47 31.51
CA SER A 835 14.32 -14.54 30.23
C SER A 835 13.39 -15.03 29.13
N VAL A 836 12.66 -16.12 29.39
CA VAL A 836 11.76 -16.65 28.36
C VAL A 836 10.65 -15.65 28.05
N ILE A 837 10.07 -15.04 29.08
CA ILE A 837 8.95 -14.12 28.91
C ILE A 837 9.39 -12.91 28.10
N PHE A 838 10.55 -12.35 28.42
CA PHE A 838 11.02 -11.18 27.69
C PHE A 838 11.44 -11.53 26.27
N LEU A 839 11.96 -12.73 26.04
CA LEU A 839 12.22 -13.15 24.67
C LEU A 839 10.93 -13.17 23.86
N TRP A 840 9.86 -13.72 24.42
CA TRP A 840 8.60 -13.79 23.68
C TRP A 840 7.97 -12.41 23.50
N LEU A 841 8.07 -11.54 24.51
CA LEU A 841 7.56 -10.18 24.38
C LEU A 841 8.29 -9.41 23.29
N TYR A 842 9.63 -9.51 23.27
CA TYR A 842 10.41 -8.89 22.21
C TYR A 842 9.99 -9.41 20.84
N GLY A 843 9.87 -10.74 20.71
CA GLY A 843 9.52 -11.30 19.41
C GLY A 843 8.17 -10.83 18.91
N ILE A 844 7.17 -10.85 19.80
CA ILE A 844 5.82 -10.44 19.40
C ILE A 844 5.80 -8.97 19.00
N CYS A 845 6.43 -8.11 19.81
CA CYS A 845 6.43 -6.69 19.49
C CYS A 845 7.15 -6.40 18.19
N THR A 846 8.27 -7.08 17.94
CA THR A 846 9.02 -6.85 16.71
C THR A 846 8.27 -7.32 15.48
N LEU A 847 7.68 -8.53 15.54
CA LEU A 847 6.90 -9.02 14.41
C LEU A 847 5.72 -8.10 14.13
N SER A 848 5.03 -7.65 15.18
CA SER A 848 3.90 -6.77 14.99
C SER A 848 4.32 -5.43 14.41
N THR A 849 5.46 -4.88 14.84
CA THR A 849 5.93 -3.62 14.28
C THR A 849 6.25 -3.78 12.79
N PHE A 850 6.91 -4.86 12.41
CA PHE A 850 7.17 -5.10 10.99
C PHE A 850 5.88 -5.16 10.19
N ILE A 851 4.90 -5.92 10.68
CA ILE A 851 3.69 -6.15 9.92
C ILE A 851 2.85 -4.87 9.83
N LEU A 852 2.79 -4.09 10.91
CA LEU A 852 2.01 -2.88 10.90
C LEU A 852 2.68 -1.75 10.13
N SER A 853 4.01 -1.72 10.07
CA SER A 853 4.67 -0.68 9.30
C SER A 853 4.72 -1.01 7.82
N LEU A 854 4.71 -2.30 7.46
CA LEU A 854 4.63 -2.66 6.04
C LEU A 854 3.22 -2.50 5.48
N GLY A 855 2.20 -2.69 6.31
CA GLY A 855 0.84 -2.77 5.81
C GLY A 855 -0.13 -1.70 6.23
N ASN A 856 0.08 -1.10 7.38
CA ASN A 856 -0.91 -0.23 7.98
C ASN A 856 -0.31 1.17 8.20
N LYS A 857 -1.09 2.07 8.79
CA LYS A 857 -0.63 3.43 9.04
C LYS A 857 -0.57 3.73 10.53
N PRO A 858 0.42 4.50 10.98
CA PRO A 858 0.59 4.72 12.43
C PRO A 858 -0.58 5.41 13.08
N LYS A 859 -1.31 6.24 12.35
CA LYS A 859 -2.49 6.90 12.91
C LYS A 859 -3.53 5.88 13.35
N SER A 860 -3.67 4.79 12.60
CA SER A 860 -4.72 3.82 12.86
C SER A 860 -4.50 3.07 14.17
N THR A 861 -3.25 2.73 14.48
CA THR A 861 -2.92 1.93 15.66
C THR A 861 -1.97 2.74 16.55
N GLU A 862 -2.54 3.59 17.40
CA GLU A 862 -1.72 4.36 18.33
C GLU A 862 -1.56 3.66 19.67
N LYS A 863 -2.61 2.99 20.15
CA LYS A 863 -2.52 2.28 21.42
C LYS A 863 -1.45 1.21 21.37
N PHE A 864 -1.35 0.50 20.25
CA PHE A 864 -0.33 -0.53 20.11
C PHE A 864 1.08 0.06 20.17
N TYR A 865 1.31 1.18 19.49
CA TYR A 865 2.64 1.78 19.50
C TYR A 865 3.01 2.29 20.88
N VAL A 866 2.06 2.90 21.59
CA VAL A 866 2.33 3.32 22.96
C VAL A 866 2.64 2.13 23.84
N LEU A 867 1.88 1.04 23.69
CA LEU A 867 2.12 -0.15 24.48
C LEU A 867 3.49 -0.76 24.17
N THR A 868 3.88 -0.77 22.90
CA THR A 868 5.18 -1.29 22.52
C THR A 868 6.32 -0.47 23.13
N CYS A 869 6.17 0.86 23.11
CA CYS A 869 7.17 1.70 23.76
C CYS A 869 7.26 1.41 25.24
N VAL A 870 6.11 1.20 25.90
CA VAL A 870 6.13 0.89 27.33
C VAL A 870 6.80 -0.47 27.57
N ILE A 871 6.53 -1.45 26.72
CA ILE A 871 7.13 -2.78 26.86
C ILE A 871 8.64 -2.68 26.75
N PHE A 872 9.13 -1.93 25.75
CA PHE A 872 10.57 -1.77 25.60
C PHE A 872 11.19 -1.00 26.75
N ALA A 873 10.48 -0.03 27.33
CA ALA A 873 11.00 0.67 28.48
C ALA A 873 11.14 -0.26 29.69
N VAL A 874 10.16 -1.14 29.90
CA VAL A 874 10.26 -2.12 30.97
C VAL A 874 11.41 -3.08 30.71
N MET A 875 11.60 -3.45 29.44
CA MET A 875 12.74 -4.29 29.07
C MET A 875 14.06 -3.62 29.43
N MET A 876 14.19 -2.34 29.12
CA MET A 876 15.43 -1.63 29.43
C MET A 876 15.64 -1.50 30.93
N ILE A 877 14.57 -1.29 31.69
CA ILE A 877 14.67 -1.28 33.15
C ILE A 877 15.20 -2.61 33.65
N TYR A 878 14.68 -3.71 33.11
CA TYR A 878 15.15 -5.02 33.52
C TYR A 878 16.62 -5.23 33.18
N MET A 879 17.05 -4.78 32.00
CA MET A 879 18.45 -4.92 31.63
C MET A 879 19.36 -4.10 32.55
N ILE A 880 18.94 -2.89 32.89
CA ILE A 880 19.72 -2.07 33.83
C ILE A 880 19.83 -2.78 35.17
N PHE A 881 18.72 -3.35 35.64
CA PHE A 881 18.75 -4.09 36.90
C PHE A 881 19.71 -5.27 36.82
N CYS A 882 19.66 -6.03 35.72
CA CYS A 882 20.54 -7.18 35.57
C CYS A 882 22.01 -6.77 35.59
N SER A 883 22.35 -5.68 34.88
CA SER A 883 23.73 -5.20 34.88
C SER A 883 24.18 -4.82 36.28
N ILE A 884 23.35 -4.06 37.00
CA ILE A 884 23.72 -3.64 38.35
C ILE A 884 23.87 -4.86 39.27
N PHE A 885 22.94 -5.81 39.17
CA PHE A 885 22.97 -6.99 40.02
C PHE A 885 24.23 -7.81 39.79
N MET A 886 24.55 -8.08 38.53
CA MET A 886 25.75 -8.86 38.21
C MET A 886 27.00 -8.12 38.66
N SER A 887 27.05 -6.80 38.45
CA SER A 887 28.23 -6.04 38.85
C SER A 887 28.43 -6.08 40.37
N VAL A 888 27.35 -5.88 41.13
CA VAL A 888 27.46 -5.93 42.58
C VAL A 888 27.89 -7.30 43.06
N LYS A 889 27.32 -8.35 42.48
CA LYS A 889 27.72 -9.70 42.88
C LYS A 889 29.18 -9.96 42.55
N SER A 890 29.65 -9.50 41.39
CA SER A 890 31.06 -9.67 41.04
C SER A 890 31.97 -8.91 41.99
N PHE A 891 31.58 -7.69 42.36
CA PHE A 891 32.40 -6.91 43.29
C PHE A 891 32.43 -7.56 44.67
N GLN A 892 31.30 -8.11 45.12
CA GLN A 892 31.30 -8.83 46.38
C GLN A 892 32.15 -10.10 46.30
N THR A 908 32.17 -11.98 35.56
CA THR A 908 33.45 -11.68 36.18
C THR A 908 34.13 -10.49 35.50
N GLU A 909 35.18 -10.77 34.73
CA GLU A 909 35.91 -9.71 34.04
C GLU A 909 34.99 -8.94 33.09
N ALA A 910 34.02 -9.64 32.48
CA ALA A 910 33.11 -8.98 31.55
C ALA A 910 32.29 -7.90 32.25
N PHE A 911 31.91 -8.11 33.50
CA PHE A 911 31.13 -7.09 34.19
C PHE A 911 32.00 -5.98 34.77
N ARG A 912 33.27 -6.27 35.04
CA ARG A 912 34.23 -5.19 35.24
C ARG A 912 34.26 -4.29 34.03
N ASP A 913 34.34 -4.90 32.84
CA ASP A 913 34.36 -4.11 31.62
C ASP A 913 33.07 -3.32 31.43
N ILE A 914 31.92 -3.94 31.74
CA ILE A 914 30.66 -3.23 31.54
C ILE A 914 30.57 -2.02 32.47
N VAL A 915 30.94 -2.19 33.75
CA VAL A 915 30.81 -1.07 34.66
C VAL A 915 31.80 0.04 34.31
N ILE A 916 33.05 -0.32 33.99
CA ILE A 916 34.04 0.70 33.64
C ILE A 916 33.62 1.44 32.37
N SER A 917 33.18 0.69 31.35
CA SER A 917 32.85 1.29 30.06
C SER A 917 31.63 2.18 30.15
N LEU A 918 30.58 1.73 30.83
CA LEU A 918 29.40 2.58 30.94
C LEU A 918 29.63 3.78 31.86
N GLY A 919 30.39 3.62 32.94
CA GLY A 919 30.73 4.77 33.75
C GLY A 919 31.54 5.78 32.97
N SER A 920 32.49 5.31 32.16
CA SER A 920 33.29 6.20 31.35
C SER A 920 32.44 6.93 30.32
N THR A 921 31.53 6.23 29.65
CA THR A 921 30.71 6.89 28.64
C THR A 921 29.68 7.84 29.25
N TYR A 922 29.28 7.63 30.50
CA TYR A 922 28.43 8.64 31.14
C TYR A 922 29.24 9.85 31.56
N CYS A 923 30.44 9.63 32.10
CA CYS A 923 31.27 10.73 32.57
C CYS A 923 31.70 11.61 31.41
N LEU A 924 32.00 11.01 30.26
CA LEU A 924 32.41 11.82 29.11
C LEU A 924 31.26 12.70 28.62
N TYR A 925 30.04 12.17 28.59
CA TYR A 925 28.87 12.99 28.26
C TYR A 925 28.73 14.15 29.23
N LEU A 926 28.83 13.87 30.52
CA LEU A 926 28.64 14.92 31.52
C LEU A 926 29.71 16.00 31.39
N ILE A 927 30.97 15.60 31.19
CA ILE A 927 32.05 16.58 31.08
C ILE A 927 31.92 17.38 29.80
N SER A 928 31.50 16.75 28.71
CA SER A 928 31.32 17.48 27.47
C SER A 928 30.18 18.49 27.59
N SER A 929 29.10 18.13 28.30
CA SER A 929 28.03 19.08 28.54
C SER A 929 28.49 20.24 29.41
N ILE A 930 29.36 19.97 30.40
CA ILE A 930 29.88 21.05 31.23
C ILE A 930 30.80 21.97 30.43
N ILE A 931 31.64 21.39 29.58
CA ILE A 931 32.56 22.20 28.76
C ILE A 931 31.77 23.11 27.83
N TYR A 932 30.69 22.60 27.24
CA TYR A 932 29.81 23.38 26.39
C TYR A 932 29.01 24.42 27.18
N LEU A 933 29.01 24.35 28.51
CA LEU A 933 28.27 25.25 29.38
C LEU A 933 26.76 25.10 29.23
N GLN A 934 26.28 23.89 28.96
CA GLN A 934 24.86 23.59 28.95
C GLN A 934 24.63 22.21 29.57
N PRO A 935 24.77 22.10 30.89
CA PRO A 935 24.69 20.79 31.54
C PRO A 935 23.32 20.39 32.06
N TRP A 936 22.33 21.28 32.08
CA TRP A 936 21.09 21.00 32.79
C TRP A 936 20.29 19.86 32.20
N HIS A 937 20.53 19.48 30.96
CA HIS A 937 19.81 18.37 30.35
C HIS A 937 20.32 17.03 30.80
N MET A 938 21.44 16.99 31.53
CA MET A 938 22.05 15.74 31.92
C MET A 938 21.38 15.13 33.15
N LEU A 939 20.45 15.85 33.77
CA LEU A 939 19.66 15.31 34.86
C LEU A 939 18.16 15.48 34.66
N THR A 940 17.71 16.55 34.02
CA THR A 940 16.27 16.73 33.83
C THR A 940 15.71 15.85 32.73
N SER A 941 16.56 15.31 31.85
CA SER A 941 16.04 14.68 30.65
C SER A 941 16.78 13.39 30.27
N PHE A 942 17.66 12.88 31.13
CA PHE A 942 18.53 11.77 30.79
C PHE A 942 17.82 10.42 30.91
N ILE A 943 17.09 10.22 32.00
CA ILE A 943 16.45 8.92 32.25
C ILE A 943 15.37 8.64 31.23
N GLN A 944 14.62 9.68 30.84
CA GLN A 944 13.59 9.51 29.80
C GLN A 944 14.21 9.06 28.49
N TYR A 945 15.34 9.67 28.12
CA TYR A 945 16.03 9.27 26.90
C TYR A 945 16.54 7.84 27.00
N ILE A 946 17.09 7.47 28.16
CA ILE A 946 17.57 6.10 28.35
C ILE A 946 16.42 5.11 28.19
N LEU A 947 15.27 5.43 28.77
CA LEU A 947 14.13 4.51 28.73
C LEU A 947 13.54 4.40 27.34
N LEU A 948 13.57 5.48 26.55
CA LEU A 948 13.02 5.41 25.21
C LEU A 948 14.02 4.99 24.14
N SER A 949 15.31 4.83 24.47
CA SER A 949 16.26 4.38 23.46
C SER A 949 15.90 3.06 22.77
N PRO A 950 15.39 2.02 23.44
CA PRO A 950 15.00 0.81 22.69
C PRO A 950 13.91 1.08 21.66
N SER A 951 13.06 2.07 21.89
CA SER A 951 12.03 2.39 20.91
C SER A 951 12.62 3.15 19.74
N TYR A 952 13.66 3.95 19.97
CA TYR A 952 14.40 4.53 18.86
C TYR A 952 15.00 3.44 17.98
N ILE A 953 15.60 2.43 18.60
CA ILE A 953 16.23 1.38 17.82
C ILE A 953 15.19 0.52 17.11
N ASN A 954 14.11 0.18 17.80
CA ASN A 954 13.25 -0.91 17.35
C ASN A 954 11.96 -0.47 16.68
N VAL A 955 11.48 0.74 16.91
CA VAL A 955 10.24 1.20 16.30
C VAL A 955 10.50 2.24 15.22
N LEU A 956 11.37 3.20 15.48
CA LEU A 956 11.67 4.22 14.49
C LEU A 956 12.42 3.64 13.29
N ASN A 957 13.41 2.78 13.55
CA ASN A 957 14.21 2.25 12.47
C ASN A 957 13.41 1.29 11.59
N ILE A 958 12.59 0.43 12.21
CA ILE A 958 11.79 -0.51 11.43
C ILE A 958 10.83 0.23 10.53
N TYR A 959 10.14 1.24 11.08
CA TYR A 959 9.20 2.00 10.27
C TYR A 959 9.91 2.81 9.19
N ALA A 960 11.07 3.37 9.50
CA ALA A 960 11.82 4.13 8.52
C ALA A 960 12.26 3.27 7.35
N PHE A 961 12.75 2.05 7.63
CA PHE A 961 13.18 1.16 6.56
C PHE A 961 12.01 0.55 5.80
N CYS A 962 10.87 0.35 6.46
CA CYS A 962 9.74 -0.25 5.76
C CYS A 962 9.00 0.74 4.88
N ASN A 963 9.30 2.03 4.99
CA ASN A 963 8.57 3.09 4.28
C ASN A 963 9.56 4.02 3.58
N VAL A 964 10.51 3.45 2.84
CA VAL A 964 11.61 4.25 2.30
C VAL A 964 11.10 5.30 1.33
N HIS A 965 10.17 4.94 0.45
CA HIS A 965 9.89 5.79 -0.70
C HIS A 965 8.46 6.32 -0.77
N ASP A 966 7.59 5.96 0.17
CA ASP A 966 6.24 6.52 0.24
C ASP A 966 5.50 6.28 -1.08
N LEU A 967 5.32 4.99 -1.38
CA LEU A 967 4.73 4.56 -2.63
C LEU A 967 3.24 4.87 -2.69
N SER A 968 2.74 4.99 -3.92
CA SER A 968 1.33 5.21 -4.18
C SER A 968 1.01 4.50 -5.49
N TRP A 969 0.52 3.26 -5.38
CA TRP A 969 0.33 2.42 -6.56
C TRP A 969 -0.76 2.98 -7.45
N ASN A 977 -16.51 7.49 -24.52
CA ASN A 977 -17.04 8.69 -25.11
C ASN A 977 -18.31 9.13 -24.37
N PRO A 978 -18.52 10.43 -24.22
CA PRO A 978 -19.83 10.92 -23.79
C PRO A 978 -20.88 10.58 -24.84
N LEU A 979 -22.07 10.25 -24.37
CA LEU A 979 -23.10 9.68 -25.24
C LEU A 979 -24.14 10.69 -25.71
N GLY A 980 -24.86 11.28 -24.78
CA GLY A 980 -25.97 12.14 -25.14
C GLY A 980 -26.94 12.26 -23.97
N LYS A 981 -27.96 13.10 -24.17
CA LYS A 981 -28.85 13.46 -23.10
C LYS A 981 -30.26 13.56 -23.67
N ILE A 982 -31.26 13.41 -22.81
CA ILE A 982 -32.65 13.52 -23.23
C ILE A 982 -33.39 14.49 -22.30
N ASN A 983 -33.97 15.53 -22.90
CA ASN A 983 -34.85 16.48 -22.23
C ASN A 983 -36.13 16.53 -23.03
N THR A 984 -37.25 16.20 -22.41
CA THR A 984 -38.49 16.04 -23.15
C THR A 984 -39.45 17.21 -22.89
N THR A 985 -40.35 17.41 -23.84
CA THR A 985 -41.36 18.45 -23.72
C THR A 985 -42.48 17.98 -22.79
N GLU A 986 -43.56 18.78 -22.75
CA GLU A 986 -44.70 18.45 -21.91
C GLU A 986 -45.38 17.17 -22.36
N ASP A 987 -45.57 17.00 -23.67
CA ASP A 987 -46.23 15.83 -24.21
C ASP A 987 -45.39 14.56 -24.10
N GLY A 988 -44.20 14.65 -23.50
CA GLY A 988 -43.26 13.55 -23.54
C GLY A 988 -42.51 13.43 -24.83
N THR A 989 -42.62 14.41 -25.73
CA THR A 989 -42.00 14.33 -27.04
C THR A 989 -40.66 15.04 -27.05
N PHE A 990 -39.82 14.66 -28.00
CA PHE A 990 -38.49 15.22 -28.15
C PHE A 990 -37.98 14.89 -29.54
N LYS A 991 -36.84 15.48 -29.90
CA LYS A 991 -36.23 15.28 -31.21
C LYS A 991 -34.83 14.70 -31.06
N MET A 992 -34.40 13.95 -32.07
CA MET A 992 -33.20 13.12 -31.97
C MET A 992 -32.46 13.10 -33.28
N GLU A 993 -31.18 12.75 -33.23
CA GLU A 993 -30.44 12.39 -34.43
C GLU A 993 -30.25 10.87 -34.46
N VAL A 994 -30.96 10.19 -35.34
CA VAL A 994 -30.98 8.74 -35.38
C VAL A 994 -30.52 8.25 -36.75
N LEU A 995 -29.73 7.18 -36.73
CA LEU A 995 -29.39 6.48 -37.97
C LEU A 995 -30.66 5.86 -38.53
N VAL A 996 -31.21 6.47 -39.58
CA VAL A 996 -32.46 6.01 -40.17
C VAL A 996 -32.23 5.24 -41.45
N SER A 997 -31.33 5.73 -42.30
CA SER A 997 -31.08 5.07 -43.57
C SER A 997 -30.51 3.68 -43.35
N SER A 998 -31.01 2.73 -44.14
CA SER A 998 -30.50 1.37 -44.06
C SER A 998 -29.00 1.33 -44.31
N SER A 999 -28.50 2.24 -45.15
CA SER A 999 -27.10 2.24 -45.53
C SER A 999 -26.19 2.48 -44.33
N GLU A 1000 -26.60 3.36 -43.41
CA GLU A 1000 -25.75 3.66 -42.28
C GLU A 1000 -25.79 2.54 -41.23
N ILE A 1001 -26.93 1.87 -41.08
CA ILE A 1001 -26.99 0.69 -40.22
C ILE A 1001 -26.09 -0.39 -40.75
N GLN A 1002 -26.15 -0.64 -42.07
CA GLN A 1002 -25.24 -1.58 -42.70
C GLN A 1002 -23.79 -1.14 -42.52
N ALA A 1003 -23.53 0.17 -42.56
CA ALA A 1003 -22.17 0.65 -42.37
C ALA A 1003 -21.65 0.33 -40.98
N ASN A 1004 -22.46 0.57 -39.96
CA ASN A 1004 -22.06 0.27 -38.58
C ASN A 1004 -21.87 -1.24 -38.39
N TYR A 1005 -22.75 -2.03 -38.98
CA TYR A 1005 -22.62 -3.49 -38.90
C TYR A 1005 -21.34 -3.97 -39.55
N ASP A 1006 -20.98 -3.38 -40.69
CA ASP A 1006 -19.73 -3.77 -41.33
C ASP A 1006 -18.52 -3.31 -40.53
N LYS A 1007 -18.64 -2.16 -39.86
CA LYS A 1007 -17.52 -1.66 -39.06
C LYS A 1007 -17.26 -2.50 -37.82
N TYR A 1008 -18.31 -3.06 -37.20
CA TYR A 1008 -18.13 -4.11 -36.19
C TYR A 1008 -17.80 -5.49 -36.74
N LEU A 1009 -18.21 -5.83 -37.95
CA LEU A 1009 -17.79 -7.10 -38.53
C LEU A 1009 -16.33 -7.07 -38.95
N LYS A 1010 -15.76 -5.87 -39.10
CA LYS A 1010 -14.36 -5.69 -39.44
C LYS A 1010 -13.41 -5.91 -38.26
N VAL A 1011 -13.82 -5.54 -37.06
CA VAL A 1011 -12.96 -5.71 -35.89
C VAL A 1011 -12.67 -7.19 -35.66
N LEU A 1012 -13.61 -8.06 -36.02
CA LEU A 1012 -13.45 -9.49 -35.85
C LEU A 1012 -12.63 -10.13 -36.95
N ASN A 1013 -11.89 -9.35 -37.74
CA ASN A 1013 -11.12 -9.88 -38.87
C ASN A 1013 -9.67 -9.41 -38.85
N ASP A 1014 -9.39 -8.28 -38.20
CA ASP A 1014 -8.04 -7.75 -38.12
C ASP A 1014 -7.32 -8.15 -36.84
N PHE A 1015 -7.75 -9.22 -36.20
CA PHE A 1015 -6.99 -9.78 -35.09
C PHE A 1015 -5.76 -10.56 -35.52
N GLU A 1025 3.98 -1.32 -22.23
CA GLU A 1025 4.01 -1.03 -20.81
C GLU A 1025 3.35 0.31 -20.52
N PRO A 1026 2.64 0.41 -19.40
CA PRO A 1026 1.96 1.68 -19.07
C PRO A 1026 2.92 2.79 -18.68
N SER A 1027 2.35 3.91 -18.20
CA SER A 1027 3.02 5.19 -18.19
C SER A 1027 4.25 5.20 -17.28
N TYR A 1028 4.96 6.33 -17.34
CA TYR A 1028 6.21 6.49 -16.61
C TYR A 1028 6.00 6.52 -15.10
N ASP A 1029 4.88 7.08 -14.65
CA ASP A 1029 4.64 7.22 -13.21
C ASP A 1029 4.59 5.86 -12.53
N GLU A 1030 3.84 4.92 -13.09
CA GLU A 1030 3.77 3.60 -12.46
C GLU A 1030 5.02 2.77 -12.68
N LYS A 1031 5.78 3.01 -13.74
CA LYS A 1031 7.08 2.37 -13.86
C LYS A 1031 8.03 2.83 -12.76
N LYS A 1032 8.04 4.13 -12.47
CA LYS A 1032 8.83 4.66 -11.38
C LYS A 1032 8.34 4.15 -10.04
N THR A 1033 7.03 4.01 -9.88
CA THR A 1033 6.47 3.42 -8.66
C THR A 1033 6.95 1.99 -8.46
N GLY A 1034 6.96 1.20 -9.54
CA GLY A 1034 7.46 -0.16 -9.44
C GLY A 1034 8.93 -0.22 -9.07
N TYR A 1035 9.74 0.67 -9.66
CA TYR A 1035 11.15 0.70 -9.29
C TYR A 1035 11.33 1.07 -7.84
N TYR A 1036 10.56 2.05 -7.35
CA TYR A 1036 10.68 2.48 -5.97
C TYR A 1036 10.27 1.37 -5.02
N ALA A 1037 9.21 0.62 -5.34
CA ALA A 1037 8.84 -0.52 -4.51
C ALA A 1037 9.90 -1.60 -4.50
N ASN A 1038 10.49 -1.92 -5.65
CA ASN A 1038 11.54 -2.93 -5.70
C ASN A 1038 12.72 -2.52 -4.84
N VAL A 1039 13.17 -1.26 -5.00
CA VAL A 1039 14.29 -0.79 -4.21
C VAL A 1039 13.93 -0.63 -2.73
N ARG A 1040 12.66 -0.37 -2.36
CA ARG A 1040 12.38 -0.27 -0.93
C ARG A 1040 12.36 -1.64 -0.28
N SER A 1041 11.86 -2.66 -0.97
CA SER A 1041 11.75 -4.01 -0.42
C SER A 1041 13.05 -4.79 -0.49
N LEU A 1042 13.97 -4.40 -1.36
CA LEU A 1042 15.29 -5.01 -1.33
C LEU A 1042 16.15 -4.48 -0.19
N VAL A 1043 15.85 -3.29 0.32
CA VAL A 1043 16.59 -2.75 1.45
C VAL A 1043 16.21 -3.46 2.75
N ILE A 1044 14.91 -3.70 2.96
CA ILE A 1044 14.45 -4.36 4.19
C ILE A 1044 15.02 -5.76 4.28
N ILE A 1045 14.99 -6.51 3.18
CA ILE A 1045 15.45 -7.88 3.19
C ILE A 1045 16.93 -7.94 3.55
N PHE A 1046 17.73 -7.08 2.93
CA PHE A 1046 19.16 -7.06 3.21
C PHE A 1046 19.43 -6.64 4.66
N TRP A 1047 18.69 -5.66 5.16
CA TRP A 1047 18.86 -5.23 6.54
C TRP A 1047 18.60 -6.37 7.51
N VAL A 1048 17.46 -7.05 7.34
CA VAL A 1048 17.09 -8.13 8.23
C VAL A 1048 18.09 -9.28 8.15
N ILE A 1049 18.48 -9.64 6.92
CA ILE A 1049 19.35 -10.80 6.75
C ILE A 1049 20.74 -10.52 7.30
N THR A 1050 21.29 -9.33 7.03
CA THR A 1050 22.62 -9.02 7.53
C THR A 1050 22.65 -8.87 9.04
N ASN A 1051 21.55 -8.46 9.67
CA ASN A 1051 21.53 -8.44 11.13
C ASN A 1051 21.39 -9.85 11.71
N PHE A 1052 20.56 -10.69 11.09
CA PHE A 1052 20.43 -12.04 11.61
C PHE A 1052 21.68 -12.87 11.38
N ILE A 1053 22.49 -12.53 10.38
CA ILE A 1053 23.75 -13.24 10.21
C ILE A 1053 24.62 -13.07 11.44
N ILE A 1054 24.72 -11.84 11.94
CA ILE A 1054 25.51 -11.57 13.14
C ILE A 1054 24.89 -12.24 14.35
N VAL A 1055 23.57 -12.20 14.46
CA VAL A 1055 22.90 -12.85 15.59
C VAL A 1055 23.21 -14.34 15.60
N ALA A 1056 23.11 -14.98 14.43
CA ALA A 1056 23.32 -16.43 14.33
C ALA A 1056 24.77 -16.80 14.51
N VAL A 1057 25.70 -15.93 14.11
CA VAL A 1057 27.11 -16.22 14.36
C VAL A 1057 27.41 -16.16 15.85
N VAL A 1058 26.92 -15.12 16.53
CA VAL A 1058 27.28 -14.94 17.93
C VAL A 1058 26.57 -15.97 18.82
N LEU A 1059 25.25 -16.10 18.66
CA LEU A 1059 24.48 -16.99 19.53
C LEU A 1059 24.40 -18.41 19.02
N GLU A 1060 24.90 -18.68 17.82
CA GLU A 1060 24.87 -20.01 17.21
C GLU A 1060 23.44 -20.44 16.91
N THR A 1061 22.61 -19.48 16.53
CA THR A 1061 21.25 -19.74 16.10
C THR A 1061 21.31 -20.15 14.63
N GLY A 1062 20.16 -20.38 14.01
CA GLY A 1062 20.15 -20.76 12.61
C GLY A 1062 20.63 -22.16 12.34
N GLY A 1063 20.55 -23.04 13.32
CA GLY A 1063 20.98 -24.41 13.14
C GLY A 1063 22.47 -24.63 13.19
N ILE A 1064 23.24 -23.62 13.58
CA ILE A 1064 24.70 -23.73 13.56
C ILE A 1064 25.18 -24.57 14.73
N ALA A 1065 24.60 -24.38 15.91
CA ALA A 1065 24.97 -25.21 17.04
C ALA A 1065 24.61 -26.66 16.79
N ASP A 1066 23.45 -26.90 16.17
CA ASP A 1066 23.09 -28.24 15.72
C ASP A 1066 24.15 -28.80 14.79
N TYR A 1067 24.62 -27.98 13.86
CA TYR A 1067 25.58 -28.44 12.86
C TYR A 1067 26.91 -28.83 13.50
N ILE A 1068 27.40 -28.02 14.43
CA ILE A 1068 28.64 -28.36 15.13
C ILE A 1068 28.46 -29.60 15.99
N ALA A 1069 27.31 -29.72 16.65
CA ALA A 1069 27.04 -30.91 17.45
C ALA A 1069 27.08 -32.17 16.60
N MET A 1070 26.41 -32.14 15.44
CA MET A 1070 26.37 -33.34 14.62
C MET A 1070 27.69 -33.59 13.90
N LYS A 1071 28.48 -32.54 13.62
CA LYS A 1071 29.82 -32.78 13.13
C LYS A 1071 30.66 -33.54 14.15
N SER A 1072 30.59 -33.11 15.42
CA SER A 1072 31.31 -33.83 16.46
C SER A 1072 30.80 -35.26 16.61
N ILE A 1073 29.48 -35.45 16.52
CA ILE A 1073 28.93 -36.81 16.56
C ILE A 1073 29.47 -37.64 15.40
N SER A 1074 29.70 -37.01 14.24
CA SER A 1074 30.23 -37.74 13.09
C SER A 1074 31.59 -38.35 13.39
N THR A 1075 32.39 -37.71 14.24
CA THR A 1075 33.68 -38.25 14.64
C THR A 1075 33.54 -39.56 15.41
N ILE A 1087 24.17 -29.42 22.48
CA ILE A 1087 24.33 -27.99 22.25
C ILE A 1087 24.61 -27.29 23.57
N PRO A 1088 25.58 -26.37 23.63
CA PRO A 1088 25.84 -25.64 24.87
C PRO A 1088 24.91 -24.44 25.06
N LEU A 1089 24.80 -24.01 26.32
CA LEU A 1089 23.95 -22.89 26.67
C LEU A 1089 24.50 -21.58 26.11
N MET A 1090 25.78 -21.32 26.32
CA MET A 1090 26.40 -20.08 25.86
C MET A 1090 27.89 -20.31 25.61
N THR A 1091 28.44 -19.55 24.68
CA THR A 1091 29.82 -19.69 24.24
C THR A 1091 30.64 -18.47 24.66
N SER A 1092 31.91 -18.46 24.24
CA SER A 1092 32.78 -17.31 24.47
C SER A 1092 32.64 -16.24 23.40
N LYS A 1093 32.01 -16.57 22.27
CA LYS A 1093 31.68 -15.55 21.29
C LYS A 1093 30.80 -14.49 21.92
N ALA A 1094 29.87 -14.90 22.78
CA ALA A 1094 29.00 -13.94 23.46
C ALA A 1094 29.81 -13.01 24.35
N SER A 1095 30.79 -13.54 25.06
CA SER A 1095 31.66 -12.70 25.88
C SER A 1095 32.43 -11.70 25.04
N ILE A 1096 33.03 -12.16 23.94
CA ILE A 1096 33.81 -11.27 23.10
C ILE A 1096 32.93 -10.18 22.50
N TYR A 1097 31.77 -10.56 21.98
CA TYR A 1097 30.87 -9.59 21.37
C TYR A 1097 30.37 -8.58 22.39
N PHE A 1098 30.03 -9.05 23.58
CA PHE A 1098 29.54 -8.16 24.62
C PHE A 1098 30.60 -7.12 24.98
N ASN A 1099 31.85 -7.55 25.08
CA ASN A 1099 32.90 -6.58 25.36
C ASN A 1099 33.06 -5.60 24.20
N VAL A 1100 33.11 -6.11 22.96
CA VAL A 1100 33.35 -5.27 21.79
C VAL A 1100 32.30 -4.16 21.67
N ILE A 1101 31.03 -4.50 21.90
CA ILE A 1101 29.97 -3.50 21.76
C ILE A 1101 30.20 -2.33 22.72
N LEU A 1102 30.49 -2.64 23.97
CA LEU A 1102 30.69 -1.59 24.95
C LEU A 1102 31.96 -0.80 24.68
N TRP A 1103 33.01 -1.45 24.20
CA TRP A 1103 34.21 -0.70 23.88
C TRP A 1103 33.95 0.26 22.74
N LEU A 1104 33.15 -0.16 21.75
CA LEU A 1104 32.79 0.74 20.67
C LEU A 1104 32.02 1.95 21.19
N VAL A 1105 31.09 1.72 22.11
CA VAL A 1105 30.32 2.84 22.67
C VAL A 1105 31.25 3.82 23.39
N ALA A 1106 32.13 3.30 24.23
CA ALA A 1106 33.05 4.16 24.98
C ALA A 1106 33.99 4.91 24.04
N LEU A 1107 34.47 4.24 22.99
CA LEU A 1107 35.36 4.89 22.03
C LEU A 1107 34.65 6.01 21.28
N SER A 1108 33.40 5.80 20.87
CA SER A 1108 32.67 6.85 20.20
C SER A 1108 32.47 8.04 21.13
N ALA A 1109 32.15 7.78 22.39
CA ALA A 1109 32.03 8.87 23.35
C ALA A 1109 33.34 9.64 23.50
N LEU A 1110 34.46 8.92 23.54
CA LEU A 1110 35.76 9.59 23.71
C LEU A 1110 36.10 10.44 22.50
N ILE A 1111 35.87 9.93 21.29
CA ILE A 1111 36.17 10.69 20.09
C ILE A 1111 35.35 11.97 20.06
N ARG A 1112 34.05 11.86 20.35
CA ARG A 1112 33.21 13.04 20.32
C ARG A 1112 33.54 14.02 21.43
N PHE A 1113 34.02 13.52 22.57
CA PHE A 1113 34.47 14.41 23.65
C PHE A 1113 35.69 15.21 23.21
N ILE A 1114 36.65 14.55 22.58
CA ILE A 1114 37.82 15.26 22.08
C ILE A 1114 37.42 16.30 21.05
N GLY A 1115 36.47 15.95 20.17
CA GLY A 1115 36.02 16.92 19.18
C GLY A 1115 35.40 18.15 19.79
N CYS A 1116 34.49 17.96 20.76
CA CYS A 1116 33.85 19.10 21.41
C CYS A 1116 34.88 19.94 22.17
N SER A 1117 35.84 19.30 22.83
CA SER A 1117 36.86 20.05 23.55
C SER A 1117 37.69 20.91 22.60
N ILE A 1118 38.07 20.35 21.44
CA ILE A 1118 38.81 21.14 20.46
C ILE A 1118 37.98 22.31 19.97
N TYR A 1119 36.69 22.08 19.72
CA TYR A 1119 35.83 23.14 19.25
C TYR A 1119 35.79 24.30 20.23
N MET A 1120 35.52 24.01 21.50
CA MET A 1120 35.45 25.08 22.50
C MET A 1120 36.78 25.77 22.68
N ILE A 1121 37.89 25.02 22.69
CA ILE A 1121 39.20 25.63 22.88
C ILE A 1121 39.53 26.58 21.74
N VAL A 1122 39.28 26.16 20.50
CA VAL A 1122 39.57 27.00 19.35
C VAL A 1122 38.69 28.25 19.37
N ARG A 1123 37.39 28.09 19.65
CA ARG A 1123 36.51 29.24 19.68
C ARG A 1123 36.92 30.22 20.77
N PHE A 1124 37.32 29.70 21.93
CA PHE A 1124 37.73 30.57 23.03
C PHE A 1124 39.03 31.32 22.72
N PHE A 1125 40.01 30.64 22.13
CA PHE A 1125 41.23 31.35 21.73
C PHE A 1125 40.93 32.42 20.69
N ILE B 375 -33.96 14.03 -38.10
CA ILE B 375 -34.52 14.52 -36.84
C ILE B 375 -36.02 14.25 -36.77
N ARG B 376 -36.38 13.22 -36.02
CA ARG B 376 -37.75 12.73 -35.94
C ARG B 376 -38.34 13.01 -34.57
N LYS B 377 -39.65 12.88 -34.47
CA LYS B 377 -40.37 13.14 -33.23
C LYS B 377 -40.64 11.85 -32.49
N PHE B 378 -40.21 11.78 -31.24
CA PHE B 378 -40.29 10.60 -30.41
C PHE B 378 -41.32 10.80 -29.31
N LYS B 379 -41.42 9.82 -28.42
CA LYS B 379 -42.28 9.93 -27.24
C LYS B 379 -41.86 8.88 -26.23
N LEU B 380 -41.55 9.33 -25.01
CA LEU B 380 -41.25 8.39 -23.94
C LEU B 380 -42.44 7.47 -23.72
N TRP B 381 -42.18 6.16 -23.71
CA TRP B 381 -43.21 5.16 -23.46
C TRP B 381 -43.29 4.95 -21.96
N ASN B 382 -44.35 5.44 -21.34
CA ASN B 382 -44.58 5.37 -19.89
C ASN B 382 -43.50 6.09 -19.10
N GLY B 383 -42.79 7.03 -19.71
CA GLY B 383 -41.85 7.87 -19.00
C GLY B 383 -40.40 7.47 -19.14
N ASN B 384 -40.13 6.38 -19.86
CA ASN B 384 -38.77 5.88 -20.01
C ASN B 384 -38.50 5.49 -21.46
N PHE B 385 -37.24 5.55 -21.84
CA PHE B 385 -36.83 5.51 -23.24
C PHE B 385 -36.75 4.06 -23.72
N VAL B 386 -37.60 3.71 -24.67
CA VAL B 386 -37.56 2.41 -25.33
C VAL B 386 -37.55 2.65 -26.83
N PHE B 387 -36.53 2.14 -27.51
CA PHE B 387 -36.43 2.33 -28.95
C PHE B 387 -36.24 0.99 -29.64
N ASP B 388 -36.73 0.92 -30.88
CA ASP B 388 -36.73 -0.31 -31.66
C ASP B 388 -36.05 -0.05 -32.99
N SER B 389 -34.86 -0.60 -33.17
CA SER B 389 -34.18 -0.37 -34.42
C SER B 389 -34.24 -1.60 -35.30
N PRO B 390 -34.31 -1.43 -36.62
CA PRO B 390 -34.16 -2.57 -37.52
C PRO B 390 -32.72 -3.03 -37.62
N ILE B 391 -32.55 -4.24 -38.12
CA ILE B 391 -31.23 -4.82 -38.33
C ILE B 391 -30.84 -4.70 -39.80
N SER B 392 -29.55 -4.86 -40.07
CA SER B 392 -29.01 -4.73 -41.42
C SER B 392 -29.44 -5.89 -42.32
N LYS B 393 -29.65 -5.60 -43.60
CA LYS B 393 -30.19 -6.59 -44.51
C LYS B 393 -29.23 -7.77 -44.70
N THR B 394 -27.97 -7.61 -44.32
CA THR B 394 -27.04 -8.72 -44.39
C THR B 394 -27.52 -9.89 -43.53
N LEU B 395 -28.02 -9.60 -42.33
CA LEU B 395 -28.62 -10.65 -41.51
C LEU B 395 -29.88 -11.21 -42.16
N LEU B 396 -30.71 -10.34 -42.75
CA LEU B 396 -31.94 -10.81 -43.37
C LEU B 396 -31.67 -11.80 -44.47
N ASP B 397 -30.54 -11.64 -45.18
CA ASP B 397 -30.22 -12.56 -46.26
C ASP B 397 -30.05 -13.99 -45.74
N GLN B 398 -29.37 -14.16 -44.60
CA GLN B 398 -29.33 -15.50 -44.02
C GLN B 398 -30.67 -15.91 -43.42
N TYR B 399 -31.37 -14.96 -42.79
CA TYR B 399 -32.60 -15.31 -42.06
C TYR B 399 -33.64 -15.88 -43.00
N ALA B 400 -33.80 -15.29 -44.18
CA ALA B 400 -34.81 -15.76 -45.12
C ALA B 400 -34.52 -17.20 -45.54
N THR B 401 -33.25 -17.53 -45.77
CA THR B 401 -32.87 -18.89 -46.13
C THR B 401 -33.12 -19.88 -45.00
N LEU B 409 -41.65 -13.12 -42.21
CA LEU B 409 -40.72 -13.25 -41.09
C LEU B 409 -41.20 -12.39 -39.94
N PRO B 410 -41.31 -12.98 -38.76
CA PRO B 410 -41.95 -12.30 -37.62
C PRO B 410 -41.10 -11.15 -37.09
N ASN B 411 -41.60 -10.57 -36.00
CA ASN B 411 -41.17 -9.24 -35.58
C ASN B 411 -39.89 -9.30 -34.74
N GLU B 412 -39.71 -10.36 -33.96
CA GLU B 412 -38.61 -10.38 -33.00
C GLU B 412 -37.26 -10.55 -33.69
N PHE B 413 -37.23 -11.18 -34.86
CA PHE B 413 -35.98 -11.39 -35.57
C PHE B 413 -35.48 -10.13 -36.25
N LYS B 414 -36.38 -9.23 -36.66
CA LYS B 414 -35.96 -8.12 -37.50
C LYS B 414 -35.69 -6.84 -36.72
N PHE B 415 -36.06 -6.79 -35.44
CA PHE B 415 -35.84 -5.63 -34.61
C PHE B 415 -34.92 -5.94 -33.44
N MET B 416 -34.25 -4.91 -32.95
CA MET B 416 -33.47 -4.96 -31.72
C MET B 416 -33.96 -3.85 -30.80
N ARG B 417 -34.26 -4.17 -29.54
CA ARG B 417 -34.85 -3.18 -28.63
C ARG B 417 -33.87 -2.66 -27.60
N TYR B 418 -33.58 -1.37 -27.65
CA TYR B 418 -32.77 -0.71 -26.64
C TYR B 418 -33.69 -0.13 -25.57
N GLN B 419 -33.34 -0.36 -24.32
CA GLN B 419 -33.98 0.27 -23.18
C GLN B 419 -32.93 0.89 -22.29
N ALA B 420 -33.20 2.10 -21.82
CA ALA B 420 -32.33 2.79 -20.89
C ALA B 420 -32.92 2.64 -19.49
N VAL B 421 -32.25 1.85 -18.66
CA VAL B 421 -32.71 1.54 -17.31
C VAL B 421 -32.05 2.52 -16.36
N THR B 422 -32.86 3.37 -15.73
CA THR B 422 -32.39 4.45 -14.87
C THR B 422 -32.62 4.17 -13.39
N CYS B 423 -33.22 3.03 -13.05
CA CYS B 423 -33.63 2.73 -11.69
C CYS B 423 -32.67 1.71 -11.06
N GLU B 424 -33.01 1.31 -9.84
CA GLU B 424 -32.28 0.27 -9.12
C GLU B 424 -32.71 -1.11 -9.61
N PRO B 425 -31.86 -2.12 -9.41
CA PRO B 425 -32.24 -3.48 -9.85
C PRO B 425 -33.56 -3.95 -9.28
N ASN B 426 -33.87 -3.58 -8.04
CA ASN B 426 -35.06 -4.07 -7.35
C ASN B 426 -36.31 -3.23 -7.66
N GLN B 427 -36.28 -2.42 -8.71
CA GLN B 427 -37.42 -1.49 -8.97
C GLN B 427 -37.83 -1.49 -10.44
N LEU B 428 -37.30 -2.38 -11.28
CA LEU B 428 -37.58 -2.33 -12.74
C LEU B 428 -39.07 -2.38 -13.04
N ALA B 429 -39.82 -3.26 -12.39
CA ALA B 429 -41.26 -3.39 -12.74
C ALA B 429 -42.03 -2.14 -12.31
N GLU B 430 -41.83 -1.68 -11.07
CA GLU B 430 -42.50 -0.47 -10.55
C GLU B 430 -42.29 0.70 -11.50
N LYS B 431 -41.05 0.93 -11.93
CA LYS B 431 -40.71 2.04 -12.85
C LYS B 431 -41.30 1.75 -14.23
N ASN B 432 -41.90 0.59 -14.42
CA ASN B 432 -42.62 0.29 -15.69
C ASN B 432 -41.66 -0.12 -16.82
N PHE B 433 -40.51 -0.73 -16.51
CA PHE B 433 -39.61 -1.29 -17.55
C PHE B 433 -40.02 -2.75 -17.78
N THR B 434 -39.84 -3.27 -18.99
CA THR B 434 -40.29 -4.64 -19.31
C THR B 434 -39.25 -5.39 -20.13
N VAL B 435 -39.57 -6.58 -20.61
CA VAL B 435 -38.65 -7.36 -21.49
C VAL B 435 -39.52 -7.89 -22.64
N ARG B 436 -38.94 -8.28 -23.76
CA ARG B 436 -39.75 -8.73 -24.88
C ARG B 436 -40.60 -9.93 -24.53
N GLN B 437 -40.17 -10.75 -23.56
CA GLN B 437 -40.84 -12.03 -23.30
C GLN B 437 -42.26 -11.85 -22.80
N LEU B 438 -42.55 -10.72 -22.16
CA LEU B 438 -43.86 -10.50 -21.55
C LEU B 438 -44.86 -9.87 -22.52
N LYS B 439 -44.40 -9.42 -23.69
CA LYS B 439 -45.17 -8.51 -24.52
C LYS B 439 -45.73 -9.15 -25.78
N TYR B 440 -45.65 -10.48 -25.90
CA TYR B 440 -46.28 -11.19 -27.00
C TYR B 440 -47.79 -11.27 -26.75
N LEU B 441 -48.53 -11.80 -27.75
CA LEU B 441 -49.95 -12.00 -27.53
C LEU B 441 -50.19 -13.00 -26.41
N THR B 442 -49.45 -14.11 -26.43
CA THR B 442 -49.40 -15.02 -25.30
C THR B 442 -48.06 -14.83 -24.62
N PRO B 443 -48.01 -14.35 -23.38
CA PRO B 443 -46.71 -14.11 -22.73
C PRO B 443 -45.87 -15.37 -22.69
N ARG B 444 -44.57 -15.19 -22.90
CA ARG B 444 -43.67 -16.33 -23.05
C ARG B 444 -43.08 -16.70 -21.70
N GLU B 445 -43.21 -17.96 -21.32
CA GLU B 445 -42.80 -18.43 -20.01
C GLU B 445 -41.44 -19.11 -20.10
N THR B 446 -40.49 -18.64 -19.29
CA THR B 446 -39.12 -19.12 -19.34
C THR B 446 -38.88 -20.21 -18.31
N GLU B 447 -38.24 -21.29 -18.76
CA GLU B 447 -37.86 -22.41 -17.92
C GLU B 447 -36.46 -22.27 -17.35
N LEU B 448 -35.59 -21.49 -17.98
CA LEU B 448 -34.18 -21.56 -17.66
C LEU B 448 -33.54 -20.24 -18.09
N MET B 449 -33.00 -19.52 -17.14
CA MET B 449 -32.32 -18.26 -17.42
C MET B 449 -30.83 -18.44 -17.19
N LEU B 450 -30.05 -18.20 -18.24
CA LEU B 450 -28.61 -18.42 -18.23
C LEU B 450 -27.93 -17.06 -18.14
N VAL B 451 -27.24 -16.83 -17.03
CA VAL B 451 -26.56 -15.57 -16.80
C VAL B 451 -25.09 -15.73 -17.12
N VAL B 452 -24.56 -14.83 -17.93
CA VAL B 452 -23.16 -14.79 -18.30
C VAL B 452 -22.63 -13.44 -17.87
N THR B 453 -21.57 -13.43 -17.06
CA THR B 453 -20.99 -12.20 -16.57
C THR B 453 -19.62 -11.97 -17.21
N MET B 454 -19.45 -10.79 -17.82
CA MET B 454 -18.15 -10.34 -18.30
C MET B 454 -17.69 -9.17 -17.47
N TYR B 455 -16.37 -9.00 -17.41
CA TYR B 455 -15.80 -7.72 -17.00
C TYR B 455 -15.01 -7.08 -18.13
N ASN B 456 -13.97 -7.75 -18.64
CA ASN B 456 -13.18 -7.26 -19.76
C ASN B 456 -12.70 -8.41 -20.64
N GLU B 457 -13.41 -9.53 -20.60
CA GLU B 457 -12.96 -10.72 -21.31
C GLU B 457 -13.00 -10.50 -22.81
N ASP B 458 -12.00 -11.04 -23.51
CA ASP B 458 -11.92 -10.87 -24.95
C ASP B 458 -12.97 -11.70 -25.66
N HIS B 459 -12.98 -11.63 -26.98
CA HIS B 459 -14.05 -12.27 -27.74
C HIS B 459 -13.89 -13.78 -27.84
N ILE B 460 -12.70 -14.31 -27.57
CA ILE B 460 -12.52 -15.76 -27.60
C ILE B 460 -13.20 -16.41 -26.41
N LEU B 461 -13.05 -15.82 -25.22
CA LEU B 461 -13.68 -16.38 -24.03
C LEU B 461 -15.20 -16.30 -24.11
N LEU B 462 -15.73 -15.13 -24.46
CA LEU B 462 -17.16 -14.99 -24.63
C LEU B 462 -17.67 -15.89 -25.74
N GLY B 463 -16.90 -16.00 -26.82
CA GLY B 463 -17.31 -16.89 -27.89
C GLY B 463 -17.41 -18.33 -27.43
N ARG B 464 -16.45 -18.80 -26.64
CA ARG B 464 -16.50 -20.16 -26.13
C ARG B 464 -17.74 -20.38 -25.28
N THR B 465 -18.01 -19.45 -24.36
CA THR B 465 -19.18 -19.60 -23.51
C THR B 465 -20.47 -19.64 -24.34
N LEU B 466 -20.61 -18.71 -25.28
CA LEU B 466 -21.83 -18.64 -26.07
C LEU B 466 -21.97 -19.86 -26.98
N LYS B 467 -20.86 -20.38 -27.48
CA LYS B 467 -20.93 -21.56 -28.34
C LYS B 467 -21.38 -22.78 -27.54
N GLY B 468 -20.85 -22.94 -26.32
CA GLY B 468 -21.32 -24.03 -25.47
C GLY B 468 -22.81 -23.91 -25.18
N ILE B 469 -23.27 -22.70 -24.86
CA ILE B 469 -24.69 -22.48 -24.59
C ILE B 469 -25.53 -22.82 -25.81
N MET B 470 -25.10 -22.36 -26.99
CA MET B 470 -25.87 -22.58 -28.21
C MET B 470 -25.95 -24.06 -28.54
N ASP B 471 -24.85 -24.79 -28.36
CA ASP B 471 -24.85 -26.23 -28.63
C ASP B 471 -25.77 -26.96 -27.66
N ASN B 472 -25.77 -26.55 -26.39
CA ASN B 472 -26.69 -27.17 -25.42
C ASN B 472 -28.13 -26.90 -25.79
N VAL B 473 -28.46 -25.67 -26.19
CA VAL B 473 -29.83 -25.36 -26.55
C VAL B 473 -30.25 -26.15 -27.78
N LYS B 474 -29.33 -26.32 -28.74
CA LYS B 474 -29.65 -27.14 -29.90
C LYS B 474 -29.92 -28.58 -29.51
N TYR B 475 -29.15 -29.11 -28.57
CA TYR B 475 -29.40 -30.46 -28.07
C TYR B 475 -30.78 -30.56 -27.45
N MET B 476 -31.16 -29.60 -26.61
CA MET B 476 -32.48 -29.62 -26.00
C MET B 476 -33.61 -29.48 -27.01
N VAL B 477 -33.43 -28.64 -28.03
CA VAL B 477 -34.47 -28.47 -29.04
C VAL B 477 -34.64 -29.73 -29.88
N LYS B 478 -33.57 -30.48 -30.12
CA LYS B 478 -33.71 -31.71 -30.88
C LYS B 478 -34.15 -32.90 -30.04
N LYS B 479 -34.33 -32.71 -28.74
CA LYS B 479 -34.83 -33.78 -27.87
C LYS B 479 -36.21 -34.24 -28.32
N LYS B 480 -36.42 -35.56 -28.30
CA LYS B 480 -37.65 -36.15 -28.85
C LYS B 480 -38.68 -36.47 -27.78
N ASN B 481 -38.35 -37.35 -26.83
CA ASN B 481 -39.32 -37.78 -25.83
C ASN B 481 -39.11 -37.01 -24.53
N SER B 482 -39.67 -35.80 -24.50
CA SER B 482 -39.60 -34.98 -23.31
C SER B 482 -40.85 -34.13 -23.24
N SER B 483 -41.39 -34.00 -22.03
CA SER B 483 -42.54 -33.13 -21.82
C SER B 483 -42.17 -31.65 -21.82
N THR B 484 -40.94 -31.32 -21.45
CA THR B 484 -40.51 -29.94 -21.31
C THR B 484 -39.85 -29.40 -22.58
N TRP B 485 -39.01 -30.19 -23.23
CA TRP B 485 -38.22 -29.74 -24.36
C TRP B 485 -38.75 -30.38 -25.65
N GLY B 486 -38.65 -29.62 -26.73
CA GLY B 486 -39.16 -30.03 -28.01
C GLY B 486 -38.73 -29.06 -29.10
N PRO B 487 -39.40 -29.12 -30.25
CA PRO B 487 -38.98 -28.26 -31.37
C PRO B 487 -38.95 -26.78 -31.05
N ASP B 488 -39.86 -26.29 -30.20
CA ASP B 488 -39.89 -24.89 -29.81
C ASP B 488 -39.38 -24.68 -28.38
N ALA B 489 -38.37 -25.45 -27.99
CA ALA B 489 -37.83 -25.33 -26.64
C ALA B 489 -37.00 -24.07 -26.48
N TRP B 490 -36.48 -23.52 -27.56
CA TRP B 490 -35.67 -22.31 -27.47
C TRP B 490 -36.45 -21.14 -26.90
N LYS B 491 -37.78 -21.20 -26.94
CA LYS B 491 -38.62 -20.16 -26.39
C LYS B 491 -38.61 -20.15 -24.87
N LYS B 492 -38.15 -21.22 -24.24
CA LYS B 492 -38.13 -21.33 -22.78
C LYS B 492 -36.78 -21.00 -22.19
N ILE B 493 -35.84 -20.50 -22.98
CA ILE B 493 -34.48 -20.23 -22.52
C ILE B 493 -34.15 -18.79 -22.89
N VAL B 494 -33.59 -18.05 -21.94
CA VAL B 494 -33.15 -16.69 -22.16
C VAL B 494 -31.69 -16.60 -21.75
N VAL B 495 -30.85 -16.03 -22.61
CA VAL B 495 -29.42 -15.92 -22.33
C VAL B 495 -29.13 -14.47 -22.01
N CYS B 496 -28.81 -14.20 -20.75
CA CYS B 496 -28.62 -12.84 -20.25
C CYS B 496 -27.15 -12.57 -20.01
N ILE B 497 -26.57 -11.70 -20.83
CA ILE B 497 -25.13 -11.41 -20.81
C ILE B 497 -24.97 -10.07 -20.12
N ILE B 498 -24.49 -10.07 -18.88
CA ILE B 498 -24.36 -8.86 -18.09
C ILE B 498 -22.90 -8.41 -18.11
N SER B 499 -22.60 -7.40 -18.91
CA SER B 499 -21.27 -6.83 -18.99
C SER B 499 -21.17 -5.63 -18.07
N ASP B 500 -19.97 -5.44 -17.52
CA ASP B 500 -19.75 -4.60 -16.35
C ASP B 500 -18.96 -3.36 -16.75
N GLY B 501 -19.67 -2.32 -17.18
CA GLY B 501 -19.05 -1.06 -17.54
C GLY B 501 -18.82 -0.90 -19.02
N ARG B 502 -19.19 0.26 -19.57
CA ARG B 502 -18.87 0.53 -20.97
C ARG B 502 -17.39 0.75 -21.18
N SER B 503 -16.74 1.45 -20.23
CA SER B 503 -15.32 1.73 -20.36
C SER B 503 -14.49 0.46 -20.23
N LYS B 504 -14.96 -0.51 -19.45
CA LYS B 504 -14.21 -1.72 -19.20
C LYS B 504 -14.48 -2.83 -20.21
N ILE B 505 -15.54 -2.74 -21.01
CA ILE B 505 -15.77 -3.80 -22.04
C ILE B 505 -14.74 -3.74 -23.17
N ASN B 506 -14.32 -4.90 -23.68
CA ASN B 506 -13.43 -4.92 -24.86
C ASN B 506 -14.27 -4.69 -26.12
N GLU B 507 -13.67 -4.15 -27.17
CA GLU B 507 -14.42 -3.83 -28.42
C GLU B 507 -14.52 -5.07 -29.30
N ARG B 508 -13.70 -6.08 -29.04
CA ARG B 508 -13.77 -7.33 -29.82
C ARG B 508 -14.96 -8.14 -29.27
N SER B 509 -15.40 -7.86 -28.04
CA SER B 509 -16.59 -8.53 -27.46
C SER B 509 -17.86 -7.84 -27.98
N LEU B 510 -17.89 -6.51 -27.97
CA LEU B 510 -19.04 -5.72 -28.52
C LEU B 510 -19.12 -5.90 -30.03
N ALA B 511 -18.02 -6.28 -30.67
CA ALA B 511 -18.06 -6.57 -32.12
C ALA B 511 -18.62 -7.96 -32.31
N LEU B 512 -18.30 -8.90 -31.42
CA LEU B 512 -18.97 -10.20 -31.53
C LEU B 512 -20.46 -10.10 -31.21
N LEU B 513 -20.79 -9.37 -30.15
CA LEU B 513 -22.19 -9.21 -29.77
C LEU B 513 -22.97 -8.51 -30.87
N SER B 514 -22.37 -7.50 -31.51
CA SER B 514 -23.04 -6.84 -32.63
C SER B 514 -23.22 -7.79 -33.80
N SER B 515 -22.22 -8.63 -34.08
CA SER B 515 -22.32 -9.53 -35.23
C SER B 515 -23.45 -10.53 -35.05
N LEU B 516 -23.80 -10.86 -33.81
CA LEU B 516 -24.95 -11.70 -33.53
C LEU B 516 -26.26 -10.97 -33.73
N GLY B 517 -26.25 -9.64 -33.71
CA GLY B 517 -27.44 -8.84 -33.91
C GLY B 517 -27.97 -8.16 -32.67
N CYS B 518 -27.26 -8.26 -31.55
CA CYS B 518 -27.77 -7.81 -30.26
C CYS B 518 -27.13 -6.52 -29.79
N TYR B 519 -26.60 -5.71 -30.71
CA TYR B 519 -26.01 -4.44 -30.32
C TYR B 519 -25.90 -3.56 -31.55
N GLN B 520 -26.27 -2.29 -31.38
CA GLN B 520 -26.04 -1.23 -32.35
C GLN B 520 -25.71 0.01 -31.55
N ASP B 521 -24.66 0.73 -31.93
CA ASP B 521 -24.30 1.90 -31.16
C ASP B 521 -25.06 3.13 -31.66
N GLY B 522 -24.93 4.21 -30.89
CA GLY B 522 -25.51 5.47 -31.30
C GLY B 522 -26.60 5.98 -30.39
N PHE B 523 -27.47 5.08 -29.94
CA PHE B 523 -28.62 5.44 -29.12
C PHE B 523 -28.50 4.98 -27.67
N ALA B 524 -27.29 5.02 -27.12
CA ALA B 524 -27.13 4.94 -25.67
C ALA B 524 -27.07 6.34 -25.11
N LYS B 525 -27.71 6.55 -23.96
CA LYS B 525 -27.84 7.87 -23.37
C LYS B 525 -27.34 7.87 -21.94
N ASP B 526 -26.63 8.94 -21.57
CA ASP B 526 -26.10 9.06 -20.21
C ASP B 526 -27.18 9.47 -19.23
N GLU B 527 -28.18 10.21 -19.67
CA GLU B 527 -29.17 10.76 -18.76
C GLU B 527 -30.47 10.99 -19.50
N ILE B 528 -31.58 10.80 -18.79
CA ILE B 528 -32.92 10.98 -19.36
C ILE B 528 -33.77 11.66 -18.31
N ASN B 529 -34.21 12.89 -18.60
CA ASN B 529 -34.95 13.73 -17.65
C ASN B 529 -34.22 13.80 -16.31
N GLU B 530 -32.98 14.29 -16.38
CA GLU B 530 -32.10 14.50 -15.23
C GLU B 530 -31.93 13.23 -14.37
N LYS B 531 -32.21 12.06 -14.94
CA LYS B 531 -32.01 10.78 -14.26
C LYS B 531 -30.82 10.08 -14.91
N LYS B 532 -29.81 9.78 -14.09
CA LYS B 532 -28.65 9.06 -14.57
C LYS B 532 -29.05 7.68 -15.04
N VAL B 533 -28.78 7.38 -16.31
CA VAL B 533 -29.08 6.05 -16.83
C VAL B 533 -28.07 5.06 -16.27
N ALA B 534 -28.56 4.05 -15.58
CA ALA B 534 -27.70 3.09 -14.92
C ALA B 534 -27.30 1.92 -15.81
N MET B 535 -28.05 1.65 -16.87
CA MET B 535 -27.80 0.40 -17.57
C MET B 535 -28.48 0.44 -18.93
N HIS B 536 -27.88 -0.25 -19.90
CA HIS B 536 -28.40 -0.27 -21.28
C HIS B 536 -28.78 -1.71 -21.58
N VAL B 537 -29.98 -1.95 -22.08
CA VAL B 537 -30.48 -3.30 -22.31
C VAL B 537 -30.77 -3.43 -23.80
N TYR B 538 -30.12 -4.40 -24.44
CA TYR B 538 -30.30 -4.69 -25.85
C TYR B 538 -30.93 -6.08 -25.98
N GLU B 539 -32.01 -6.17 -26.72
CA GLU B 539 -32.77 -7.41 -26.80
C GLU B 539 -32.98 -7.79 -28.25
N HIS B 540 -32.68 -9.06 -28.55
CA HIS B 540 -32.82 -9.61 -29.89
C HIS B 540 -32.92 -11.12 -29.76
N THR B 541 -33.47 -11.75 -30.81
CA THR B 541 -33.50 -13.21 -30.93
C THR B 541 -32.80 -13.57 -32.24
N THR B 542 -31.63 -14.18 -32.13
CA THR B 542 -30.78 -14.41 -33.27
C THR B 542 -30.94 -15.84 -33.80
N MET B 543 -30.83 -15.96 -35.11
CA MET B 543 -30.80 -17.27 -35.74
C MET B 543 -29.39 -17.74 -36.08
N ILE B 544 -28.37 -16.90 -35.95
CA ILE B 544 -27.03 -17.33 -36.30
C ILE B 544 -26.38 -18.01 -35.10
N ASN B 545 -25.58 -19.04 -35.37
CA ASN B 545 -24.91 -19.81 -34.35
C ASN B 545 -23.40 -19.78 -34.56
N ILE B 546 -22.69 -20.02 -33.47
CA ILE B 546 -21.24 -20.16 -33.49
C ILE B 546 -20.90 -21.62 -33.72
N THR B 547 -20.08 -21.90 -34.73
CA THR B 547 -19.75 -23.27 -35.07
C THR B 547 -18.28 -23.62 -34.92
N ASN B 548 -17.39 -22.64 -34.88
CA ASN B 548 -15.98 -22.94 -34.66
C ASN B 548 -15.30 -21.72 -34.07
N ILE B 549 -14.42 -21.95 -33.10
CA ILE B 549 -13.66 -20.90 -32.44
C ILE B 549 -12.20 -21.32 -32.49
N SER B 550 -11.46 -20.83 -33.47
CA SER B 550 -10.04 -21.12 -33.53
C SER B 550 -9.29 -20.20 -32.55
N GLU B 551 -7.96 -20.26 -32.61
CA GLU B 551 -7.16 -19.33 -31.83
C GLU B 551 -7.41 -17.88 -32.24
N SER B 552 -7.89 -17.62 -33.45
CA SER B 552 -7.99 -16.25 -33.92
C SER B 552 -9.37 -15.82 -34.43
N GLU B 553 -10.12 -16.72 -35.03
CA GLU B 553 -11.40 -16.40 -35.66
C GLU B 553 -12.54 -17.14 -34.97
N VAL B 554 -13.72 -16.53 -35.01
CA VAL B 554 -14.95 -17.18 -34.57
C VAL B 554 -15.84 -17.35 -35.78
N SER B 555 -16.27 -18.58 -36.01
CA SER B 555 -17.07 -18.94 -37.17
C SER B 555 -18.53 -18.76 -36.84
N LEU B 556 -19.19 -17.82 -37.50
CA LEU B 556 -20.61 -17.58 -37.34
C LEU B 556 -21.32 -18.04 -38.61
N GLU B 557 -22.41 -18.78 -38.46
CA GLU B 557 -23.15 -19.18 -39.64
C GLU B 557 -24.62 -19.39 -39.30
N CYS B 558 -25.45 -19.28 -40.33
CA CYS B 558 -26.90 -19.32 -40.20
C CYS B 558 -27.47 -20.13 -41.35
N ASN B 559 -28.15 -21.23 -41.04
CA ASN B 559 -28.83 -22.04 -42.03
C ASN B 559 -30.03 -22.70 -41.36
N GLN B 560 -30.60 -23.69 -42.03
CA GLN B 560 -31.77 -24.37 -41.49
C GLN B 560 -31.45 -25.19 -40.25
N GLY B 561 -30.18 -25.50 -40.00
CA GLY B 561 -29.82 -26.32 -38.86
C GLY B 561 -29.62 -25.52 -37.59
N THR B 562 -29.56 -24.20 -37.72
CA THR B 562 -29.35 -23.34 -36.57
C THR B 562 -30.60 -23.22 -35.72
N VAL B 563 -30.40 -22.83 -34.46
CA VAL B 563 -31.50 -22.68 -33.51
C VAL B 563 -31.53 -21.23 -33.05
N PRO B 564 -32.69 -20.62 -32.88
CA PRO B 564 -32.73 -19.25 -32.38
C PRO B 564 -32.39 -19.17 -30.91
N ILE B 565 -31.76 -18.06 -30.53
CA ILE B 565 -31.34 -17.79 -29.16
C ILE B 565 -31.88 -16.43 -28.78
N GLN B 566 -32.57 -16.35 -27.63
CA GLN B 566 -33.08 -15.09 -27.13
C GLN B 566 -32.00 -14.46 -26.28
N LEU B 567 -31.20 -13.60 -26.89
CA LEU B 567 -30.16 -12.91 -26.16
C LEU B 567 -30.72 -11.69 -25.45
N LEU B 568 -30.01 -11.29 -24.40
CA LEU B 568 -30.41 -10.10 -23.65
C LEU B 568 -29.11 -9.52 -23.10
N PHE B 569 -28.57 -8.54 -23.81
CA PHE B 569 -27.28 -7.93 -23.50
C PHE B 569 -27.52 -6.76 -22.54
N CYS B 570 -27.05 -6.91 -21.32
CA CYS B 570 -27.04 -5.83 -20.35
C CYS B 570 -25.66 -5.22 -20.30
N LEU B 571 -25.60 -3.90 -20.32
CA LEU B 571 -24.33 -3.17 -20.28
C LEU B 571 -24.44 -2.15 -19.17
N LYS B 572 -23.75 -2.39 -18.06
CA LYS B 572 -23.79 -1.42 -16.97
C LYS B 572 -22.99 -0.18 -17.33
N GLU B 573 -23.38 0.95 -16.75
CA GLU B 573 -22.72 2.21 -17.05
C GLU B 573 -21.36 2.32 -16.39
N GLN B 574 -21.23 1.91 -15.14
CA GLN B 574 -19.96 1.99 -14.43
C GLN B 574 -19.69 0.67 -13.74
N ASN B 575 -18.42 0.38 -13.53
CA ASN B 575 -17.99 -0.92 -13.04
C ASN B 575 -18.18 -1.03 -11.53
N GLN B 576 -19.33 -1.56 -11.14
CA GLN B 576 -19.47 -2.20 -9.85
C GLN B 576 -19.08 -3.66 -10.01
N LYS B 577 -18.74 -4.31 -8.91
CA LYS B 577 -18.16 -5.64 -9.02
C LYS B 577 -19.24 -6.68 -9.29
N LYS B 578 -18.85 -7.96 -9.24
CA LYS B 578 -19.68 -9.04 -9.75
C LYS B 578 -20.94 -9.23 -8.92
N ILE B 579 -20.89 -8.96 -7.62
CA ILE B 579 -22.09 -9.11 -6.80
C ILE B 579 -23.19 -8.19 -7.29
N ASN B 580 -22.83 -7.03 -7.82
CA ASN B 580 -23.84 -6.13 -8.37
C ASN B 580 -24.41 -6.69 -9.68
N SER B 581 -23.58 -7.39 -10.46
CA SER B 581 -24.09 -8.06 -11.65
C SER B 581 -25.12 -9.12 -11.27
N HIS B 582 -24.81 -9.91 -10.24
CA HIS B 582 -25.78 -10.89 -9.76
C HIS B 582 -27.01 -10.22 -9.18
N ARG B 583 -26.83 -9.04 -8.59
CA ARG B 583 -27.97 -8.25 -8.10
C ARG B 583 -28.90 -7.86 -9.24
N TRP B 584 -28.32 -7.43 -10.37
CA TRP B 584 -29.12 -7.16 -11.55
C TRP B 584 -29.80 -8.40 -12.09
N ALA B 585 -29.10 -9.54 -12.08
CA ALA B 585 -29.67 -10.76 -12.64
C ALA B 585 -30.82 -11.29 -11.79
N PHE B 586 -30.64 -11.36 -10.47
CA PHE B 586 -31.61 -11.98 -9.58
C PHE B 586 -32.72 -11.02 -9.16
N GLU B 587 -32.35 -9.86 -8.62
CA GLU B 587 -33.34 -8.89 -8.19
C GLU B 587 -33.97 -8.15 -9.36
N GLY B 588 -33.35 -8.21 -10.54
CA GLY B 588 -33.80 -7.46 -11.67
C GLY B 588 -34.60 -8.30 -12.65
N PHE B 589 -33.92 -8.80 -13.69
CA PHE B 589 -34.61 -9.46 -14.79
C PHE B 589 -35.25 -10.77 -14.38
N ALA B 590 -34.71 -11.44 -13.36
CA ALA B 590 -35.35 -12.67 -12.92
C ALA B 590 -36.72 -12.42 -12.29
N GLU B 591 -36.92 -11.23 -11.71
CA GLU B 591 -38.23 -10.90 -11.16
C GLU B 591 -39.26 -10.72 -12.27
N LEU B 592 -38.84 -10.22 -13.43
CA LEU B 592 -39.76 -10.03 -14.56
C LEU B 592 -39.98 -11.34 -15.30
N LEU B 593 -38.90 -12.04 -15.65
CA LEU B 593 -39.01 -13.27 -16.44
C LEU B 593 -39.63 -14.40 -15.64
N ARG B 594 -39.38 -14.45 -14.33
CA ARG B 594 -39.84 -15.52 -13.46
C ARG B 594 -39.34 -16.87 -13.96
N PRO B 595 -38.02 -17.10 -13.99
CA PRO B 595 -37.53 -18.38 -14.47
C PRO B 595 -37.71 -19.46 -13.42
N ASN B 596 -37.70 -20.71 -13.87
CA ASN B 596 -37.68 -21.81 -12.92
C ASN B 596 -36.30 -22.01 -12.32
N ILE B 597 -35.27 -21.99 -13.15
CA ILE B 597 -33.89 -22.19 -12.73
C ILE B 597 -33.09 -21.00 -13.22
N VAL B 598 -32.14 -20.55 -12.41
CA VAL B 598 -31.21 -19.50 -12.80
C VAL B 598 -29.81 -20.07 -12.77
N THR B 599 -29.13 -20.05 -13.91
CA THR B 599 -27.83 -20.67 -14.09
C THR B 599 -26.76 -19.59 -14.21
N LEU B 600 -25.70 -19.74 -13.44
CA LEU B 600 -24.60 -18.78 -13.41
C LEU B 600 -23.38 -19.37 -14.10
N LEU B 601 -22.86 -18.61 -15.07
CA LEU B 601 -21.68 -18.91 -15.87
C LEU B 601 -20.78 -17.69 -15.90
N ASP B 602 -19.48 -17.92 -15.96
CA ASP B 602 -18.52 -16.87 -16.22
C ASP B 602 -18.08 -16.93 -17.67
N ALA B 603 -17.68 -15.77 -18.20
CA ALA B 603 -17.20 -15.72 -19.57
C ALA B 603 -15.87 -16.47 -19.68
N GLY B 604 -15.77 -17.35 -20.66
CA GLY B 604 -14.63 -18.21 -20.80
C GLY B 604 -14.85 -19.63 -20.32
N THR B 605 -15.91 -19.87 -19.55
CA THR B 605 -16.25 -21.21 -19.09
C THR B 605 -17.15 -21.86 -20.11
N MET B 606 -16.64 -22.87 -20.82
CA MET B 606 -17.39 -23.50 -21.89
C MET B 606 -18.11 -24.73 -21.38
N PRO B 607 -19.43 -24.73 -21.28
CA PRO B 607 -20.13 -25.94 -20.85
C PRO B 607 -20.00 -27.07 -21.85
N GLY B 608 -19.98 -28.29 -21.32
CA GLY B 608 -19.94 -29.46 -22.16
C GLY B 608 -21.20 -29.59 -23.00
N LYS B 609 -21.18 -30.55 -23.91
CA LYS B 609 -22.23 -30.64 -24.93
C LYS B 609 -23.61 -30.97 -24.35
N ASP B 610 -23.68 -31.52 -23.14
CA ASP B 610 -24.95 -31.81 -22.51
C ASP B 610 -25.04 -31.27 -21.10
N SER B 611 -24.10 -30.41 -20.71
CA SER B 611 -23.96 -30.05 -19.31
C SER B 611 -25.19 -29.33 -18.78
N ILE B 612 -25.77 -28.42 -19.57
CA ILE B 612 -26.91 -27.68 -19.08
C ILE B 612 -28.11 -28.59 -18.95
N TYR B 613 -28.33 -29.49 -19.90
CA TYR B 613 -29.43 -30.42 -19.78
C TYR B 613 -29.23 -31.37 -18.61
N GLN B 614 -28.01 -31.85 -18.40
CA GLN B 614 -27.78 -32.78 -17.31
C GLN B 614 -27.87 -32.10 -15.95
N LEU B 615 -27.52 -30.81 -15.86
CA LEU B 615 -27.73 -30.09 -14.62
C LEU B 615 -29.20 -29.81 -14.39
N TRP B 616 -29.92 -29.43 -15.44
CA TRP B 616 -31.36 -29.22 -15.31
C TRP B 616 -32.07 -30.49 -14.88
N ARG B 617 -31.60 -31.63 -15.35
CA ARG B 617 -32.18 -32.91 -14.94
C ARG B 617 -32.03 -33.15 -13.44
N GLU B 618 -31.11 -32.47 -12.77
CA GLU B 618 -30.94 -32.66 -11.34
C GLU B 618 -32.11 -32.12 -10.54
N PHE B 619 -32.89 -31.21 -11.11
CA PHE B 619 -33.92 -30.50 -10.38
C PHE B 619 -35.28 -31.20 -10.44
N ARG B 620 -35.35 -32.40 -11.00
CA ARG B 620 -36.58 -33.17 -10.94
C ARG B 620 -36.86 -33.68 -9.54
N ASN B 621 -35.87 -33.75 -8.68
CA ASN B 621 -36.12 -33.95 -7.27
C ASN B 621 -36.60 -32.61 -6.71
N PRO B 622 -37.83 -32.50 -6.21
CA PRO B 622 -38.32 -31.18 -5.78
C PRO B 622 -37.59 -30.60 -4.61
N ASN B 623 -36.75 -31.37 -3.93
CA ASN B 623 -36.04 -30.88 -2.76
C ASN B 623 -34.71 -30.24 -3.11
N VAL B 624 -34.28 -30.36 -4.37
CA VAL B 624 -32.99 -29.79 -4.76
C VAL B 624 -33.14 -28.29 -4.98
N GLY B 625 -32.34 -27.52 -4.26
CA GLY B 625 -32.41 -26.08 -4.36
C GLY B 625 -31.28 -25.49 -5.17
N GLY B 626 -30.19 -26.23 -5.30
CA GLY B 626 -29.07 -25.82 -6.11
C GLY B 626 -28.33 -27.04 -6.62
N ALA B 627 -27.47 -26.81 -7.60
CA ALA B 627 -26.68 -27.90 -8.17
C ALA B 627 -25.47 -27.31 -8.88
N CYS B 628 -24.43 -28.12 -8.99
CA CYS B 628 -23.24 -27.75 -9.73
C CYS B 628 -22.71 -28.99 -10.43
N GLY B 629 -21.81 -28.77 -11.39
CA GLY B 629 -21.17 -29.84 -12.12
C GLY B 629 -19.67 -29.82 -11.97
N GLU B 630 -19.01 -30.68 -12.72
CA GLU B 630 -17.56 -30.76 -12.72
C GLU B 630 -16.94 -29.60 -13.49
N ILE B 631 -15.83 -29.08 -12.97
CA ILE B 631 -15.01 -28.10 -13.68
C ILE B 631 -13.70 -28.77 -14.06
N ARG B 632 -13.33 -28.65 -15.33
CA ARG B 632 -12.17 -29.31 -15.90
C ARG B 632 -11.17 -28.28 -16.37
N THR B 633 -9.89 -28.62 -16.24
CA THR B 633 -8.85 -27.85 -16.86
C THR B 633 -8.83 -28.14 -18.36
N ASP B 634 -8.74 -27.08 -19.16
CA ASP B 634 -8.67 -27.23 -20.61
C ASP B 634 -7.20 -27.40 -20.96
N LEU B 635 -6.82 -28.60 -21.37
CA LEU B 635 -5.42 -28.94 -21.56
C LEU B 635 -4.89 -28.52 -22.93
N GLY B 636 -5.71 -27.93 -23.77
CA GLY B 636 -5.24 -27.48 -25.07
C GLY B 636 -5.36 -28.53 -26.13
N LYS B 637 -4.70 -28.26 -27.25
CA LYS B 637 -4.74 -29.15 -28.40
C LYS B 637 -3.83 -30.35 -28.15
N ARG B 638 -4.42 -31.55 -28.17
CA ARG B 638 -3.68 -32.79 -27.93
C ARG B 638 -2.94 -32.76 -26.61
N PHE B 639 -3.53 -32.09 -25.63
CA PHE B 639 -2.96 -31.97 -24.29
C PHE B 639 -1.58 -31.29 -24.30
N VAL B 640 -1.36 -30.40 -25.26
CA VAL B 640 -0.06 -29.75 -25.38
C VAL B 640 0.28 -28.97 -24.12
N LYS B 641 -0.71 -28.35 -23.48
CA LYS B 641 -0.43 -27.55 -22.28
C LYS B 641 -0.06 -28.41 -21.08
N LEU B 642 -0.17 -29.73 -21.20
CA LEU B 642 0.20 -30.59 -20.09
C LEU B 642 1.71 -30.58 -19.83
N LEU B 643 2.49 -29.96 -20.72
CA LEU B 643 3.93 -29.85 -20.51
C LEU B 643 4.26 -28.81 -19.45
N ASN B 644 3.38 -27.83 -19.27
CA ASN B 644 3.59 -26.80 -18.26
C ASN B 644 3.36 -27.39 -16.87
N PRO B 645 4.35 -27.35 -15.97
CA PRO B 645 4.14 -27.92 -14.63
C PRO B 645 3.04 -27.24 -13.85
N LEU B 646 2.89 -25.93 -14.00
CA LEU B 646 1.84 -25.18 -13.34
C LEU B 646 0.45 -25.58 -13.82
N VAL B 647 0.31 -26.06 -15.05
CA VAL B 647 -0.97 -26.47 -15.59
C VAL B 647 -1.30 -27.90 -15.21
N ALA B 648 -0.32 -28.80 -15.26
CA ALA B 648 -0.55 -30.17 -14.84
C ALA B 648 -0.85 -30.24 -13.35
N SER B 649 -0.18 -29.42 -12.54
CA SER B 649 -0.49 -29.36 -11.12
C SER B 649 -1.94 -28.97 -10.90
N GLN B 650 -2.41 -27.94 -11.61
CA GLN B 650 -3.79 -27.52 -11.51
C GLN B 650 -4.76 -28.57 -12.02
N ASN B 651 -4.37 -29.31 -13.07
CA ASN B 651 -5.23 -30.38 -13.57
C ASN B 651 -5.44 -31.44 -12.50
N PHE B 652 -4.36 -31.87 -11.86
CA PHE B 652 -4.48 -32.86 -10.78
C PHE B 652 -5.32 -32.30 -9.63
N GLU B 653 -5.10 -31.03 -9.27
CA GLU B 653 -5.82 -30.43 -8.17
C GLU B 653 -7.32 -30.38 -8.44
N TYR B 654 -7.69 -30.00 -9.68
CA TYR B 654 -9.11 -29.98 -10.03
C TYR B 654 -9.71 -31.37 -10.02
N LYS B 655 -9.00 -32.35 -10.58
CA LYS B 655 -9.55 -33.70 -10.64
C LYS B 655 -9.78 -34.27 -9.25
N MET B 656 -8.84 -34.07 -8.33
CA MET B 656 -9.06 -34.52 -6.96
C MET B 656 -10.08 -33.70 -6.19
N SER B 657 -10.20 -32.41 -6.46
CA SER B 657 -11.24 -31.64 -5.79
C SER B 657 -12.62 -32.10 -6.22
N ASN B 658 -12.78 -32.47 -7.49
CA ASN B 658 -14.05 -33.00 -7.95
C ASN B 658 -14.30 -34.42 -7.46
N ILE B 659 -13.32 -35.30 -7.54
CA ILE B 659 -13.51 -36.71 -7.21
C ILE B 659 -13.74 -36.92 -5.73
N LEU B 660 -12.94 -36.27 -4.89
CA LEU B 660 -12.97 -36.55 -3.45
C LEU B 660 -13.84 -35.57 -2.69
N ASP B 661 -13.59 -34.27 -2.86
CA ASP B 661 -14.26 -33.27 -2.03
C ASP B 661 -15.73 -33.15 -2.37
N LYS B 662 -16.05 -33.02 -3.66
CA LYS B 662 -17.42 -32.71 -4.06
C LYS B 662 -18.36 -33.87 -3.79
N THR B 663 -17.93 -35.10 -4.06
CA THR B 663 -18.77 -36.26 -3.79
C THR B 663 -19.02 -36.43 -2.30
N THR B 664 -17.99 -36.28 -1.49
CA THR B 664 -18.14 -36.37 -0.04
C THR B 664 -19.09 -35.31 0.49
N GLU B 665 -18.96 -34.07 0.01
CA GLU B 665 -19.89 -33.03 0.42
C GLU B 665 -21.30 -33.32 -0.04
N SER B 666 -21.46 -33.80 -1.27
CA SER B 666 -22.80 -34.02 -1.82
C SER B 666 -23.52 -35.13 -1.08
N ASN B 667 -22.78 -36.10 -0.53
CA ASN B 667 -23.44 -37.12 0.27
C ASN B 667 -24.18 -36.51 1.45
N PHE B 668 -23.56 -35.54 2.13
CA PHE B 668 -24.19 -34.93 3.29
C PHE B 668 -25.35 -34.02 2.90
N GLY B 669 -25.15 -33.19 1.89
CA GLY B 669 -26.23 -32.38 1.36
C GLY B 669 -25.94 -30.91 1.22
N PHE B 670 -24.67 -30.52 1.39
CA PHE B 670 -24.27 -29.13 1.28
C PHE B 670 -22.95 -29.06 0.52
N ILE B 671 -22.95 -28.33 -0.60
CA ILE B 671 -21.78 -28.22 -1.45
C ILE B 671 -21.36 -26.74 -1.48
N THR B 672 -20.08 -26.52 -1.77
CA THR B 672 -19.42 -25.23 -1.63
C THR B 672 -18.81 -24.86 -2.98
N VAL B 673 -19.67 -24.76 -3.99
CA VAL B 673 -19.34 -24.81 -5.41
C VAL B 673 -18.03 -24.12 -5.76
N LEU B 674 -17.22 -24.78 -6.59
CA LEU B 674 -15.89 -24.32 -6.92
C LEU B 674 -15.96 -23.07 -7.80
N PRO B 675 -14.95 -22.20 -7.70
CA PRO B 675 -15.06 -20.88 -8.35
C PRO B 675 -15.28 -20.91 -9.85
N GLY B 676 -14.64 -21.83 -10.56
CA GLY B 676 -14.78 -21.84 -12.01
C GLY B 676 -16.04 -22.50 -12.52
N ALA B 677 -16.59 -23.46 -11.78
CA ALA B 677 -17.70 -24.26 -12.27
C ALA B 677 -18.95 -23.40 -12.40
N PHE B 678 -19.84 -23.83 -13.28
CA PHE B 678 -21.09 -23.12 -13.49
C PHE B 678 -22.17 -23.79 -12.66
N SER B 679 -23.00 -22.98 -12.02
CA SER B 679 -23.94 -23.51 -11.04
C SER B 679 -25.36 -23.16 -11.44
N ALA B 680 -26.32 -23.75 -10.74
CA ALA B 680 -27.72 -23.48 -11.04
C ALA B 680 -28.50 -23.48 -9.74
N TYR B 681 -29.39 -22.51 -9.59
CA TYR B 681 -30.23 -22.39 -8.41
C TYR B 681 -31.69 -22.42 -8.81
N ARG B 682 -32.50 -23.18 -8.10
CA ARG B 682 -33.93 -23.11 -8.28
C ARG B 682 -34.39 -21.75 -7.77
N PHE B 683 -35.09 -21.00 -8.61
CA PHE B 683 -35.33 -19.59 -8.28
C PHE B 683 -36.16 -19.43 -7.02
N GLU B 684 -37.16 -20.28 -6.82
CA GLU B 684 -37.97 -20.19 -5.61
C GLU B 684 -37.15 -20.50 -4.36
N ALA B 685 -36.05 -21.24 -4.52
CA ALA B 685 -35.20 -21.56 -3.36
C ALA B 685 -34.48 -20.34 -2.84
N VAL B 686 -33.94 -19.52 -3.74
CA VAL B 686 -33.09 -18.40 -3.31
C VAL B 686 -33.88 -17.14 -3.01
N ARG B 687 -35.14 -17.05 -3.41
CA ARG B 687 -35.93 -15.87 -3.10
C ARG B 687 -36.11 -15.71 -1.60
N GLY B 688 -35.91 -14.49 -1.13
CA GLY B 688 -36.13 -14.19 0.26
C GLY B 688 -34.85 -14.00 1.03
N GLN B 689 -34.66 -14.81 2.07
CA GLN B 689 -33.50 -14.64 2.95
C GLN B 689 -32.17 -14.86 2.26
N PRO B 690 -31.96 -15.92 1.46
CA PRO B 690 -30.63 -16.11 0.87
C PRO B 690 -30.14 -14.96 0.01
N LEU B 691 -31.02 -14.39 -0.82
CA LEU B 691 -30.60 -13.28 -1.67
C LEU B 691 -30.37 -12.02 -0.85
N GLN B 692 -31.16 -11.82 0.21
CA GLN B 692 -30.97 -10.67 1.08
C GLN B 692 -29.62 -10.73 1.78
N LYS B 693 -29.22 -11.92 2.22
CA LYS B 693 -27.90 -12.05 2.84
C LYS B 693 -26.79 -11.91 1.79
N TYR B 694 -27.01 -12.45 0.60
CA TYR B 694 -25.98 -12.40 -0.43
C TYR B 694 -25.71 -10.98 -0.90
N PHE B 695 -26.75 -10.17 -1.07
CA PHE B 695 -26.58 -8.86 -1.68
C PHE B 695 -26.27 -7.78 -0.66
N TYR B 696 -26.97 -7.77 0.46
CA TYR B 696 -26.86 -6.69 1.43
C TYR B 696 -25.96 -7.03 2.61
N GLY B 697 -25.89 -8.29 2.99
CA GLY B 697 -25.23 -8.67 4.22
C GLY B 697 -26.20 -8.65 5.37
N GLU B 698 -25.64 -8.82 6.57
CA GLU B 698 -26.45 -8.74 7.78
C GLU B 698 -26.95 -7.31 7.91
N ILE B 699 -28.24 -7.13 7.61
CA ILE B 699 -28.80 -5.78 7.50
C ILE B 699 -28.72 -5.06 8.85
N MET B 700 -29.01 -5.76 9.93
CA MET B 700 -28.88 -5.18 11.26
C MET B 700 -27.41 -4.83 11.52
N GLU B 701 -27.13 -3.54 11.68
CA GLU B 701 -25.77 -3.05 11.86
C GLU B 701 -25.83 -1.59 12.29
N ASN B 702 -24.97 -1.23 13.23
CA ASN B 702 -24.88 0.15 13.69
C ASN B 702 -23.92 0.93 12.79
N GLU B 703 -23.53 2.13 13.21
CA GLU B 703 -22.62 2.94 12.41
C GLU B 703 -21.26 2.26 12.25
N GLY B 704 -20.88 1.41 13.20
CA GLY B 704 -19.58 0.76 13.17
C GLY B 704 -19.54 -0.45 12.26
N PHE B 705 -18.42 -1.16 12.34
CA PHE B 705 -18.15 -2.33 11.54
C PHE B 705 -18.14 -3.57 12.41
N HIS B 706 -18.80 -4.63 11.94
CA HIS B 706 -18.74 -5.93 12.59
C HIS B 706 -18.00 -6.91 11.70
N PHE B 707 -17.50 -7.98 12.32
CA PHE B 707 -16.62 -8.90 11.61
C PHE B 707 -17.35 -9.60 10.47
N PHE B 708 -18.38 -10.37 10.81
CA PHE B 708 -19.08 -11.16 9.80
C PHE B 708 -19.78 -10.28 8.80
N SER B 709 -20.54 -9.29 9.28
CA SER B 709 -21.32 -8.45 8.39
C SER B 709 -20.46 -7.67 7.42
N SER B 710 -19.29 -7.20 7.86
CA SER B 710 -18.42 -6.41 7.01
C SER B 710 -17.43 -7.24 6.22
N ASN B 711 -17.34 -8.54 6.48
CA ASN B 711 -16.39 -9.37 5.76
C ASN B 711 -17.04 -10.44 4.89
N MET B 712 -18.38 -10.61 4.93
CA MET B 712 -18.98 -11.65 4.11
C MET B 712 -18.81 -11.43 2.61
N TYR B 713 -18.47 -10.23 2.16
CA TYR B 713 -18.25 -10.06 0.73
C TYR B 713 -17.05 -10.85 0.23
N LEU B 714 -16.21 -11.35 1.13
CA LEU B 714 -15.04 -12.13 0.74
C LEU B 714 -15.41 -13.53 0.30
N ALA B 715 -16.58 -14.02 0.71
CA ALA B 715 -17.00 -15.39 0.48
C ALA B 715 -18.19 -15.42 -0.48
N GLU B 716 -18.07 -14.70 -1.59
CA GLU B 716 -19.23 -14.14 -2.29
C GLU B 716 -20.36 -15.14 -2.49
N ASP B 717 -20.16 -16.18 -3.30
CA ASP B 717 -21.31 -17.01 -3.63
C ASP B 717 -21.56 -18.08 -2.59
N ARG B 718 -20.53 -18.46 -1.84
CA ARG B 718 -20.67 -19.51 -0.84
C ARG B 718 -21.67 -19.15 0.25
N ILE B 719 -22.03 -17.87 0.38
CA ILE B 719 -23.09 -17.49 1.30
C ILE B 719 -24.42 -18.08 0.82
N LEU B 720 -24.76 -17.87 -0.44
CA LEU B 720 -26.03 -18.35 -0.99
C LEU B 720 -26.27 -19.80 -0.62
N CYS B 721 -25.32 -20.65 -0.95
CA CYS B 721 -25.44 -22.07 -0.68
C CYS B 721 -25.80 -22.32 0.77
N PHE B 722 -25.06 -21.71 1.69
CA PHE B 722 -25.36 -21.88 3.11
C PHE B 722 -26.80 -21.53 3.40
N GLU B 723 -27.23 -20.34 2.99
CA GLU B 723 -28.57 -19.89 3.30
C GLU B 723 -29.63 -20.71 2.59
N VAL B 724 -29.29 -21.40 1.51
CA VAL B 724 -30.29 -22.26 0.90
C VAL B 724 -30.50 -23.49 1.75
N VAL B 725 -29.43 -24.04 2.33
CA VAL B 725 -29.55 -25.28 3.09
C VAL B 725 -30.19 -25.02 4.44
N THR B 726 -29.79 -23.94 5.10
CA THR B 726 -30.31 -23.60 6.42
C THR B 726 -31.49 -22.66 6.36
N LYS B 727 -32.20 -22.59 5.25
CA LYS B 727 -33.39 -21.77 5.15
C LYS B 727 -34.46 -22.31 6.09
N LYS B 728 -35.14 -21.41 6.79
CA LYS B 728 -36.11 -21.80 7.79
C LYS B 728 -37.34 -22.40 7.14
N ASN B 729 -37.81 -23.52 7.69
CA ASN B 729 -39.04 -24.20 7.30
C ASN B 729 -38.97 -24.81 5.91
N CYS B 730 -37.79 -24.85 5.32
CA CYS B 730 -37.58 -25.40 3.99
C CYS B 730 -36.50 -26.47 4.06
N ASN B 731 -36.67 -27.53 3.28
CA ASN B 731 -35.74 -28.66 3.26
C ASN B 731 -35.00 -28.77 1.94
N TRP B 732 -34.54 -27.63 1.42
CA TRP B 732 -33.71 -27.61 0.23
C TRP B 732 -32.37 -28.28 0.49
N ILE B 733 -31.86 -29.00 -0.50
CA ILE B 733 -30.51 -29.54 -0.47
C ILE B 733 -29.77 -29.07 -1.70
N LEU B 734 -28.45 -29.09 -1.60
CA LEU B 734 -27.56 -28.84 -2.72
C LEU B 734 -27.05 -30.18 -3.20
N LYS B 735 -26.91 -30.34 -4.51
CA LYS B 735 -26.49 -31.62 -5.04
C LYS B 735 -25.46 -31.42 -6.12
N TYR B 736 -24.55 -32.38 -6.23
CA TYR B 736 -23.42 -32.32 -7.16
C TYR B 736 -23.68 -33.28 -8.31
N CYS B 737 -23.54 -32.78 -9.54
CA CYS B 737 -23.82 -33.55 -10.74
C CYS B 737 -22.52 -33.86 -11.44
N ARG B 738 -22.17 -35.13 -11.56
CA ARG B 738 -20.96 -35.50 -12.26
C ARG B 738 -21.17 -35.66 -13.76
N SER B 739 -22.43 -35.79 -14.20
CA SER B 739 -22.73 -35.95 -15.61
C SER B 739 -22.56 -34.66 -16.40
N SER B 740 -22.48 -33.52 -15.74
CA SER B 740 -22.35 -32.23 -16.39
C SER B 740 -20.99 -31.64 -16.04
N TYR B 741 -20.31 -31.09 -17.05
CA TYR B 741 -18.98 -30.54 -16.86
C TYR B 741 -18.81 -29.28 -17.69
N ALA B 742 -17.81 -28.50 -17.33
CA ALA B 742 -17.42 -27.31 -18.09
C ALA B 742 -15.90 -27.20 -18.02
N SER B 743 -15.27 -26.85 -19.13
CA SER B 743 -13.82 -26.79 -19.23
C SER B 743 -13.39 -25.33 -19.29
N THR B 744 -12.40 -24.97 -18.49
CA THR B 744 -11.86 -23.62 -18.48
C THR B 744 -10.35 -23.63 -18.67
N ASP B 745 -9.81 -22.47 -19.06
CA ASP B 745 -8.37 -22.27 -19.11
C ASP B 745 -7.88 -21.76 -17.78
N VAL B 746 -6.70 -22.22 -17.38
CA VAL B 746 -6.13 -21.92 -16.07
C VAL B 746 -4.91 -21.04 -16.28
N PRO B 747 -4.53 -20.27 -15.27
CA PRO B 747 -3.31 -19.47 -15.38
C PRO B 747 -2.07 -20.32 -15.64
N GLU B 748 -1.22 -19.83 -16.53
CA GLU B 748 0.00 -20.52 -16.90
C GLU B 748 1.26 -19.83 -16.40
N ARG B 749 1.12 -18.72 -15.69
CA ARG B 749 2.25 -17.96 -15.19
C ARG B 749 2.06 -17.73 -13.70
N VAL B 750 3.18 -17.72 -12.97
CA VAL B 750 3.11 -17.68 -11.51
C VAL B 750 2.40 -16.44 -10.98
N PRO B 751 2.67 -15.22 -11.47
CA PRO B 751 1.97 -14.07 -10.88
C PRO B 751 0.46 -14.10 -11.03
N GLU B 752 -0.05 -14.46 -12.21
CA GLU B 752 -1.50 -14.49 -12.37
C GLU B 752 -2.11 -15.66 -11.63
N PHE B 753 -1.36 -16.75 -11.49
CA PHE B 753 -1.82 -17.87 -10.65
C PHE B 753 -1.97 -17.43 -9.20
N ILE B 754 -0.99 -16.70 -8.68
CA ILE B 754 -1.05 -16.19 -7.32
C ILE B 754 -2.24 -15.24 -7.16
N LEU B 755 -2.41 -14.34 -8.12
CA LEU B 755 -3.50 -13.37 -8.03
C LEU B 755 -4.86 -14.05 -8.11
N GLN B 756 -4.98 -15.12 -8.89
CA GLN B 756 -6.24 -15.85 -8.94
C GLN B 756 -6.54 -16.55 -7.63
N ARG B 757 -5.53 -17.20 -7.04
CA ARG B 757 -5.78 -17.96 -5.83
C ARG B 757 -5.93 -17.09 -4.59
N ARG B 758 -5.49 -15.84 -4.63
CA ARG B 758 -5.75 -14.91 -3.53
C ARG B 758 -7.24 -14.85 -3.22
N ARG B 759 -8.07 -14.76 -4.24
CA ARG B 759 -9.51 -14.66 -4.02
C ARG B 759 -10.07 -15.96 -3.49
N TRP B 760 -9.65 -17.08 -4.08
CA TRP B 760 -10.17 -18.39 -3.68
C TRP B 760 -9.89 -18.69 -2.21
N LEU B 761 -8.64 -18.48 -1.78
CA LEU B 761 -8.25 -18.90 -0.44
C LEU B 761 -8.96 -18.06 0.62
N ASN B 762 -9.01 -16.75 0.43
CA ASN B 762 -9.71 -15.89 1.36
C ASN B 762 -11.20 -16.24 1.41
N GLY B 763 -11.81 -16.46 0.25
CA GLY B 763 -13.21 -16.83 0.24
C GLY B 763 -13.48 -18.12 0.97
N SER B 764 -12.66 -19.13 0.73
CA SER B 764 -12.85 -20.42 1.39
C SER B 764 -12.67 -20.32 2.89
N PHE B 765 -11.62 -19.62 3.34
CA PHE B 765 -11.35 -19.51 4.76
C PHE B 765 -12.49 -18.80 5.47
N PHE B 766 -12.92 -17.66 4.94
CA PHE B 766 -14.00 -16.93 5.60
C PHE B 766 -15.31 -17.69 5.54
N ALA B 767 -15.64 -18.32 4.42
CA ALA B 767 -16.90 -19.03 4.33
C ALA B 767 -16.94 -20.19 5.31
N SER B 768 -15.82 -20.90 5.47
CA SER B 768 -15.80 -22.02 6.40
C SER B 768 -15.92 -21.54 7.85
N VAL B 769 -15.26 -20.43 8.18
CA VAL B 769 -15.39 -19.87 9.53
C VAL B 769 -16.84 -19.45 9.79
N TYR B 770 -17.46 -18.77 8.82
CA TYR B 770 -18.83 -18.33 8.97
C TYR B 770 -19.79 -19.51 9.13
N SER B 771 -19.60 -20.56 8.33
CA SER B 771 -20.49 -21.71 8.41
C SER B 771 -20.33 -22.45 9.73
N PHE B 772 -19.11 -22.54 10.25
CA PHE B 772 -18.95 -23.18 11.55
C PHE B 772 -19.57 -22.36 12.66
N CYS B 773 -19.34 -21.05 12.66
CA CYS B 773 -19.83 -20.23 13.76
C CYS B 773 -21.36 -20.15 13.81
N HIS B 774 -22.05 -20.36 12.68
CA HIS B 774 -23.50 -20.20 12.61
C HIS B 774 -24.19 -21.52 12.31
N PHE B 775 -23.64 -22.64 12.78
CA PHE B 775 -24.20 -23.93 12.39
C PHE B 775 -25.52 -24.22 13.07
N TYR B 776 -25.86 -23.53 14.16
CA TYR B 776 -27.11 -23.80 14.85
C TYR B 776 -28.31 -23.54 13.96
N ARG B 777 -28.16 -22.74 12.92
CA ARG B 777 -29.24 -22.49 11.97
C ARG B 777 -29.70 -23.76 11.31
N VAL B 778 -28.82 -24.75 11.19
CA VAL B 778 -29.21 -26.05 10.62
C VAL B 778 -30.41 -26.61 11.37
N TRP B 779 -30.49 -26.32 12.66
CA TRP B 779 -31.55 -26.87 13.49
C TRP B 779 -32.79 -26.00 13.52
N SER B 780 -32.73 -24.80 12.95
CA SER B 780 -33.91 -23.96 12.77
C SER B 780 -34.57 -24.13 11.42
N SER B 781 -33.99 -24.95 10.54
CA SER B 781 -34.52 -25.20 9.22
C SER B 781 -35.64 -26.23 9.29
N GLY B 782 -36.09 -26.73 8.14
CA GLY B 782 -37.19 -27.66 8.05
C GLY B 782 -36.81 -29.08 7.70
N HIS B 783 -35.54 -29.42 7.71
CA HIS B 783 -35.13 -30.79 7.41
C HIS B 783 -35.57 -31.73 8.51
N ASN B 784 -35.63 -33.02 8.18
CA ASN B 784 -35.90 -34.02 9.20
C ASN B 784 -34.67 -34.22 10.06
N ILE B 785 -34.81 -35.04 11.11
CA ILE B 785 -33.79 -35.10 12.14
C ILE B 785 -32.50 -35.70 11.60
N GLY B 786 -32.60 -36.71 10.74
CA GLY B 786 -31.39 -37.35 10.22
C GLY B 786 -30.57 -36.43 9.35
N ARG B 787 -31.23 -35.66 8.48
CA ARG B 787 -30.51 -34.73 7.63
C ARG B 787 -29.89 -33.60 8.45
N LYS B 788 -30.56 -33.17 9.51
CA LYS B 788 -29.96 -32.17 10.40
C LYS B 788 -28.71 -32.70 11.06
N LEU B 789 -28.73 -33.96 11.51
CA LEU B 789 -27.53 -34.56 12.08
C LEU B 789 -26.41 -34.67 11.06
N LEU B 790 -26.74 -35.10 9.84
CA LEU B 790 -25.75 -35.20 8.79
C LEU B 790 -25.12 -33.85 8.48
N LEU B 791 -25.94 -32.80 8.39
CA LEU B 791 -25.42 -31.48 8.10
C LEU B 791 -24.53 -30.97 9.22
N THR B 792 -24.91 -31.21 10.48
CA THR B 792 -24.06 -30.80 11.59
C THR B 792 -22.71 -31.51 11.54
N VAL B 793 -22.72 -32.82 11.28
CA VAL B 793 -21.48 -33.58 11.17
C VAL B 793 -20.63 -33.01 10.04
N GLU B 794 -21.26 -32.69 8.91
CA GLU B 794 -20.49 -32.18 7.78
C GLU B 794 -19.87 -30.83 8.07
N PHE B 795 -20.58 -29.95 8.76
CA PHE B 795 -20.00 -28.66 9.09
C PHE B 795 -18.84 -28.82 10.07
N PHE B 796 -18.96 -29.75 11.02
CA PHE B 796 -17.84 -30.00 11.92
C PHE B 796 -16.62 -30.50 11.16
N TYR B 797 -16.85 -31.42 10.22
CA TYR B 797 -15.75 -31.97 9.42
C TYR B 797 -15.11 -30.90 8.54
N LEU B 798 -15.92 -30.01 7.97
CA LEU B 798 -15.38 -28.94 7.15
C LEU B 798 -14.54 -27.97 7.98
N PHE B 799 -14.97 -27.67 9.20
CA PHE B 799 -14.14 -26.83 10.05
C PHE B 799 -12.87 -27.54 10.51
N PHE B 800 -12.92 -28.85 10.68
CA PHE B 800 -11.71 -29.61 10.95
C PHE B 800 -10.71 -29.47 9.80
N ASN B 801 -11.20 -29.56 8.56
CA ASN B 801 -10.33 -29.37 7.41
C ASN B 801 -9.77 -27.95 7.37
N THR B 802 -10.60 -26.95 7.68
CA THR B 802 -10.13 -25.57 7.71
C THR B 802 -9.04 -25.39 8.76
N LEU B 803 -9.23 -25.98 9.93
CA LEU B 803 -8.25 -25.89 11.01
C LEU B 803 -6.94 -26.56 10.61
N ILE B 804 -7.03 -27.70 9.91
CA ILE B 804 -5.81 -28.35 9.43
C ILE B 804 -5.09 -27.44 8.43
N SER B 805 -5.84 -26.84 7.51
CA SER B 805 -5.24 -25.96 6.52
C SER B 805 -4.65 -24.68 7.11
N TRP B 806 -5.10 -24.26 8.29
CA TRP B 806 -4.55 -23.08 8.94
C TRP B 806 -3.17 -23.33 9.52
N PHE B 807 -2.84 -24.59 9.81
CA PHE B 807 -1.56 -24.93 10.43
C PHE B 807 -0.60 -25.60 9.46
N SER B 808 -0.81 -25.44 8.16
CA SER B 808 0.09 -26.05 7.19
C SER B 808 1.45 -25.37 7.16
N LEU B 809 1.48 -24.08 7.51
CA LEU B 809 2.74 -23.35 7.54
C LEU B 809 3.72 -23.99 8.50
N SER B 810 3.26 -24.35 9.69
CA SER B 810 4.08 -25.06 10.65
C SER B 810 4.24 -26.54 10.32
N SER B 811 3.22 -27.17 9.74
CA SER B 811 3.29 -28.59 9.46
C SER B 811 4.38 -28.90 8.45
N PHE B 812 4.43 -28.13 7.35
CA PHE B 812 5.45 -28.38 6.34
C PHE B 812 6.85 -28.18 6.91
N PHE B 813 7.06 -27.08 7.62
CA PHE B 813 8.38 -26.80 8.17
C PHE B 813 8.79 -27.87 9.16
N LEU B 814 7.88 -28.30 10.03
CA LEU B 814 8.24 -29.29 11.02
C LEU B 814 8.57 -30.62 10.37
N VAL B 815 7.79 -31.05 9.37
CA VAL B 815 8.09 -32.29 8.69
C VAL B 815 9.46 -32.21 8.02
N PHE B 816 9.71 -31.14 7.25
CA PHE B 816 11.01 -30.93 6.56
C PHE B 816 12.18 -30.93 7.53
N ARG B 817 12.12 -30.12 8.58
CA ARG B 817 13.23 -30.01 9.56
C ARG B 817 13.44 -31.30 10.35
N ILE B 818 12.38 -31.99 10.76
CA ILE B 818 12.57 -33.24 11.46
C ILE B 818 13.21 -34.28 10.55
N LEU B 819 12.74 -34.36 9.31
CA LEU B 819 13.26 -35.36 8.38
C LEU B 819 14.73 -35.12 8.07
N THR B 820 15.08 -33.89 7.68
CA THR B 820 16.46 -33.62 7.29
C THR B 820 17.40 -33.77 8.47
N VAL B 821 17.01 -33.27 9.66
CA VAL B 821 17.87 -33.39 10.82
C VAL B 821 18.02 -34.84 11.24
N SER B 822 16.96 -35.65 11.10
CA SER B 822 17.05 -37.04 11.47
C SER B 822 18.02 -37.81 10.59
N ILE B 823 17.97 -37.56 9.28
CA ILE B 823 18.91 -38.25 8.40
C ILE B 823 20.34 -37.76 8.66
N ALA B 824 20.50 -36.47 8.96
CA ALA B 824 21.82 -35.95 9.29
C ALA B 824 22.38 -36.61 10.55
N LEU B 825 21.53 -36.78 11.56
CA LEU B 825 21.94 -37.44 12.80
C LEU B 825 22.33 -38.88 12.54
N ALA B 826 21.53 -39.59 11.77
CA ALA B 826 21.72 -41.03 11.63
C ALA B 826 22.92 -41.36 10.73
N TYR B 827 23.17 -40.59 9.67
CA TYR B 827 24.16 -41.02 8.70
C TYR B 827 25.30 -40.06 8.42
N HIS B 828 25.19 -38.78 8.78
CA HIS B 828 26.35 -37.94 9.04
C HIS B 828 27.15 -37.51 7.82
N SER B 829 26.88 -38.06 6.64
CA SER B 829 27.89 -37.98 5.59
C SER B 829 27.99 -36.57 5.00
N ALA B 830 26.93 -36.13 4.32
CA ALA B 830 26.84 -34.76 3.85
C ALA B 830 25.47 -34.16 4.17
N PHE B 831 24.68 -34.86 4.97
CA PHE B 831 23.36 -34.38 5.35
C PHE B 831 23.41 -33.30 6.41
N ASN B 832 24.53 -33.12 7.11
CA ASN B 832 24.69 -31.99 8.01
C ASN B 832 24.67 -30.68 7.23
N VAL B 833 25.54 -30.58 6.23
CA VAL B 833 25.63 -29.38 5.42
C VAL B 833 24.32 -29.14 4.70
N LEU B 834 23.73 -30.21 4.16
CA LEU B 834 22.47 -30.07 3.44
C LEU B 834 21.36 -29.57 4.36
N SER B 835 21.32 -30.07 5.59
CA SER B 835 20.31 -29.61 6.54
C SER B 835 20.46 -28.12 6.82
N VAL B 836 21.69 -27.67 7.08
CA VAL B 836 21.88 -26.24 7.37
C VAL B 836 21.55 -25.39 6.15
N ILE B 837 22.00 -25.83 4.97
CA ILE B 837 21.79 -25.07 3.74
C ILE B 837 20.31 -24.94 3.42
N PHE B 838 19.56 -26.03 3.55
CA PHE B 838 18.14 -25.98 3.27
C PHE B 838 17.37 -25.20 4.31
N LEU B 839 17.82 -25.23 5.57
CA LEU B 839 17.21 -24.35 6.56
C LEU B 839 17.36 -22.89 6.18
N TRP B 840 18.56 -22.50 5.74
CA TRP B 840 18.77 -21.10 5.37
C TRP B 840 18.02 -20.73 4.11
N LEU B 841 17.96 -21.64 3.13
CA LEU B 841 17.20 -21.38 1.91
C LEU B 841 15.72 -21.19 2.20
N TYR B 842 15.15 -22.07 3.04
CA TYR B 842 13.76 -21.92 3.45
C TYR B 842 13.54 -20.58 4.14
N GLY B 843 14.42 -20.22 5.08
CA GLY B 843 14.24 -18.98 5.81
C GLY B 843 14.27 -17.76 4.91
N ILE B 844 15.25 -17.72 4.00
CA ILE B 844 15.37 -16.58 3.10
C ILE B 844 14.16 -16.46 2.19
N CYS B 845 13.73 -17.59 1.60
CA CYS B 845 12.59 -17.55 0.69
C CYS B 845 11.31 -17.14 1.43
N THR B 846 11.12 -17.63 2.65
CA THR B 846 9.91 -17.29 3.40
C THR B 846 9.89 -15.82 3.80
N LEU B 847 11.01 -15.31 4.32
CA LEU B 847 11.08 -13.89 4.67
C LEU B 847 10.85 -13.01 3.46
N SER B 848 11.46 -13.36 2.33
CA SER B 848 11.27 -12.58 1.13
C SER B 848 9.84 -12.63 0.63
N THR B 849 9.19 -13.78 0.70
CA THR B 849 7.79 -13.86 0.29
C THR B 849 6.90 -12.98 1.17
N PHE B 850 7.12 -13.01 2.48
CA PHE B 850 6.35 -12.14 3.37
C PHE B 850 6.54 -10.68 2.99
N ILE B 851 7.80 -10.26 2.80
CA ILE B 851 8.08 -8.86 2.58
C ILE B 851 7.55 -8.39 1.23
N LEU B 852 7.67 -9.23 0.20
CA LEU B 852 7.20 -8.86 -1.12
C LEU B 852 5.68 -8.92 -1.25
N SER B 853 5.01 -9.77 -0.50
CA SER B 853 3.57 -9.81 -0.55
C SER B 853 2.92 -8.74 0.30
N LEU B 854 3.60 -8.29 1.37
CA LEU B 854 3.08 -7.17 2.14
C LEU B 854 3.31 -5.83 1.45
N GLY B 855 4.39 -5.71 0.68
CA GLY B 855 4.79 -4.41 0.18
C GLY B 855 4.75 -4.20 -1.32
N ASN B 856 4.90 -5.26 -2.09
CA ASN B 856 5.12 -5.13 -3.52
C ASN B 856 4.01 -5.88 -4.28
N LYS B 857 4.10 -5.90 -5.61
CA LYS B 857 3.09 -6.56 -6.42
C LYS B 857 3.71 -7.72 -7.20
N PRO B 858 2.97 -8.83 -7.37
CA PRO B 858 3.57 -10.02 -8.00
C PRO B 858 4.01 -9.79 -9.44
N LYS B 859 3.38 -8.87 -10.17
CA LYS B 859 3.80 -8.57 -11.53
C LYS B 859 5.23 -8.04 -11.56
N SER B 860 5.60 -7.26 -10.54
CA SER B 860 6.91 -6.61 -10.55
C SER B 860 8.04 -7.60 -10.39
N THR B 861 7.87 -8.63 -9.57
CA THR B 861 8.92 -9.59 -9.28
C THR B 861 8.45 -10.98 -9.69
N GLU B 862 8.61 -11.33 -10.96
CA GLU B 862 8.24 -12.65 -11.42
C GLU B 862 9.39 -13.65 -11.36
N LYS B 863 10.61 -13.18 -11.65
CA LYS B 863 11.76 -14.07 -11.61
C LYS B 863 11.97 -14.61 -10.21
N PHE B 864 11.76 -13.77 -9.19
CA PHE B 864 11.91 -14.24 -7.82
C PHE B 864 10.89 -15.32 -7.47
N TYR B 865 9.63 -15.13 -7.87
CA TYR B 865 8.61 -16.12 -7.56
C TYR B 865 8.88 -17.44 -8.27
N VAL B 866 9.31 -17.38 -9.53
CA VAL B 866 9.66 -18.61 -10.23
C VAL B 866 10.83 -19.30 -9.54
N LEU B 867 11.84 -18.52 -9.12
CA LEU B 867 12.99 -19.09 -8.43
C LEU B 867 12.59 -19.72 -7.11
N THR B 868 11.68 -19.07 -6.37
CA THR B 868 11.22 -19.62 -5.10
C THR B 868 10.48 -20.93 -5.30
N CYS B 869 9.63 -21.01 -6.33
CA CYS B 869 8.96 -22.26 -6.63
C CYS B 869 9.95 -23.35 -6.96
N VAL B 870 11.00 -23.03 -7.72
CA VAL B 870 12.03 -24.02 -8.06
C VAL B 870 12.77 -24.47 -6.80
N ILE B 871 13.08 -23.53 -5.90
CA ILE B 871 13.78 -23.86 -4.66
C ILE B 871 12.95 -24.83 -3.84
N PHE B 872 11.64 -24.55 -3.71
CA PHE B 872 10.77 -25.42 -2.94
C PHE B 872 10.61 -26.79 -3.60
N ALA B 873 10.61 -26.85 -4.94
CA ALA B 873 10.55 -28.14 -5.62
C ALA B 873 11.79 -28.97 -5.33
N VAL B 874 12.96 -28.34 -5.35
CA VAL B 874 14.19 -29.06 -5.01
C VAL B 874 14.16 -29.51 -3.56
N MET B 875 13.61 -28.69 -2.68
CA MET B 875 13.43 -29.07 -1.28
C MET B 875 12.58 -30.32 -1.15
N MET B 876 11.46 -30.36 -1.89
CA MET B 876 10.57 -31.51 -1.83
C MET B 876 11.23 -32.76 -2.40
N ILE B 877 12.02 -32.60 -3.46
CA ILE B 877 12.79 -33.73 -3.99
C ILE B 877 13.73 -34.28 -2.93
N TYR B 878 14.42 -33.38 -2.21
CA TYR B 878 15.33 -33.82 -1.17
C TYR B 878 14.59 -34.54 -0.04
N MET B 879 13.41 -34.05 0.34
CA MET B 879 12.64 -34.72 1.38
C MET B 879 12.19 -36.10 0.94
N ILE B 880 11.75 -36.24 -0.31
CA ILE B 880 11.36 -37.54 -0.83
C ILE B 880 12.56 -38.50 -0.79
N PHE B 881 13.72 -38.01 -1.19
CA PHE B 881 14.93 -38.83 -1.14
C PHE B 881 15.23 -39.26 0.28
N CYS B 882 15.14 -38.34 1.23
CA CYS B 882 15.43 -38.68 2.63
C CYS B 882 14.48 -39.74 3.14
N SER B 883 13.19 -39.61 2.84
CA SER B 883 12.22 -40.60 3.27
C SER B 883 12.54 -41.97 2.70
N ILE B 884 12.81 -42.03 1.39
CA ILE B 884 13.12 -43.31 0.76
C ILE B 884 14.40 -43.91 1.36
N PHE B 885 15.42 -43.08 1.56
CA PHE B 885 16.69 -43.55 2.09
C PHE B 885 16.52 -44.14 3.48
N MET B 886 15.84 -43.40 4.36
CA MET B 886 15.64 -43.89 5.72
C MET B 886 14.81 -45.16 5.73
N SER B 887 13.77 -45.23 4.89
CA SER B 887 12.93 -46.42 4.84
C SER B 887 13.72 -47.64 4.38
N VAL B 888 14.52 -47.48 3.32
CA VAL B 888 15.33 -48.60 2.82
C VAL B 888 16.33 -49.05 3.88
N LYS B 889 16.98 -48.11 4.54
CA LYS B 889 17.93 -48.48 5.58
C LYS B 889 17.24 -49.21 6.73
N SER B 890 16.05 -48.76 7.13
CA SER B 890 15.31 -49.43 8.19
C SER B 890 14.90 -50.85 7.77
N PHE B 891 14.46 -51.01 6.53
CA PHE B 891 14.09 -52.33 6.05
C PHE B 891 15.30 -53.27 5.99
N GLN B 892 16.44 -52.75 5.57
CA GLN B 892 17.65 -53.57 5.58
C GLN B 892 18.06 -53.91 7.01
N THR B 908 13.26 -45.94 12.66
CA THR B 908 12.81 -47.30 12.93
C THR B 908 11.31 -47.42 12.73
N GLU B 909 10.57 -47.53 13.83
CA GLU B 909 9.12 -47.67 13.76
C GLU B 909 8.48 -46.47 13.06
N ALA B 910 9.06 -45.29 13.26
CA ALA B 910 8.52 -44.08 12.64
C ALA B 910 8.55 -44.17 11.11
N PHE B 911 9.58 -44.79 10.55
CA PHE B 911 9.64 -44.89 9.10
C PHE B 911 8.82 -46.05 8.56
N ARG B 912 8.58 -47.07 9.38
CA ARG B 912 7.51 -48.00 9.07
C ARG B 912 6.19 -47.27 8.92
N ASP B 913 5.89 -46.38 9.87
CA ASP B 913 4.66 -45.62 9.82
C ASP B 913 4.62 -44.73 8.59
N ILE B 914 5.75 -44.08 8.26
CA ILE B 914 5.74 -43.18 7.11
C ILE B 914 5.51 -43.94 5.81
N VAL B 915 6.15 -45.10 5.64
CA VAL B 915 5.98 -45.82 4.39
C VAL B 915 4.56 -46.38 4.29
N ILE B 916 4.03 -46.95 5.38
CA ILE B 916 2.68 -47.51 5.34
C ILE B 916 1.66 -46.41 5.10
N SER B 917 1.80 -45.28 5.79
CA SER B 917 0.82 -44.20 5.68
C SER B 917 0.82 -43.56 4.30
N LEU B 918 2.00 -43.27 3.77
CA LEU B 918 2.04 -42.66 2.44
C LEU B 918 1.64 -43.63 1.34
N GLY B 919 2.01 -44.91 1.45
CA GLY B 919 1.52 -45.88 0.50
C GLY B 919 0.01 -46.01 0.54
N SER B 920 -0.56 -46.01 1.74
CA SER B 920 -2.01 -46.09 1.87
C SER B 920 -2.68 -44.87 1.27
N THR B 921 -2.16 -43.67 1.53
CA THR B 921 -2.79 -42.47 0.99
C THR B 921 -2.61 -42.34 -0.52
N TYR B 922 -1.57 -42.94 -1.09
CA TYR B 922 -1.50 -42.96 -2.54
C TYR B 922 -2.47 -43.99 -3.14
N CYS B 923 -2.57 -45.15 -2.51
CA CYS B 923 -3.45 -46.19 -3.03
C CYS B 923 -4.90 -45.77 -2.95
N LEU B 924 -5.29 -45.06 -1.89
CA LEU B 924 -6.67 -44.62 -1.79
C LEU B 924 -7.01 -43.61 -2.88
N TYR B 925 -6.10 -42.68 -3.17
CA TYR B 925 -6.30 -41.76 -4.29
C TYR B 925 -6.47 -42.52 -5.60
N LEU B 926 -5.59 -43.48 -5.85
CA LEU B 926 -5.66 -44.22 -7.11
C LEU B 926 -6.96 -44.99 -7.24
N ILE B 927 -7.39 -45.65 -6.16
CA ILE B 927 -8.62 -46.44 -6.22
C ILE B 927 -9.83 -45.53 -6.35
N SER B 928 -9.83 -44.37 -5.70
CA SER B 928 -10.95 -43.45 -5.84
C SER B 928 -11.03 -42.91 -7.27
N SER B 929 -9.88 -42.64 -7.88
CA SER B 929 -9.88 -42.21 -9.27
C SER B 929 -10.40 -43.31 -10.20
N ILE B 930 -10.06 -44.56 -9.91
CA ILE B 930 -10.56 -45.67 -10.72
C ILE B 930 -12.07 -45.84 -10.55
N ILE B 931 -12.55 -45.72 -9.32
CA ILE B 931 -13.99 -45.86 -9.06
C ILE B 931 -14.77 -44.78 -9.78
N TYR B 932 -14.26 -43.55 -9.78
CA TYR B 932 -14.85 -42.45 -10.51
C TYR B 932 -14.74 -42.61 -12.03
N LEU B 933 -13.94 -43.56 -12.51
CA LEU B 933 -13.71 -43.81 -13.93
C LEU B 933 -12.99 -42.65 -14.62
N GLN B 934 -12.10 -41.97 -13.90
CA GLN B 934 -11.23 -40.94 -14.49
C GLN B 934 -9.84 -41.06 -13.88
N PRO B 935 -9.08 -42.10 -14.24
CA PRO B 935 -7.79 -42.33 -13.60
C PRO B 935 -6.57 -41.72 -14.29
N TRP B 936 -6.72 -41.18 -15.50
CA TRP B 936 -5.54 -40.82 -16.29
C TRP B 936 -4.73 -39.69 -15.68
N HIS B 937 -5.29 -38.91 -14.77
CA HIS B 937 -4.54 -37.83 -14.15
C HIS B 937 -3.60 -38.33 -13.06
N MET B 938 -3.70 -39.60 -12.69
CA MET B 938 -2.91 -40.13 -11.61
C MET B 938 -1.49 -40.49 -12.04
N LEU B 939 -1.20 -40.40 -13.32
CA LEU B 939 0.16 -40.58 -13.82
C LEU B 939 0.64 -39.43 -14.71
N THR B 940 -0.24 -38.80 -15.48
CA THR B 940 0.19 -37.71 -16.35
C THR B 940 0.44 -36.43 -15.58
N SER B 941 -0.09 -36.30 -14.37
CA SER B 941 -0.10 -35.00 -13.72
C SER B 941 0.21 -35.05 -12.23
N PHE B 942 0.63 -36.20 -11.72
CA PHE B 942 0.80 -36.39 -10.28
C PHE B 942 2.11 -35.82 -9.75
N ILE B 943 3.21 -36.08 -10.45
CA ILE B 943 4.53 -35.66 -9.98
C ILE B 943 4.64 -34.14 -9.99
N GLN B 944 4.07 -33.50 -11.00
CA GLN B 944 4.07 -32.04 -11.04
C GLN B 944 3.34 -31.45 -9.85
N TYR B 945 2.20 -32.02 -9.50
CA TYR B 945 1.46 -31.56 -8.33
C TYR B 945 2.25 -31.79 -7.05
N ILE B 946 2.90 -32.95 -6.94
CA ILE B 946 3.72 -33.22 -5.76
C ILE B 946 4.83 -32.20 -5.63
N LEU B 947 5.48 -31.87 -6.75
CA LEU B 947 6.61 -30.96 -6.70
C LEU B 947 6.17 -29.53 -6.40
N LEU B 948 4.99 -29.13 -6.86
CA LEU B 948 4.52 -27.78 -6.58
C LEU B 948 3.74 -27.63 -5.28
N SER B 949 3.44 -28.71 -4.57
CA SER B 949 2.73 -28.58 -3.30
C SER B 949 3.40 -27.65 -2.28
N PRO B 950 4.73 -27.65 -2.08
CA PRO B 950 5.31 -26.68 -1.14
C PRO B 950 5.05 -25.24 -1.53
N SER B 951 4.91 -24.96 -2.83
CA SER B 951 4.61 -23.60 -3.25
C SER B 951 3.16 -23.25 -2.99
N TYR B 952 2.26 -24.23 -3.07
CA TYR B 952 0.89 -24.02 -2.63
C TYR B 952 0.84 -23.65 -1.16
N ILE B 953 1.60 -24.37 -0.33
CA ILE B 953 1.59 -24.09 1.10
C ILE B 953 2.25 -22.76 1.41
N ASN B 954 3.38 -22.46 0.77
CA ASN B 954 4.27 -21.42 1.24
C ASN B 954 4.20 -20.11 0.47
N VAL B 955 3.72 -20.11 -0.77
CA VAL B 955 3.64 -18.90 -1.57
C VAL B 955 2.21 -18.44 -1.74
N LEU B 956 1.29 -19.35 -2.04
CA LEU B 956 -0.10 -18.97 -2.21
C LEU B 956 -0.73 -18.54 -0.89
N ASN B 957 -0.46 -19.28 0.19
CA ASN B 957 -1.09 -18.97 1.46
C ASN B 957 -0.56 -17.67 2.05
N ILE B 958 0.75 -17.44 1.96
CA ILE B 958 1.33 -16.22 2.50
C ILE B 958 0.76 -15.01 1.77
N TYR B 959 0.70 -15.07 0.43
CA TYR B 959 0.17 -13.95 -0.32
C TYR B 959 -1.31 -13.76 -0.07
N ALA B 960 -2.06 -14.85 0.07
CA ALA B 960 -3.49 -14.75 0.32
C ALA B 960 -3.77 -14.09 1.68
N PHE B 961 -3.01 -14.46 2.71
CA PHE B 961 -3.21 -13.87 4.02
C PHE B 961 -2.68 -12.44 4.10
N CYS B 962 -1.64 -12.12 3.34
CA CYS B 962 -1.10 -10.77 3.41
C CYS B 962 -1.93 -9.76 2.63
N ASN B 963 -2.88 -10.20 1.83
CA ASN B 963 -3.67 -9.35 0.95
C ASN B 963 -5.15 -9.64 1.10
N VAL B 964 -5.63 -9.67 2.34
CA VAL B 964 -6.99 -10.14 2.60
C VAL B 964 -8.01 -9.23 1.93
N HIS B 965 -7.84 -7.92 2.03
CA HIS B 965 -8.93 -7.01 1.71
C HIS B 965 -8.66 -6.06 0.55
N ASP B 966 -7.48 -6.11 -0.06
CA ASP B 966 -7.19 -5.31 -1.25
C ASP B 966 -7.43 -3.82 -0.97
N LEU B 967 -6.64 -3.31 -0.03
CA LEU B 967 -6.78 -1.95 0.46
C LEU B 967 -6.33 -0.94 -0.59
N SER B 968 -6.87 0.27 -0.47
CA SER B 968 -6.52 1.40 -1.33
C SER B 968 -6.62 2.65 -0.46
N TRP B 969 -5.50 3.07 0.11
CA TRP B 969 -5.49 4.15 1.08
C TRP B 969 -5.88 5.47 0.42
N ASN B 977 -11.24 27.88 -4.93
CA ASN B 977 -12.14 28.51 -5.87
C ASN B 977 -11.44 28.78 -7.20
N PRO B 978 -12.13 28.63 -8.32
CA PRO B 978 -11.61 29.15 -9.58
C PRO B 978 -11.49 30.67 -9.51
N LEU B 979 -10.44 31.19 -10.14
CA LEU B 979 -10.06 32.58 -9.96
C LEU B 979 -10.52 33.50 -11.09
N GLY B 980 -10.07 33.24 -12.30
CA GLY B 980 -10.33 34.13 -13.40
C GLY B 980 -9.31 33.93 -14.50
N LYS B 981 -9.51 34.65 -15.60
CA LYS B 981 -8.73 34.44 -16.80
C LYS B 981 -8.46 35.80 -17.43
N ILE B 982 -7.41 35.88 -18.24
CA ILE B 982 -7.07 37.11 -18.95
C ILE B 982 -6.86 36.82 -20.43
N ASN B 983 -7.63 37.50 -21.26
CA ASN B 983 -7.49 37.48 -22.71
C ASN B 983 -7.38 38.93 -23.17
N THR B 984 -6.27 39.28 -23.80
CA THR B 984 -6.01 40.68 -24.10
C THR B 984 -6.22 40.99 -25.58
N THR B 985 -6.48 42.27 -25.86
CA THR B 985 -6.63 42.73 -27.23
C THR B 985 -5.27 42.88 -27.91
N GLU B 986 -5.29 43.47 -29.10
CA GLU B 986 -4.05 43.68 -29.85
C GLU B 986 -3.11 44.65 -29.12
N ASP B 987 -3.66 45.74 -28.58
CA ASP B 987 -2.85 46.75 -27.90
C ASP B 987 -2.32 46.26 -26.56
N GLY B 988 -2.60 45.01 -26.18
CA GLY B 988 -2.32 44.54 -24.85
C GLY B 988 -3.32 44.97 -23.81
N THR B 989 -4.43 45.58 -24.22
CA THR B 989 -5.40 46.11 -23.29
C THR B 989 -6.53 45.11 -23.04
N PHE B 990 -7.21 45.28 -21.91
CA PHE B 990 -8.29 44.41 -21.51
C PHE B 990 -9.09 45.10 -20.42
N LYS B 991 -10.23 44.51 -20.06
CA LYS B 991 -11.12 45.06 -19.05
C LYS B 991 -11.29 44.08 -17.89
N MET B 992 -11.56 44.62 -16.71
CA MET B 992 -11.49 43.84 -15.48
C MET B 992 -12.56 44.29 -14.51
N GLU B 993 -12.89 43.42 -13.56
CA GLU B 993 -13.68 43.84 -12.40
C GLU B 993 -12.75 43.93 -11.19
N VAL B 994 -12.46 45.15 -10.74
CA VAL B 994 -11.48 45.38 -9.70
C VAL B 994 -12.14 46.12 -8.54
N LEU B 995 -11.78 45.71 -7.31
CA LEU B 995 -12.17 46.47 -6.14
C LEU B 995 -11.46 47.82 -6.19
N VAL B 996 -12.21 48.87 -6.51
CA VAL B 996 -11.65 50.20 -6.66
C VAL B 996 -11.95 51.07 -5.45
N SER B 997 -13.20 51.02 -4.96
CA SER B 997 -13.59 51.85 -3.83
C SER B 997 -12.77 51.49 -2.60
N SER B 998 -12.34 52.52 -1.88
CA SER B 998 -11.61 52.30 -0.63
C SER B 998 -12.43 51.46 0.33
N SER B 999 -13.76 51.62 0.30
CA SER B 999 -14.62 50.94 1.25
C SER B 999 -14.53 49.43 1.09
N GLU B 1000 -14.42 48.93 -0.14
CA GLU B 1000 -14.37 47.48 -0.32
C GLU B 1000 -13.01 46.90 0.05
N ILE B 1001 -11.93 47.66 -0.17
CA ILE B 1001 -10.62 47.23 0.30
C ILE B 1001 -10.61 47.15 1.82
N GLN B 1002 -11.15 48.17 2.48
CA GLN B 1002 -11.30 48.14 3.92
C GLN B 1002 -12.17 46.96 4.36
N ALA B 1003 -13.20 46.64 3.58
CA ALA B 1003 -14.06 45.52 3.92
C ALA B 1003 -13.28 44.21 3.89
N ASN B 1004 -12.50 43.99 2.84
CA ASN B 1004 -11.71 42.77 2.74
C ASN B 1004 -10.66 42.70 3.86
N TYR B 1005 -10.05 43.83 4.17
CA TYR B 1005 -9.07 43.88 5.26
C TYR B 1005 -9.71 43.54 6.59
N ASP B 1006 -10.92 44.04 6.83
CA ASP B 1006 -11.61 43.71 8.07
C ASP B 1006 -12.03 42.25 8.10
N LYS B 1007 -12.37 41.69 6.94
CA LYS B 1007 -12.79 40.29 6.89
C LYS B 1007 -11.63 39.33 7.15
N TYR B 1008 -10.41 39.67 6.72
CA TYR B 1008 -9.21 38.96 7.17
C TYR B 1008 -8.74 39.32 8.57
N LEU B 1009 -9.00 40.51 9.07
CA LEU B 1009 -8.67 40.82 10.45
C LEU B 1009 -9.61 40.12 11.43
N LYS B 1010 -10.77 39.67 10.95
CA LYS B 1010 -11.74 38.94 11.74
C LYS B 1010 -11.36 37.49 11.97
N VAL B 1011 -10.74 36.84 10.98
CA VAL B 1011 -10.36 35.44 11.12
C VAL B 1011 -9.37 35.27 12.26
N LEU B 1012 -8.55 36.29 12.51
CA LEU B 1012 -7.55 36.25 13.56
C LEU B 1012 -8.12 36.57 14.94
N ASN B 1013 -9.44 36.54 15.11
CA ASN B 1013 -10.08 36.90 16.37
C ASN B 1013 -11.06 35.83 16.84
N ASP B 1014 -11.58 35.03 15.92
CA ASP B 1014 -12.54 33.98 16.28
C ASP B 1014 -11.88 32.62 16.47
N PHE B 1015 -10.59 32.59 16.73
CA PHE B 1015 -9.94 31.35 17.12
C PHE B 1015 -10.23 30.93 18.56
N GLU B 1025 -13.53 13.49 12.10
CA GLU B 1025 -12.92 12.40 11.34
C GLU B 1025 -13.38 12.46 9.88
N PRO B 1026 -12.48 12.13 8.96
CA PRO B 1026 -12.83 12.17 7.54
C PRO B 1026 -13.82 11.09 7.11
N SER B 1027 -14.04 10.99 5.80
CA SER B 1027 -15.22 10.35 5.24
C SER B 1027 -15.29 8.86 5.57
N TYR B 1028 -16.41 8.27 5.18
CA TYR B 1028 -16.69 6.87 5.48
C TYR B 1028 -15.76 5.92 4.74
N ASP B 1029 -15.37 6.28 3.51
CA ASP B 1029 -14.53 5.39 2.71
C ASP B 1029 -13.20 5.12 3.38
N GLU B 1030 -12.52 6.16 3.87
CA GLU B 1030 -11.24 5.93 4.52
C GLU B 1030 -11.38 5.34 5.93
N LYS B 1031 -12.50 5.56 6.60
CA LYS B 1031 -12.75 4.85 7.85
C LYS B 1031 -12.87 3.35 7.62
N LYS B 1032 -13.61 2.97 6.56
CA LYS B 1032 -13.72 1.56 6.20
C LYS B 1032 -12.38 1.00 5.75
N THR B 1033 -11.58 1.80 5.05
CA THR B 1033 -10.24 1.37 4.67
C THR B 1033 -9.38 1.10 5.90
N GLY B 1034 -9.45 1.97 6.91
CA GLY B 1034 -8.71 1.74 8.13
C GLY B 1034 -9.14 0.48 8.85
N TYR B 1035 -10.45 0.24 8.91
CA TYR B 1035 -10.93 -0.99 9.54
C TYR B 1035 -10.44 -2.22 8.78
N TYR B 1036 -10.48 -2.16 7.45
CA TYR B 1036 -10.03 -3.30 6.65
C TYR B 1036 -8.55 -3.56 6.85
N ALA B 1037 -7.74 -2.51 6.91
CA ALA B 1037 -6.32 -2.70 7.20
C ALA B 1037 -6.06 -3.29 8.58
N ASN B 1038 -6.77 -2.81 9.60
CA ASN B 1038 -6.61 -3.36 10.94
C ASN B 1038 -6.96 -4.83 10.97
N VAL B 1039 -8.10 -5.19 10.38
CA VAL B 1039 -8.50 -6.59 10.36
C VAL B 1039 -7.61 -7.43 9.44
N ARG B 1040 -6.99 -6.87 8.40
CA ARG B 1040 -6.12 -7.72 7.60
C ARG B 1040 -4.79 -8.00 8.31
N SER B 1041 -4.26 -7.01 9.03
CA SER B 1041 -2.99 -7.16 9.72
C SER B 1041 -3.10 -7.89 11.05
N LEU B 1042 -4.28 -7.94 11.65
CA LEU B 1042 -4.47 -8.78 12.82
C LEU B 1042 -4.59 -10.26 12.47
N VAL B 1043 -4.97 -10.58 11.24
CA VAL B 1043 -5.04 -11.97 10.81
C VAL B 1043 -3.65 -12.55 10.59
N ILE B 1044 -2.76 -11.79 9.94
CA ILE B 1044 -1.41 -12.27 9.66
C ILE B 1044 -0.66 -12.54 10.96
N ILE B 1045 -0.76 -11.62 11.92
CA ILE B 1045 -0.04 -11.76 13.18
C ILE B 1045 -0.49 -13.01 13.92
N PHE B 1046 -1.80 -13.23 13.99
CA PHE B 1046 -2.31 -14.42 14.67
C PHE B 1046 -1.91 -15.69 13.94
N TRP B 1047 -1.95 -15.68 12.62
CA TRP B 1047 -1.54 -16.85 11.85
C TRP B 1047 -0.10 -17.22 12.14
N VAL B 1048 0.80 -16.24 12.05
CA VAL B 1048 2.22 -16.49 12.26
C VAL B 1048 2.48 -16.94 13.70
N ILE B 1049 1.86 -16.28 14.68
CA ILE B 1049 2.14 -16.60 16.07
C ILE B 1049 1.61 -17.97 16.44
N THR B 1050 0.39 -18.31 16.00
CA THR B 1050 -0.16 -19.61 16.32
C THR B 1050 0.58 -20.74 15.63
N ASN B 1051 1.17 -20.50 14.46
CA ASN B 1051 2.00 -21.54 13.85
C ASN B 1051 3.34 -21.68 14.55
N PHE B 1052 3.95 -20.56 14.94
CA PHE B 1052 5.23 -20.66 15.62
C PHE B 1052 5.08 -21.24 17.02
N ILE B 1053 3.91 -21.11 17.64
CA ILE B 1053 3.71 -21.75 18.94
C ILE B 1053 3.87 -23.26 18.82
N ILE B 1054 3.27 -23.84 17.79
CA ILE B 1054 3.40 -25.28 17.56
C ILE B 1054 4.83 -25.64 17.21
N VAL B 1055 5.49 -24.83 16.37
CA VAL B 1055 6.88 -25.10 16.02
C VAL B 1055 7.75 -25.12 17.27
N ALA B 1056 7.58 -24.13 18.15
CA ALA B 1056 8.40 -24.00 19.34
C ALA B 1056 8.08 -25.08 20.37
N VAL B 1057 6.82 -25.53 20.43
CA VAL B 1057 6.50 -26.63 21.33
C VAL B 1057 7.16 -27.92 20.86
N VAL B 1058 7.07 -28.21 19.56
CA VAL B 1058 7.59 -29.49 19.08
C VAL B 1058 9.11 -29.51 19.06
N LEU B 1059 9.73 -28.48 18.47
CA LEU B 1059 11.18 -28.47 18.32
C LEU B 1059 11.90 -27.86 19.51
N GLU B 1060 11.17 -27.30 20.47
CA GLU B 1060 11.73 -26.65 21.65
C GLU B 1060 12.52 -25.40 21.28
N THR B 1061 12.04 -24.70 20.26
CA THR B 1061 12.62 -23.43 19.85
C THR B 1061 12.04 -22.35 20.78
N GLY B 1062 12.38 -21.10 20.54
CA GLY B 1062 11.84 -20.03 21.36
C GLY B 1062 12.42 -19.97 22.75
N GLY B 1063 13.61 -20.51 22.95
CA GLY B 1063 14.24 -20.49 24.25
C GLY B 1063 13.72 -21.50 25.23
N ILE B 1064 12.89 -22.44 24.80
CA ILE B 1064 12.28 -23.41 25.71
C ILE B 1064 13.28 -24.47 26.12
N ALA B 1065 14.10 -24.95 25.18
CA ALA B 1065 15.13 -25.91 25.53
C ALA B 1065 16.13 -25.28 26.48
N ASP B 1066 16.49 -24.02 26.24
CA ASP B 1066 17.32 -23.27 27.18
C ASP B 1066 16.69 -23.24 28.56
N TYR B 1067 15.37 -23.01 28.61
CA TYR B 1067 14.69 -22.88 29.88
C TYR B 1067 14.68 -24.18 30.66
N ILE B 1068 14.43 -25.31 29.98
CA ILE B 1068 14.48 -26.60 30.65
C ILE B 1068 15.89 -26.92 31.09
N ALA B 1069 16.88 -26.61 30.27
CA ALA B 1069 18.26 -26.84 30.65
C ALA B 1069 18.61 -26.09 31.92
N MET B 1070 18.26 -24.81 31.99
CA MET B 1070 18.63 -24.02 33.16
C MET B 1070 17.77 -24.37 34.37
N LYS B 1071 16.54 -24.84 34.17
CA LYS B 1071 15.79 -25.36 35.31
C LYS B 1071 16.50 -26.57 35.91
N SER B 1072 16.96 -27.49 35.06
CA SER B 1072 17.70 -28.64 35.57
C SER B 1072 18.99 -28.20 36.26
N ILE B 1073 19.69 -27.23 35.69
CA ILE B 1073 20.88 -26.69 36.34
C ILE B 1073 20.54 -26.11 37.70
N SER B 1074 19.35 -25.52 37.83
CA SER B 1074 18.94 -24.95 39.12
C SER B 1074 18.90 -26.01 40.21
N THR B 1075 18.59 -27.26 39.86
CA THR B 1075 18.56 -28.35 40.83
C THR B 1075 19.96 -28.62 41.38
N ILE B 1087 21.45 -28.72 25.95
CA ILE B 1087 20.26 -28.86 25.10
C ILE B 1087 20.40 -30.10 24.22
N PRO B 1088 19.37 -30.92 24.08
CA PRO B 1088 19.45 -32.09 23.21
C PRO B 1088 19.18 -31.75 21.75
N LEU B 1089 19.65 -32.64 20.87
CA LEU B 1089 19.48 -32.46 19.43
C LEU B 1089 18.02 -32.61 19.02
N MET B 1090 17.36 -33.67 19.48
CA MET B 1090 15.97 -33.92 19.12
C MET B 1090 15.30 -34.73 20.23
N THR B 1091 13.98 -34.54 20.36
CA THR B 1091 13.18 -35.13 21.42
C THR B 1091 12.21 -36.16 20.84
N SER B 1092 11.38 -36.72 21.72
CA SER B 1092 10.33 -37.63 21.29
C SER B 1092 9.06 -36.90 20.86
N LYS B 1093 8.94 -35.62 21.20
CA LYS B 1093 7.84 -34.83 20.66
C LYS B 1093 7.87 -34.82 19.14
N ALA B 1094 9.08 -34.76 18.58
CA ALA B 1094 9.22 -34.78 17.13
C ALA B 1094 8.72 -36.10 16.55
N SER B 1095 9.02 -37.21 17.21
CA SER B 1095 8.51 -38.50 16.77
C SER B 1095 6.99 -38.55 16.82
N ILE B 1096 6.41 -38.10 17.92
CA ILE B 1096 4.96 -38.15 18.06
C ILE B 1096 4.29 -37.27 17.01
N TYR B 1097 4.80 -36.04 16.84
CA TYR B 1097 4.22 -35.13 15.87
C TYR B 1097 4.33 -35.66 14.46
N PHE B 1098 5.49 -36.22 14.12
CA PHE B 1098 5.69 -36.76 12.80
C PHE B 1098 4.70 -37.87 12.51
N ASN B 1099 4.47 -38.75 13.48
CA ASN B 1099 3.47 -39.79 13.26
C ASN B 1099 2.08 -39.20 13.11
N VAL B 1100 1.71 -38.26 13.99
CA VAL B 1100 0.35 -37.69 13.99
C VAL B 1100 0.02 -37.05 12.65
N ILE B 1101 0.97 -36.31 12.08
CA ILE B 1101 0.72 -35.61 10.82
C ILE B 1101 0.36 -36.61 9.72
N LEU B 1102 1.13 -37.68 9.61
CA LEU B 1102 0.89 -38.66 8.57
C LEU B 1102 -0.39 -39.43 8.82
N TRP B 1103 -0.71 -39.71 10.09
CA TRP B 1103 -1.96 -40.40 10.35
C TRP B 1103 -3.15 -39.53 9.96
N LEU B 1104 -3.04 -38.22 10.21
CA LEU B 1104 -4.09 -37.31 9.79
C LEU B 1104 -4.26 -37.33 8.27
N VAL B 1105 -3.15 -37.32 7.54
CA VAL B 1105 -3.25 -37.35 6.08
C VAL B 1105 -3.93 -38.64 5.61
N ALA B 1106 -3.51 -39.77 6.16
CA ALA B 1106 -4.11 -41.04 5.75
C ALA B 1106 -5.58 -41.11 6.12
N LEU B 1107 -5.95 -40.60 7.29
CA LEU B 1107 -7.35 -40.58 7.71
C LEU B 1107 -8.20 -39.72 6.79
N SER B 1108 -7.70 -38.56 6.41
CA SER B 1108 -8.46 -37.70 5.50
C SER B 1108 -8.66 -38.40 4.16
N ALA B 1109 -7.61 -39.06 3.65
CA ALA B 1109 -7.75 -39.82 2.42
C ALA B 1109 -8.79 -40.91 2.55
N LEU B 1110 -8.82 -41.61 3.68
CA LEU B 1110 -9.77 -42.70 3.88
C LEU B 1110 -11.21 -42.18 3.94
N ILE B 1111 -11.42 -41.08 4.66
CA ILE B 1111 -12.77 -40.51 4.75
C ILE B 1111 -13.27 -40.10 3.37
N ARG B 1112 -12.42 -39.43 2.60
CA ARG B 1112 -12.85 -38.98 1.29
C ARG B 1112 -13.05 -40.15 0.33
N PHE B 1113 -12.28 -41.24 0.50
CA PHE B 1113 -12.49 -42.42 -0.31
C PHE B 1113 -13.84 -43.05 -0.02
N ILE B 1114 -14.21 -43.16 1.26
CA ILE B 1114 -15.52 -43.70 1.60
C ILE B 1114 -16.62 -42.82 1.02
N GLY B 1115 -16.44 -41.50 1.10
CA GLY B 1115 -17.44 -40.60 0.55
C GLY B 1115 -17.64 -40.78 -0.94
N CYS B 1116 -16.54 -40.83 -1.70
CA CYS B 1116 -16.65 -41.03 -3.14
C CYS B 1116 -17.27 -42.38 -3.49
N SER B 1117 -16.91 -43.43 -2.73
CA SER B 1117 -17.49 -44.74 -2.97
C SER B 1117 -18.99 -44.73 -2.76
N ILE B 1118 -19.45 -44.09 -1.69
CA ILE B 1118 -20.89 -43.98 -1.43
C ILE B 1118 -21.57 -43.23 -2.56
N TYR B 1119 -20.95 -42.13 -3.02
CA TYR B 1119 -21.55 -41.34 -4.09
C TYR B 1119 -21.76 -42.19 -5.34
N MET B 1120 -20.72 -42.88 -5.78
CA MET B 1120 -20.84 -43.70 -6.99
C MET B 1120 -21.83 -44.83 -6.82
N ILE B 1121 -21.83 -45.48 -5.65
CA ILE B 1121 -22.75 -46.59 -5.42
C ILE B 1121 -24.20 -46.11 -5.47
N VAL B 1122 -24.49 -45.00 -4.80
CA VAL B 1122 -25.85 -44.48 -4.79
C VAL B 1122 -26.28 -44.07 -6.19
N ARG B 1123 -25.41 -43.36 -6.92
CA ARG B 1123 -25.76 -42.94 -8.27
C ARG B 1123 -26.00 -44.14 -9.17
N PHE B 1124 -25.18 -45.19 -9.05
CA PHE B 1124 -25.35 -46.37 -9.89
C PHE B 1124 -26.63 -47.13 -9.56
N PHE B 1125 -26.96 -47.27 -8.27
CA PHE B 1125 -28.24 -47.91 -7.94
C PHE B 1125 -29.42 -47.10 -8.47
#